data_1IRO
# 
_entry.id   1IRO 
# 
_audit_conform.dict_name       mmcif_pdbx.dic 
_audit_conform.dict_version    5.386 
_audit_conform.dict_location   http://mmcif.pdb.org/dictionaries/ascii/mmcif_pdbx.dic 
# 
loop_
_database_2.database_id 
_database_2.database_code 
_database_2.pdbx_database_accession 
_database_2.pdbx_DOI 
PDB   1IRO         pdb_00001iro 10.2210/pdb1iro/pdb 
WWPDB D_1000174243 ?            ?                   
# 
loop_
_pdbx_audit_revision_history.ordinal 
_pdbx_audit_revision_history.data_content_type 
_pdbx_audit_revision_history.major_revision 
_pdbx_audit_revision_history.minor_revision 
_pdbx_audit_revision_history.revision_date 
1 'Structure model' 1 0 1996-04-03 
2 'Structure model' 1 1 2008-03-03 
3 'Structure model' 1 2 2011-07-13 
4 'Structure model' 1 3 2024-02-07 
# 
_pdbx_audit_revision_details.ordinal             1 
_pdbx_audit_revision_details.revision_ordinal    1 
_pdbx_audit_revision_details.data_content_type   'Structure model' 
_pdbx_audit_revision_details.provider            repository 
_pdbx_audit_revision_details.type                'Initial release' 
_pdbx_audit_revision_details.description         ? 
_pdbx_audit_revision_details.details             ? 
# 
loop_
_pdbx_audit_revision_group.ordinal 
_pdbx_audit_revision_group.revision_ordinal 
_pdbx_audit_revision_group.data_content_type 
_pdbx_audit_revision_group.group 
1 2 'Structure model' 'Version format compliance' 
2 3 'Structure model' 'Version format compliance' 
3 4 'Structure model' 'Data collection'           
4 4 'Structure model' 'Database references'       
5 4 'Structure model' 'Derived calculations'      
# 
loop_
_pdbx_audit_revision_category.ordinal 
_pdbx_audit_revision_category.revision_ordinal 
_pdbx_audit_revision_category.data_content_type 
_pdbx_audit_revision_category.category 
1 4 'Structure model' chem_comp_atom         
2 4 'Structure model' chem_comp_bond         
3 4 'Structure model' database_2             
4 4 'Structure model' diffrn_source          
5 4 'Structure model' pdbx_struct_conn_angle 
6 4 'Structure model' struct_conn            
7 4 'Structure model' struct_site            
# 
loop_
_pdbx_audit_revision_item.ordinal 
_pdbx_audit_revision_item.revision_ordinal 
_pdbx_audit_revision_item.data_content_type 
_pdbx_audit_revision_item.item 
1  4 'Structure model' '_database_2.pdbx_DOI'                       
2  4 'Structure model' '_database_2.pdbx_database_accession'        
3  4 'Structure model' '_diffrn_source.pdbx_synchrotron_site'       
4  4 'Structure model' '_pdbx_struct_conn_angle.ptnr1_auth_seq_id'  
5  4 'Structure model' '_pdbx_struct_conn_angle.ptnr1_label_seq_id' 
6  4 'Structure model' '_pdbx_struct_conn_angle.ptnr3_auth_seq_id'  
7  4 'Structure model' '_pdbx_struct_conn_angle.ptnr3_label_seq_id' 
8  4 'Structure model' '_pdbx_struct_conn_angle.value'              
9  4 'Structure model' '_struct_conn.pdbx_dist_value'               
10 4 'Structure model' '_struct_conn.ptnr1_auth_comp_id'            
11 4 'Structure model' '_struct_conn.ptnr1_auth_seq_id'             
12 4 'Structure model' '_struct_conn.ptnr1_label_asym_id'           
13 4 'Structure model' '_struct_conn.ptnr1_label_atom_id'           
14 4 'Structure model' '_struct_conn.ptnr1_label_comp_id'           
15 4 'Structure model' '_struct_conn.ptnr1_label_seq_id'            
16 4 'Structure model' '_struct_conn.ptnr2_auth_comp_id'            
17 4 'Structure model' '_struct_conn.ptnr2_auth_seq_id'             
18 4 'Structure model' '_struct_conn.ptnr2_label_asym_id'           
19 4 'Structure model' '_struct_conn.ptnr2_label_atom_id'           
20 4 'Structure model' '_struct_conn.ptnr2_label_comp_id'           
21 4 'Structure model' '_struct_conn.ptnr2_label_seq_id'            
22 4 'Structure model' '_struct_site.pdbx_auth_asym_id'             
23 4 'Structure model' '_struct_site.pdbx_auth_comp_id'             
24 4 'Structure model' '_struct_site.pdbx_auth_seq_id'              
# 
_pdbx_database_status.status_code                     REL 
_pdbx_database_status.entry_id                        1IRO 
_pdbx_database_status.recvd_initial_deposition_date   1995-12-13 
_pdbx_database_status.deposit_site                    ? 
_pdbx_database_status.process_site                    BNL 
_pdbx_database_status.status_code_sf                  REL 
_pdbx_database_status.status_code_mr                  ? 
_pdbx_database_status.SG_entry                        ? 
_pdbx_database_status.pdb_format_compatible           Y 
_pdbx_database_status.status_code_cs                  ? 
_pdbx_database_status.status_code_nmr_data            ? 
_pdbx_database_status.methods_development_category    ? 
# 
loop_
_audit_author.name 
_audit_author.pdbx_ordinal 
'Dauter, Z.'   1 
'Wilson, K.S.' 2 
'Sieker, L.C.' 3 
'Moulis, J.M.' 4 
'Meyer, J.'    5 
# 
loop_
_citation.id 
_citation.title 
_citation.journal_abbrev 
_citation.journal_volume 
_citation.page_first 
_citation.page_last 
_citation.year 
_citation.journal_id_ASTM 
_citation.country 
_citation.journal_id_ISSN 
_citation.journal_id_CSD 
_citation.book_publisher 
_citation.pdbx_database_id_PubMed 
_citation.pdbx_database_id_DOI 
primary 
;Zinc- and iron-rubredoxins from Clostridium pasteurianum at atomic resolution: a high-precision model of a ZnS4 coordination unit in a protein.
;
Proc.Natl.Acad.Sci.USA     93  8836 8840 1996 PNASA6 US 0027-8424 0040 ? 8799113 10.1073/pnas.93.17.8836 
1       'Crystallographic Refinement of Rubredoxin at 1.2 Angstroms Resolution' J.Mol.Biol.                138 615  ?    1980 
JMOBAK UK 0022-2836 0070 ? ?       ?                       
2       'Refinement of the Model of a Protein. Rubredoxin at 1.5 Angstroms Resolution' 'Acta Crystallogr.,Sect.B' 29  943  ?    
1973 ASBSDK DK 0108-7681 0622 ? ?       ?                       
3       'Structure of Rubredoxin. An X-Ray Study to 2.5 Angstroms Resolution' J.Mol.Biol.                50  391  ?    1970 JMOBAK 
UK 0022-2836 0070 ? ?       ?                       
# 
loop_
_citation_author.citation_id 
_citation_author.name 
_citation_author.ordinal 
_citation_author.identifier_ORCID 
primary 'Dauter, Z.'       1  ? 
primary 'Wilson, K.S.'     2  ? 
primary 'Sieker, L.C.'     3  ? 
primary 'Moulis, J.M.'     4  ? 
primary 'Meyer, J.'        5  ? 
1       'Watenpaugh, K.D.' 6  ? 
1       'Sieker, L.C.'     7  ? 
1       'Jensen, L.H.'     8  ? 
2       'Watenpaugh, K.D.' 9  ? 
2       'Sieker, L.C.'     10 ? 
2       'Herriott, J.R.'   11 ? 
2       'Jensen, L.H.'     12 ? 
3       'Herriott, J.R.'   13 ? 
3       'Sieker, L.C.'     14 ? 
3       'Jensen, L.H.'     15 ? 
3       'Lovenberg, W.'    16 ? 
# 
loop_
_entity.id 
_entity.type 
_entity.src_method 
_entity.pdbx_description 
_entity.formula_weight 
_entity.pdbx_number_of_molecules 
_entity.pdbx_ec 
_entity.pdbx_mutation 
_entity.pdbx_fragment 
_entity.details 
1 polymer     nat RUBREDOXIN     6051.611 1   ? ? ? 'OXIDIZED, FE(III)' 
2 non-polymer syn 'FE (III) ION' 55.845   1   ? ? ? ?                   
3 water       nat water          18.015   110 ? ? ? ?                   
# 
_entity_poly.entity_id                      1 
_entity_poly.type                           'polypeptide(L)' 
_entity_poly.nstd_linkage                   no 
_entity_poly.nstd_monomer                   no 
_entity_poly.pdbx_seq_one_letter_code       MKKYTCTVCGYIYNPEDGDPDNGVNPGTDFKDIPDDWVCPLCGVGKDQFEEVEE 
_entity_poly.pdbx_seq_one_letter_code_can   MKKYTCTVCGYIYNPEDGDPDNGVNPGTDFKDIPDDWVCPLCGVGKDQFEEVEE 
_entity_poly.pdbx_strand_id                 A 
_entity_poly.pdbx_target_identifier         ? 
# 
loop_
_pdbx_entity_nonpoly.entity_id 
_pdbx_entity_nonpoly.name 
_pdbx_entity_nonpoly.comp_id 
2 'FE (III) ION' FE  
3 water          HOH 
# 
loop_
_entity_poly_seq.entity_id 
_entity_poly_seq.num 
_entity_poly_seq.mon_id 
_entity_poly_seq.hetero 
1 1  MET n 
1 2  LYS n 
1 3  LYS n 
1 4  TYR n 
1 5  THR n 
1 6  CYS n 
1 7  THR n 
1 8  VAL n 
1 9  CYS n 
1 10 GLY n 
1 11 TYR n 
1 12 ILE n 
1 13 TYR n 
1 14 ASN n 
1 15 PRO n 
1 16 GLU n 
1 17 ASP n 
1 18 GLY n 
1 19 ASP n 
1 20 PRO n 
1 21 ASP n 
1 22 ASN n 
1 23 GLY n 
1 24 VAL n 
1 25 ASN n 
1 26 PRO n 
1 27 GLY n 
1 28 THR n 
1 29 ASP n 
1 30 PHE n 
1 31 LYS n 
1 32 ASP n 
1 33 ILE n 
1 34 PRO n 
1 35 ASP n 
1 36 ASP n 
1 37 TRP n 
1 38 VAL n 
1 39 CYS n 
1 40 PRO n 
1 41 LEU n 
1 42 CYS n 
1 43 GLY n 
1 44 VAL n 
1 45 GLY n 
1 46 LYS n 
1 47 ASP n 
1 48 GLN n 
1 49 PHE n 
1 50 GLU n 
1 51 GLU n 
1 52 VAL n 
1 53 GLU n 
1 54 GLU n 
# 
_entity_src_nat.entity_id                  1 
_entity_src_nat.pdbx_src_id                1 
_entity_src_nat.pdbx_alt_source_flag       sample 
_entity_src_nat.pdbx_beg_seq_num           ? 
_entity_src_nat.pdbx_end_seq_num           ? 
_entity_src_nat.common_name                ? 
_entity_src_nat.pdbx_organism_scientific   'Clostridium pasteurianum' 
_entity_src_nat.pdbx_ncbi_taxonomy_id      1501 
_entity_src_nat.genus                      Clostridium 
_entity_src_nat.species                    ? 
_entity_src_nat.strain                     ? 
_entity_src_nat.tissue                     ? 
_entity_src_nat.tissue_fraction            ? 
_entity_src_nat.pdbx_secretion             ? 
_entity_src_nat.pdbx_fragment              ? 
_entity_src_nat.pdbx_variant               ? 
_entity_src_nat.pdbx_cell_line             ? 
_entity_src_nat.pdbx_atcc                  ? 
_entity_src_nat.pdbx_cellular_location     ? 
_entity_src_nat.pdbx_organ                 ? 
_entity_src_nat.pdbx_organelle             ? 
_entity_src_nat.pdbx_cell                  ? 
_entity_src_nat.pdbx_plasmid_name          ? 
_entity_src_nat.pdbx_plasmid_details       ? 
_entity_src_nat.details                    ? 
# 
loop_
_chem_comp.id 
_chem_comp.type 
_chem_comp.mon_nstd_flag 
_chem_comp.name 
_chem_comp.pdbx_synonyms 
_chem_comp.formula 
_chem_comp.formula_weight 
ASN 'L-peptide linking' y ASPARAGINE      ? 'C4 H8 N2 O3'    132.118 
ASP 'L-peptide linking' y 'ASPARTIC ACID' ? 'C4 H7 N O4'     133.103 
CYS 'L-peptide linking' y CYSTEINE        ? 'C3 H7 N O2 S'   121.158 
FE  non-polymer         . 'FE (III) ION'  ? 'Fe 3'           55.845  
GLN 'L-peptide linking' y GLUTAMINE       ? 'C5 H10 N2 O3'   146.144 
GLU 'L-peptide linking' y 'GLUTAMIC ACID' ? 'C5 H9 N O4'     147.129 
GLY 'peptide linking'   y GLYCINE         ? 'C2 H5 N O2'     75.067  
HOH non-polymer         . WATER           ? 'H2 O'           18.015  
ILE 'L-peptide linking' y ISOLEUCINE      ? 'C6 H13 N O2'    131.173 
LEU 'L-peptide linking' y LEUCINE         ? 'C6 H13 N O2'    131.173 
LYS 'L-peptide linking' y LYSINE          ? 'C6 H15 N2 O2 1' 147.195 
MET 'L-peptide linking' y METHIONINE      ? 'C5 H11 N O2 S'  149.211 
PHE 'L-peptide linking' y PHENYLALANINE   ? 'C9 H11 N O2'    165.189 
PRO 'L-peptide linking' y PROLINE         ? 'C5 H9 N O2'     115.130 
THR 'L-peptide linking' y THREONINE       ? 'C4 H9 N O3'     119.119 
TRP 'L-peptide linking' y TRYPTOPHAN      ? 'C11 H12 N2 O2'  204.225 
TYR 'L-peptide linking' y TYROSINE        ? 'C9 H11 N O3'    181.189 
VAL 'L-peptide linking' y VALINE          ? 'C5 H11 N O2'    117.146 
# 
loop_
_pdbx_poly_seq_scheme.asym_id 
_pdbx_poly_seq_scheme.entity_id 
_pdbx_poly_seq_scheme.seq_id 
_pdbx_poly_seq_scheme.mon_id 
_pdbx_poly_seq_scheme.ndb_seq_num 
_pdbx_poly_seq_scheme.pdb_seq_num 
_pdbx_poly_seq_scheme.auth_seq_num 
_pdbx_poly_seq_scheme.pdb_mon_id 
_pdbx_poly_seq_scheme.auth_mon_id 
_pdbx_poly_seq_scheme.pdb_strand_id 
_pdbx_poly_seq_scheme.pdb_ins_code 
_pdbx_poly_seq_scheme.hetero 
A 1 1  MET 1  1  1  MET MET A . n 
A 1 2  LYS 2  2  2  LYS LYS A . n 
A 1 3  LYS 3  3  3  LYS LYS A . n 
A 1 4  TYR 4  4  4  TYR TYR A . n 
A 1 5  THR 5  5  5  THR THR A . n 
A 1 6  CYS 6  6  6  CYS CYS A . n 
A 1 7  THR 7  7  7  THR THR A . n 
A 1 8  VAL 8  8  8  VAL VAL A . n 
A 1 9  CYS 9  9  9  CYS CYS A . n 
A 1 10 GLY 10 10 10 GLY GLY A . n 
A 1 11 TYR 11 11 11 TYR TYR A . n 
A 1 12 ILE 12 12 12 ILE ILE A . n 
A 1 13 TYR 13 13 13 TYR TYR A . n 
A 1 14 ASN 14 14 14 ASN ASN A . n 
A 1 15 PRO 15 15 15 PRO PRO A . n 
A 1 16 GLU 16 16 16 GLU GLU A . n 
A 1 17 ASP 17 17 17 ASP ASP A . n 
A 1 18 GLY 18 18 18 GLY GLY A . n 
A 1 19 ASP 19 19 19 ASP ASP A . n 
A 1 20 PRO 20 20 20 PRO PRO A . n 
A 1 21 ASP 21 21 21 ASP ASP A . n 
A 1 22 ASN 22 22 22 ASN ASN A . n 
A 1 23 GLY 23 23 23 GLY GLY A . n 
A 1 24 VAL 24 24 24 VAL VAL A . n 
A 1 25 ASN 25 25 25 ASN ASN A . n 
A 1 26 PRO 26 26 26 PRO PRO A . n 
A 1 27 GLY 27 27 27 GLY GLY A . n 
A 1 28 THR 28 28 28 THR THR A . n 
A 1 29 ASP 29 29 29 ASP ASP A . n 
A 1 30 PHE 30 30 30 PHE PHE A . n 
A 1 31 LYS 31 31 31 LYS LYS A . n 
A 1 32 ASP 32 32 32 ASP ASP A . n 
A 1 33 ILE 33 33 33 ILE ILE A . n 
A 1 34 PRO 34 34 34 PRO PRO A . n 
A 1 35 ASP 35 35 35 ASP ASP A . n 
A 1 36 ASP 36 36 36 ASP ASP A . n 
A 1 37 TRP 37 37 37 TRP TRP A . n 
A 1 38 VAL 38 38 38 VAL VAL A . n 
A 1 39 CYS 39 39 39 CYS CYS A . n 
A 1 40 PRO 40 40 40 PRO PRO A . n 
A 1 41 LEU 41 41 41 LEU LEU A . n 
A 1 42 CYS 42 42 42 CYS CYS A . n 
A 1 43 GLY 43 43 43 GLY GLY A . n 
A 1 44 VAL 44 44 44 VAL VAL A . n 
A 1 45 GLY 45 45 45 GLY GLY A . n 
A 1 46 LYS 46 46 46 LYS LYS A . n 
A 1 47 ASP 47 47 47 ASP ASP A . n 
A 1 48 GLN 48 48 48 GLN GLN A . n 
A 1 49 PHE 49 49 49 PHE PHE A . n 
A 1 50 GLU 50 50 50 GLU GLU A . n 
A 1 51 GLU 51 51 51 GLU GLU A . n 
A 1 52 VAL 52 52 52 VAL VAL A . n 
A 1 53 GLU 53 53 53 GLU GLU A . n 
A 1 54 GLU 54 54 ?  ?   ?   A . n 
# 
loop_
_pdbx_nonpoly_scheme.asym_id 
_pdbx_nonpoly_scheme.entity_id 
_pdbx_nonpoly_scheme.mon_id 
_pdbx_nonpoly_scheme.ndb_seq_num 
_pdbx_nonpoly_scheme.pdb_seq_num 
_pdbx_nonpoly_scheme.auth_seq_num 
_pdbx_nonpoly_scheme.pdb_mon_id 
_pdbx_nonpoly_scheme.auth_mon_id 
_pdbx_nonpoly_scheme.pdb_strand_id 
_pdbx_nonpoly_scheme.pdb_ins_code 
B 2 FE  1   55  1   FE  FE  A . 
C 3 HOH 1   56  1   HOH HOH A . 
C 3 HOH 2   57  2   HOH HOH A . 
C 3 HOH 3   58  3   HOH HOH A . 
C 3 HOH 4   59  4   HOH HOH A . 
C 3 HOH 5   60  5   HOH HOH A . 
C 3 HOH 6   61  6   HOH HOH A . 
C 3 HOH 7   62  7   HOH HOH A . 
C 3 HOH 8   63  8   HOH HOH A . 
C 3 HOH 9   64  9   HOH HOH A . 
C 3 HOH 10  65  10  HOH HOH A . 
C 3 HOH 11  66  11  HOH HOH A . 
C 3 HOH 12  67  12  HOH HOH A . 
C 3 HOH 13  68  13  HOH HOH A . 
C 3 HOH 14  69  14  HOH HOH A . 
C 3 HOH 15  70  15  HOH HOH A . 
C 3 HOH 16  71  16  HOH HOH A . 
C 3 HOH 17  72  17  HOH HOH A . 
C 3 HOH 18  73  18  HOH HOH A . 
C 3 HOH 19  74  19  HOH HOH A . 
C 3 HOH 20  75  20  HOH HOH A . 
C 3 HOH 21  76  21  HOH HOH A . 
C 3 HOH 22  77  22  HOH HOH A . 
C 3 HOH 23  78  23  HOH HOH A . 
C 3 HOH 24  79  24  HOH HOH A . 
C 3 HOH 25  80  25  HOH HOH A . 
C 3 HOH 26  81  26  HOH HOH A . 
C 3 HOH 27  82  27  HOH HOH A . 
C 3 HOH 28  83  28  HOH HOH A . 
C 3 HOH 29  84  29  HOH HOH A . 
C 3 HOH 30  85  30  HOH HOH A . 
C 3 HOH 31  86  31  HOH HOH A . 
C 3 HOH 32  87  32  HOH HOH A . 
C 3 HOH 33  88  33  HOH HOH A . 
C 3 HOH 34  89  34  HOH HOH A . 
C 3 HOH 35  90  35  HOH HOH A . 
C 3 HOH 36  91  36  HOH HOH A . 
C 3 HOH 37  92  37  HOH HOH A . 
C 3 HOH 38  93  38  HOH HOH A . 
C 3 HOH 39  94  39  HOH HOH A . 
C 3 HOH 40  95  40  HOH HOH A . 
C 3 HOH 41  96  41  HOH HOH A . 
C 3 HOH 42  97  42  HOH HOH A . 
C 3 HOH 43  98  43  HOH HOH A . 
C 3 HOH 44  99  44  HOH HOH A . 
C 3 HOH 45  100 45  HOH HOH A . 
C 3 HOH 46  101 46  HOH HOH A . 
C 3 HOH 47  102 47  HOH HOH A . 
C 3 HOH 48  103 48  HOH HOH A . 
C 3 HOH 49  104 49  HOH HOH A . 
C 3 HOH 50  105 50  HOH HOH A . 
C 3 HOH 51  106 51  HOH HOH A . 
C 3 HOH 52  107 52  HOH HOH A . 
C 3 HOH 53  108 53  HOH HOH A . 
C 3 HOH 54  109 54  HOH HOH A . 
C 3 HOH 55  110 55  HOH HOH A . 
C 3 HOH 56  111 56  HOH HOH A . 
C 3 HOH 57  112 57  HOH HOH A . 
C 3 HOH 58  113 58  HOH HOH A . 
C 3 HOH 59  114 59  HOH HOH A . 
C 3 HOH 60  115 60  HOH HOH A . 
C 3 HOH 61  116 61  HOH HOH A . 
C 3 HOH 62  117 62  HOH HOH A . 
C 3 HOH 63  118 63  HOH HOH A . 
C 3 HOH 64  119 64  HOH HOH A . 
C 3 HOH 65  120 65  HOH HOH A . 
C 3 HOH 66  121 66  HOH HOH A . 
C 3 HOH 67  122 67  HOH HOH A . 
C 3 HOH 68  123 68  HOH HOH A . 
C 3 HOH 69  124 69  HOH HOH A . 
C 3 HOH 70  125 70  HOH HOH A . 
C 3 HOH 71  126 71  HOH HOH A . 
C 3 HOH 72  127 72  HOH HOH A . 
C 3 HOH 73  128 73  HOH HOH A . 
C 3 HOH 74  129 74  HOH HOH A . 
C 3 HOH 75  130 75  HOH HOH A . 
C 3 HOH 76  131 76  HOH HOH A . 
C 3 HOH 77  132 77  HOH HOH A . 
C 3 HOH 78  133 78  HOH HOH A . 
C 3 HOH 79  134 79  HOH HOH A . 
C 3 HOH 80  135 80  HOH HOH A . 
C 3 HOH 81  136 81  HOH HOH A . 
C 3 HOH 82  137 82  HOH HOH A . 
C 3 HOH 83  138 83  HOH HOH A . 
C 3 HOH 84  139 84  HOH HOH A . 
C 3 HOH 85  140 85  HOH HOH A . 
C 3 HOH 86  141 86  HOH HOH A . 
C 3 HOH 87  142 87  HOH HOH A . 
C 3 HOH 88  143 88  HOH HOH A . 
C 3 HOH 89  144 89  HOH HOH A . 
C 3 HOH 90  145 90  HOH HOH A . 
C 3 HOH 91  146 91  HOH HOH A . 
C 3 HOH 92  147 92  HOH HOH A . 
C 3 HOH 93  148 93  HOH HOH A . 
C 3 HOH 94  149 94  HOH HOH A . 
C 3 HOH 95  150 95  HOH HOH A . 
C 3 HOH 96  151 96  HOH HOH A . 
C 3 HOH 97  152 97  HOH HOH A . 
C 3 HOH 98  153 98  HOH HOH A . 
C 3 HOH 99  154 99  HOH HOH A . 
C 3 HOH 100 155 100 HOH HOH A . 
C 3 HOH 101 156 101 HOH HOH A . 
C 3 HOH 102 157 102 HOH HOH A . 
C 3 HOH 103 158 103 HOH HOH A . 
C 3 HOH 104 159 104 HOH HOH A . 
C 3 HOH 105 160 105 HOH HOH A . 
C 3 HOH 106 161 106 HOH HOH A . 
C 3 HOH 107 162 107 HOH HOH A . 
C 3 HOH 108 163 108 HOH HOH A . 
C 3 HOH 109 164 109 HOH HOH A . 
C 3 HOH 110 165 110 HOH HOH A . 
# 
loop_
_pdbx_unobs_or_zero_occ_atoms.id 
_pdbx_unobs_or_zero_occ_atoms.PDB_model_num 
_pdbx_unobs_or_zero_occ_atoms.polymer_flag 
_pdbx_unobs_or_zero_occ_atoms.occupancy_flag 
_pdbx_unobs_or_zero_occ_atoms.auth_asym_id 
_pdbx_unobs_or_zero_occ_atoms.auth_comp_id 
_pdbx_unobs_or_zero_occ_atoms.auth_seq_id 
_pdbx_unobs_or_zero_occ_atoms.PDB_ins_code 
_pdbx_unobs_or_zero_occ_atoms.auth_atom_id 
_pdbx_unobs_or_zero_occ_atoms.label_alt_id 
_pdbx_unobs_or_zero_occ_atoms.label_asym_id 
_pdbx_unobs_or_zero_occ_atoms.label_comp_id 
_pdbx_unobs_or_zero_occ_atoms.label_seq_id 
_pdbx_unobs_or_zero_occ_atoms.label_atom_id 
1 1 Y 0 A LYS 2 ? CE ? A LYS 2 CE 
2 1 Y 0 A LYS 2 ? NZ ? A LYS 2 NZ 
# 
loop_
_software.name 
_software.classification 
_software.version 
_software.citation_id 
_software.pdbx_ordinal 
SHELXL-93 'model building' . ? 1 
SHELXL-93 refinement       . ? 2 
ARP       'model building' . ? 3 
DENZO     'data reduction' . ? 4 
SCALEPACK 'data scaling'   . ? 5 
SHELXL-93 phasing          . ? 6 
# 
_cell.entry_id           1IRO 
_cell.length_a           64.040 
_cell.length_b           64.040 
_cell.length_c           32.510 
_cell.angle_alpha        90.00 
_cell.angle_beta         90.00 
_cell.angle_gamma        120.00 
_cell.Z_PDB              9 
_cell.pdbx_unique_axis   ? 
# 
_symmetry.entry_id                         1IRO 
_symmetry.space_group_name_H-M             'H 3' 
_symmetry.pdbx_full_space_group_name_H-M   ? 
_symmetry.cell_setting                     ? 
_symmetry.Int_Tables_number                146 
# 
_exptl.entry_id          1IRO 
_exptl.method            'X-RAY DIFFRACTION' 
_exptl.crystals_number   1 
# 
_exptl_crystal.id                    1 
_exptl_crystal.density_meas          ? 
_exptl_crystal.density_Matthews      2.12 
_exptl_crystal.density_percent_sol   41.93 
_exptl_crystal.description           ? 
# 
_exptl_crystal_grow.crystal_id      1 
_exptl_crystal_grow.method          ? 
_exptl_crystal_grow.temp            ? 
_exptl_crystal_grow.temp_details    ? 
_exptl_crystal_grow.pH              4.0 
_exptl_crystal_grow.pdbx_pH_range   ? 
_exptl_crystal_grow.pdbx_details    'pH 4.0' 
# 
_diffrn.id                     1 
_diffrn.ambient_temp           298 
_diffrn.ambient_temp_details   ROOM 
_diffrn.crystal_id             1 
# 
_diffrn_detector.diffrn_id              1 
_diffrn_detector.detector               'IMAGE PLATE' 
_diffrn_detector.type                   MARRESEARCH 
_diffrn_detector.pdbx_collection_date   1993-11 
_diffrn_detector.details                'FOCUSING MIRRORS' 
# 
_diffrn_radiation.diffrn_id                        1 
_diffrn_radiation.wavelength_id                    1 
_diffrn_radiation.pdbx_monochromatic_or_laue_m_l   M 
_diffrn_radiation.monochromator                    'SI(111)' 
_diffrn_radiation.pdbx_diffrn_protocol             ? 
_diffrn_radiation.pdbx_scattering_type             x-ray 
# 
_diffrn_radiation_wavelength.id           1 
_diffrn_radiation_wavelength.wavelength   0.92 
_diffrn_radiation_wavelength.wt           1.0 
# 
_diffrn_source.diffrn_id                   1 
_diffrn_source.source                      SYNCHROTRON 
_diffrn_source.type                        'EMBL/DESY, HAMBURG BEAMLINE X11' 
_diffrn_source.pdbx_synchrotron_site       'EMBL/DESY, HAMBURG' 
_diffrn_source.pdbx_synchrotron_beamline   X11 
_diffrn_source.pdbx_wavelength             ? 
_diffrn_source.pdbx_wavelength_list        0.92 
# 
_reflns.entry_id                     1IRO 
_reflns.observed_criterion_sigma_I   ? 
_reflns.observed_criterion_sigma_F   ? 
_reflns.d_resolution_low             ? 
_reflns.d_resolution_high            ? 
_reflns.number_obs                   ? 
_reflns.number_all                   ? 
_reflns.percent_possible_obs         ? 
_reflns.pdbx_Rmerge_I_obs            0.047 
_reflns.pdbx_Rsym_value              ? 
_reflns.pdbx_netI_over_sigmaI        ? 
_reflns.B_iso_Wilson_estimate        ? 
_reflns.pdbx_redundancy              5.5 
_reflns.pdbx_diffrn_id               1 
_reflns.pdbx_ordinal                 1 
# 
_refine.entry_id                                 1IRO 
_refine.ls_number_reflns_obs                     34415 
_refine.ls_number_reflns_all                     ? 
_refine.pdbx_ls_sigma_I                          ? 
_refine.pdbx_ls_sigma_F                          -3.0 
_refine.pdbx_data_cutoff_high_absF               ? 
_refine.pdbx_data_cutoff_low_absF                ? 
_refine.pdbx_data_cutoff_high_rms_absF           ? 
_refine.ls_d_res_low                             10.0 
_refine.ls_d_res_high                            1.1 
_refine.ls_percent_reflns_obs                    94.0 
_refine.ls_R_factor_obs                          0.0903 
_refine.ls_R_factor_all                          ? 
_refine.ls_R_factor_R_work                       ? 
_refine.ls_R_factor_R_free                       ? 
_refine.ls_R_factor_R_free_error                 ? 
_refine.ls_R_factor_R_free_error_details         ? 
_refine.ls_percent_reflns_R_free                 ? 
_refine.ls_number_reflns_R_free                  ? 
_refine.ls_number_parameters                     4898 
_refine.ls_number_restraints                     5771 
_refine.occupancy_min                            ? 
_refine.occupancy_max                            ? 
_refine.B_iso_mean                               ? 
_refine.aniso_B[1][1]                            ? 
_refine.aniso_B[2][2]                            ? 
_refine.aniso_B[3][3]                            ? 
_refine.aniso_B[1][2]                            ? 
_refine.aniso_B[1][3]                            ? 
_refine.aniso_B[2][3]                            ? 
_refine.solvent_model_details                    ? 
_refine.solvent_model_param_ksol                 ? 
_refine.solvent_model_param_bsol                 ? 
_refine.pdbx_ls_cross_valid_method               ? 
_refine.details                                  ? 
_refine.pdbx_starting_model                      ? 
_refine.pdbx_method_to_determine_struct          ? 
_refine.pdbx_isotropic_thermal_model             ? 
_refine.pdbx_stereochemistry_target_values       'ENGH AND HUBER' 
_refine.pdbx_stereochem_target_val_spec_case     ? 
_refine.pdbx_R_Free_selection_details            ? 
_refine.pdbx_overall_ESU_R                       ? 
_refine.pdbx_overall_ESU_R_Free                  ? 
_refine.overall_SU_ML                            ? 
_refine.overall_SU_B                             ? 
_refine.pdbx_refine_id                           'X-RAY DIFFRACTION' 
_refine.pdbx_diffrn_id                           1 
_refine.pdbx_TLS_residual_ADP_flag               ? 
_refine.correlation_coeff_Fo_to_Fc               ? 
_refine.correlation_coeff_Fo_to_Fc_free          ? 
_refine.pdbx_solvent_vdw_probe_radii             ? 
_refine.pdbx_solvent_ion_probe_radii             ? 
_refine.pdbx_solvent_shrinkage_radii             ? 
_refine.pdbx_overall_phase_error                 ? 
_refine.overall_SU_R_Cruickshank_DPI             ? 
_refine.pdbx_overall_SU_R_free_Cruickshank_DPI   ? 
_refine.pdbx_overall_SU_R_Blow_DPI               ? 
_refine.pdbx_overall_SU_R_free_Blow_DPI          ? 
# 
_refine_analyze.entry_id                        1IRO 
_refine_analyze.Luzzati_coordinate_error_obs    ? 
_refine_analyze.Luzzati_sigma_a_obs             ? 
_refine_analyze.Luzzati_d_res_low_obs           ? 
_refine_analyze.Luzzati_coordinate_error_free   ? 
_refine_analyze.Luzzati_sigma_a_free            ? 
_refine_analyze.Luzzati_d_res_low_free          ? 
_refine_analyze.number_disordered_residues      6 
_refine_analyze.occupancy_sum_hydrogen          ? 
_refine_analyze.occupancy_sum_non_hydrogen      522 
_refine_analyze.pdbx_refine_id                  'X-RAY DIFFRACTION' 
# 
_refine_hist.pdbx_refine_id                   'X-RAY DIFFRACTION' 
_refine_hist.cycle_id                         LAST 
_refine_hist.pdbx_number_atoms_protein        748 
_refine_hist.pdbx_number_atoms_nucleic_acid   0 
_refine_hist.pdbx_number_atoms_ligand         1 
_refine_hist.number_atoms_solvent             110 
_refine_hist.number_atoms_total               859 
_refine_hist.d_res_high                       1.1 
_refine_hist.d_res_low                        10.0 
# 
_struct.entry_id                  1IRO 
_struct.title                     'RUBREDOXIN (OXIDIZED, FE(III)) AT 1.1 ANGSTROMS RESOLUTION' 
_struct.pdbx_model_details        ? 
_struct.pdbx_CASP_flag            ? 
_struct.pdbx_model_type_details   ? 
# 
_struct_keywords.entry_id        1IRO 
_struct_keywords.pdbx_keywords   'ELECTRON TRANSPORT' 
_struct_keywords.text            'ELECTRON TRANSPORT' 
# 
loop_
_struct_asym.id 
_struct_asym.pdbx_blank_PDB_chainid_flag 
_struct_asym.pdbx_modified 
_struct_asym.entity_id 
_struct_asym.details 
A N N 1 ? 
B N N 2 ? 
C N N 3 ? 
# 
_struct_ref.id                         1 
_struct_ref.db_name                    UNP 
_struct_ref.db_code                    RUBR_CLOPA 
_struct_ref.entity_id                  1 
_struct_ref.pdbx_db_accession          P00268 
_struct_ref.pdbx_align_begin           1 
_struct_ref.pdbx_seq_one_letter_code   MKKYTCTVCGYIYNPEDGDPDNGVNPGTDFKDIPDDWVCPLCGVGKDQFEEVEE 
_struct_ref.pdbx_db_isoform            ? 
# 
_struct_ref_seq.align_id                      1 
_struct_ref_seq.ref_id                        1 
_struct_ref_seq.pdbx_PDB_id_code              1IRO 
_struct_ref_seq.pdbx_strand_id                A 
_struct_ref_seq.seq_align_beg                 1 
_struct_ref_seq.pdbx_seq_align_beg_ins_code   ? 
_struct_ref_seq.seq_align_end                 54 
_struct_ref_seq.pdbx_seq_align_end_ins_code   ? 
_struct_ref_seq.pdbx_db_accession             P00268 
_struct_ref_seq.db_align_beg                  1 
_struct_ref_seq.pdbx_db_align_beg_ins_code    ? 
_struct_ref_seq.db_align_end                  54 
_struct_ref_seq.pdbx_db_align_end_ins_code    ? 
_struct_ref_seq.pdbx_auth_seq_align_beg       1 
_struct_ref_seq.pdbx_auth_seq_align_end       54 
# 
_pdbx_struct_assembly.id                   1 
_pdbx_struct_assembly.details              author_defined_assembly 
_pdbx_struct_assembly.method_details       ? 
_pdbx_struct_assembly.oligomeric_details   trimeric 
_pdbx_struct_assembly.oligomeric_count     3 
# 
_pdbx_struct_assembly_gen.assembly_id       1 
_pdbx_struct_assembly_gen.oper_expression   1,2,3 
_pdbx_struct_assembly_gen.asym_id_list      A,B,C 
# 
loop_
_pdbx_struct_oper_list.id 
_pdbx_struct_oper_list.type 
_pdbx_struct_oper_list.name 
_pdbx_struct_oper_list.symmetry_operation 
_pdbx_struct_oper_list.matrix[1][1] 
_pdbx_struct_oper_list.matrix[1][2] 
_pdbx_struct_oper_list.matrix[1][3] 
_pdbx_struct_oper_list.vector[1] 
_pdbx_struct_oper_list.matrix[2][1] 
_pdbx_struct_oper_list.matrix[2][2] 
_pdbx_struct_oper_list.matrix[2][3] 
_pdbx_struct_oper_list.vector[2] 
_pdbx_struct_oper_list.matrix[3][1] 
_pdbx_struct_oper_list.matrix[3][2] 
_pdbx_struct_oper_list.matrix[3][3] 
_pdbx_struct_oper_list.vector[3] 
1 'identity operation'         1_555 x,y,z         1.0000000000  0.0000000000  0.0000000000  0.0000000000  0.0000000000  1.0000000000 0.0000000000  0.0000000000 0.0000000000  0.0000000000  1.0000000000  0.0000000000   
2 'crystal symmetry operation' 2_655 -y+1,x-y,z    -0.3603387693 -0.4849646524 -0.7968470727 5.8006013557  -0.3851879684 0.8553610760 -0.3463923478 0.4036088889 0.8495800141  0.1821173128  -0.4950223067 -24.0653542637 
3 'crystal symmetry operation' 3_665 -x+y+1,-x+1,z -0.3603387693 -0.3851879684 0.8495800141  22.6910908564 -0.4849646524 0.8553610760 0.1821173128  6.8505729357 -0.7968470727 -0.3463923478 -0.4950223067 -7.1508879380 
# 
_struct_biol.id   1 
# 
loop_
_struct_conf.conf_type_id 
_struct_conf.id 
_struct_conf.pdbx_PDB_helix_id 
_struct_conf.beg_label_comp_id 
_struct_conf.beg_label_asym_id 
_struct_conf.beg_label_seq_id 
_struct_conf.pdbx_beg_PDB_ins_code 
_struct_conf.end_label_comp_id 
_struct_conf.end_label_asym_id 
_struct_conf.end_label_seq_id 
_struct_conf.pdbx_end_PDB_ins_code 
_struct_conf.beg_auth_comp_id 
_struct_conf.beg_auth_asym_id 
_struct_conf.beg_auth_seq_id 
_struct_conf.end_auth_comp_id 
_struct_conf.end_auth_asym_id 
_struct_conf.end_auth_seq_id 
_struct_conf.pdbx_PDB_helix_class 
_struct_conf.details 
_struct_conf.pdbx_PDB_helix_length 
HELX_P HELX_P1 1 PRO A 20 ? ASN A 22 ? PRO A 20 ASN A 22 5 ? 3 
HELX_P HELX_P2 2 PHE A 30 ? ASP A 32 ? PHE A 30 ASP A 32 5 ? 3 
HELX_P HELX_P3 3 LYS A 46 ? GLN A 48 ? LYS A 46 GLN A 48 5 ? 3 
# 
_struct_conf_type.id          HELX_P 
_struct_conf_type.criteria    ? 
_struct_conf_type.reference   ? 
# 
loop_
_struct_conn.id 
_struct_conn.conn_type_id 
_struct_conn.pdbx_leaving_atom_flag 
_struct_conn.pdbx_PDB_id 
_struct_conn.ptnr1_label_asym_id 
_struct_conn.ptnr1_label_comp_id 
_struct_conn.ptnr1_label_seq_id 
_struct_conn.ptnr1_label_atom_id 
_struct_conn.pdbx_ptnr1_label_alt_id 
_struct_conn.pdbx_ptnr1_PDB_ins_code 
_struct_conn.pdbx_ptnr1_standard_comp_id 
_struct_conn.ptnr1_symmetry 
_struct_conn.ptnr2_label_asym_id 
_struct_conn.ptnr2_label_comp_id 
_struct_conn.ptnr2_label_seq_id 
_struct_conn.ptnr2_label_atom_id 
_struct_conn.pdbx_ptnr2_label_alt_id 
_struct_conn.pdbx_ptnr2_PDB_ins_code 
_struct_conn.ptnr1_auth_asym_id 
_struct_conn.ptnr1_auth_comp_id 
_struct_conn.ptnr1_auth_seq_id 
_struct_conn.ptnr2_auth_asym_id 
_struct_conn.ptnr2_auth_comp_id 
_struct_conn.ptnr2_auth_seq_id 
_struct_conn.ptnr2_symmetry 
_struct_conn.pdbx_ptnr3_label_atom_id 
_struct_conn.pdbx_ptnr3_label_seq_id 
_struct_conn.pdbx_ptnr3_label_comp_id 
_struct_conn.pdbx_ptnr3_label_asym_id 
_struct_conn.pdbx_ptnr3_label_alt_id 
_struct_conn.pdbx_ptnr3_PDB_ins_code 
_struct_conn.details 
_struct_conn.pdbx_dist_value 
_struct_conn.pdbx_value_order 
_struct_conn.pdbx_role 
metalc1 metalc ? ? A CYS 6  SG ? ? ? 1_555 B FE . FE ? ? A CYS 6  A FE 55 1_555 ? ? ? ? ? ? ? 2.288 ? ? 
metalc2 metalc ? ? A CYS 9  SG ? ? ? 1_555 B FE . FE ? ? A CYS 9  A FE 55 1_555 ? ? ? ? ? ? ? 2.249 ? ? 
metalc3 metalc ? ? A CYS 39 SG ? ? ? 1_555 B FE . FE ? ? A CYS 39 A FE 55 1_555 ? ? ? ? ? ? ? 2.283 ? ? 
metalc4 metalc ? ? A CYS 42 SG ? ? ? 1_555 B FE . FE ? ? A CYS 42 A FE 55 1_555 ? ? ? ? ? ? ? 2.229 ? ? 
# 
_struct_conn_type.id          metalc 
_struct_conn_type.criteria    ? 
_struct_conn_type.reference   ? 
# 
loop_
_pdbx_struct_conn_angle.id 
_pdbx_struct_conn_angle.ptnr1_label_atom_id 
_pdbx_struct_conn_angle.ptnr1_label_alt_id 
_pdbx_struct_conn_angle.ptnr1_label_asym_id 
_pdbx_struct_conn_angle.ptnr1_label_comp_id 
_pdbx_struct_conn_angle.ptnr1_label_seq_id 
_pdbx_struct_conn_angle.ptnr1_auth_atom_id 
_pdbx_struct_conn_angle.ptnr1_auth_asym_id 
_pdbx_struct_conn_angle.ptnr1_auth_comp_id 
_pdbx_struct_conn_angle.ptnr1_auth_seq_id 
_pdbx_struct_conn_angle.ptnr1_PDB_ins_code 
_pdbx_struct_conn_angle.ptnr1_symmetry 
_pdbx_struct_conn_angle.ptnr2_label_atom_id 
_pdbx_struct_conn_angle.ptnr2_label_alt_id 
_pdbx_struct_conn_angle.ptnr2_label_asym_id 
_pdbx_struct_conn_angle.ptnr2_label_comp_id 
_pdbx_struct_conn_angle.ptnr2_label_seq_id 
_pdbx_struct_conn_angle.ptnr2_auth_atom_id 
_pdbx_struct_conn_angle.ptnr2_auth_asym_id 
_pdbx_struct_conn_angle.ptnr2_auth_comp_id 
_pdbx_struct_conn_angle.ptnr2_auth_seq_id 
_pdbx_struct_conn_angle.ptnr2_PDB_ins_code 
_pdbx_struct_conn_angle.ptnr2_symmetry 
_pdbx_struct_conn_angle.ptnr3_label_atom_id 
_pdbx_struct_conn_angle.ptnr3_label_alt_id 
_pdbx_struct_conn_angle.ptnr3_label_asym_id 
_pdbx_struct_conn_angle.ptnr3_label_comp_id 
_pdbx_struct_conn_angle.ptnr3_label_seq_id 
_pdbx_struct_conn_angle.ptnr3_auth_atom_id 
_pdbx_struct_conn_angle.ptnr3_auth_asym_id 
_pdbx_struct_conn_angle.ptnr3_auth_comp_id 
_pdbx_struct_conn_angle.ptnr3_auth_seq_id 
_pdbx_struct_conn_angle.ptnr3_PDB_ins_code 
_pdbx_struct_conn_angle.ptnr3_symmetry 
_pdbx_struct_conn_angle.value 
_pdbx_struct_conn_angle.value_esd 
1 SG ? A CYS 6  ? A CYS 6  ? 1_555 FE ? B FE . ? A FE 55 ? 1_555 SG ? A CYS 9  ? A CYS 9  ? 1_555 113.3 ? 
2 SG ? A CYS 6  ? A CYS 6  ? 1_555 FE ? B FE . ? A FE 55 ? 1_555 SG ? A CYS 39 ? A CYS 39 ? 1_555 110.1 ? 
3 SG ? A CYS 9  ? A CYS 9  ? 1_555 FE ? B FE . ? A FE 55 ? 1_555 SG ? A CYS 39 ? A CYS 39 ? 1_555 104.5 ? 
4 SG ? A CYS 6  ? A CYS 6  ? 1_555 FE ? B FE . ? A FE 55 ? 1_555 SG ? A CYS 42 ? A CYS 42 ? 1_555 104.3 ? 
5 SG ? A CYS 9  ? A CYS 9  ? 1_555 FE ? B FE . ? A FE 55 ? 1_555 SG ? A CYS 42 ? A CYS 42 ? 1_555 112.7 ? 
6 SG ? A CYS 39 ? A CYS 39 ? 1_555 FE ? B FE . ? A FE 55 ? 1_555 SG ? A CYS 42 ? A CYS 42 ? 1_555 112.0 ? 
# 
_struct_sheet.id               A 
_struct_sheet.type             ? 
_struct_sheet.number_strands   2 
_struct_sheet.details          ? 
# 
_struct_sheet_order.sheet_id     A 
_struct_sheet_order.range_id_1   1 
_struct_sheet_order.range_id_2   2 
_struct_sheet_order.offset       ? 
_struct_sheet_order.sense        anti-parallel 
# 
loop_
_struct_sheet_range.sheet_id 
_struct_sheet_range.id 
_struct_sheet_range.beg_label_comp_id 
_struct_sheet_range.beg_label_asym_id 
_struct_sheet_range.beg_label_seq_id 
_struct_sheet_range.pdbx_beg_PDB_ins_code 
_struct_sheet_range.end_label_comp_id 
_struct_sheet_range.end_label_asym_id 
_struct_sheet_range.end_label_seq_id 
_struct_sheet_range.pdbx_end_PDB_ins_code 
_struct_sheet_range.beg_auth_comp_id 
_struct_sheet_range.beg_auth_asym_id 
_struct_sheet_range.beg_auth_seq_id 
_struct_sheet_range.end_auth_comp_id 
_struct_sheet_range.end_auth_asym_id 
_struct_sheet_range.end_auth_seq_id 
A 1 TYR A 4  ? CYS A 6  ? TYR A 4  CYS A 6  
A 2 PHE A 49 ? GLU A 51 ? PHE A 49 GLU A 51 
# 
_pdbx_struct_sheet_hbond.sheet_id                A 
_pdbx_struct_sheet_hbond.range_id_1              1 
_pdbx_struct_sheet_hbond.range_id_2              2 
_pdbx_struct_sheet_hbond.range_1_label_atom_id   O 
_pdbx_struct_sheet_hbond.range_1_label_comp_id   THR 
_pdbx_struct_sheet_hbond.range_1_label_asym_id   A 
_pdbx_struct_sheet_hbond.range_1_label_seq_id    5 
_pdbx_struct_sheet_hbond.range_1_PDB_ins_code    ? 
_pdbx_struct_sheet_hbond.range_1_auth_atom_id    O 
_pdbx_struct_sheet_hbond.range_1_auth_comp_id    THR 
_pdbx_struct_sheet_hbond.range_1_auth_asym_id    A 
_pdbx_struct_sheet_hbond.range_1_auth_seq_id     5 
_pdbx_struct_sheet_hbond.range_2_label_atom_id   N 
_pdbx_struct_sheet_hbond.range_2_label_comp_id   GLU 
_pdbx_struct_sheet_hbond.range_2_label_asym_id   A 
_pdbx_struct_sheet_hbond.range_2_label_seq_id    50 
_pdbx_struct_sheet_hbond.range_2_PDB_ins_code    ? 
_pdbx_struct_sheet_hbond.range_2_auth_atom_id    N 
_pdbx_struct_sheet_hbond.range_2_auth_comp_id    GLU 
_pdbx_struct_sheet_hbond.range_2_auth_asym_id    A 
_pdbx_struct_sheet_hbond.range_2_auth_seq_id     50 
# 
_struct_site.id                   AC1 
_struct_site.pdbx_evidence_code   Software 
_struct_site.pdbx_auth_asym_id    A 
_struct_site.pdbx_auth_comp_id    FE 
_struct_site.pdbx_auth_seq_id     55 
_struct_site.pdbx_auth_ins_code   ? 
_struct_site.pdbx_num_residues    4 
_struct_site.details              'BINDING SITE FOR RESIDUE FE A 55' 
# 
loop_
_struct_site_gen.id 
_struct_site_gen.site_id 
_struct_site_gen.pdbx_num_res 
_struct_site_gen.label_comp_id 
_struct_site_gen.label_asym_id 
_struct_site_gen.label_seq_id 
_struct_site_gen.pdbx_auth_ins_code 
_struct_site_gen.auth_comp_id 
_struct_site_gen.auth_asym_id 
_struct_site_gen.auth_seq_id 
_struct_site_gen.label_atom_id 
_struct_site_gen.label_alt_id 
_struct_site_gen.symmetry 
_struct_site_gen.details 
1 AC1 4 CYS A 6  ? CYS A 6  . ? 1_555 ? 
2 AC1 4 CYS A 9  ? CYS A 9  . ? 1_555 ? 
3 AC1 4 CYS A 39 ? CYS A 39 . ? 1_555 ? 
4 AC1 4 CYS A 42 ? CYS A 42 . ? 1_555 ? 
# 
loop_
_pdbx_validate_close_contact.id 
_pdbx_validate_close_contact.PDB_model_num 
_pdbx_validate_close_contact.auth_atom_id_1 
_pdbx_validate_close_contact.auth_asym_id_1 
_pdbx_validate_close_contact.auth_comp_id_1 
_pdbx_validate_close_contact.auth_seq_id_1 
_pdbx_validate_close_contact.PDB_ins_code_1 
_pdbx_validate_close_contact.label_alt_id_1 
_pdbx_validate_close_contact.auth_atom_id_2 
_pdbx_validate_close_contact.auth_asym_id_2 
_pdbx_validate_close_contact.auth_comp_id_2 
_pdbx_validate_close_contact.auth_seq_id_2 
_pdbx_validate_close_contact.PDB_ins_code_2 
_pdbx_validate_close_contact.label_alt_id_2 
_pdbx_validate_close_contact.dist 
1 1 O  A HOH 94 ? ? O A HOH 97  ? ? 2.02 
2 1 CE A LYS 2  ? ? O A HOH 144 ? ? 2.11 
# 
loop_
_pdbx_validate_rmsd_bond.id 
_pdbx_validate_rmsd_bond.PDB_model_num 
_pdbx_validate_rmsd_bond.auth_atom_id_1 
_pdbx_validate_rmsd_bond.auth_asym_id_1 
_pdbx_validate_rmsd_bond.auth_comp_id_1 
_pdbx_validate_rmsd_bond.auth_seq_id_1 
_pdbx_validate_rmsd_bond.PDB_ins_code_1 
_pdbx_validate_rmsd_bond.label_alt_id_1 
_pdbx_validate_rmsd_bond.auth_atom_id_2 
_pdbx_validate_rmsd_bond.auth_asym_id_2 
_pdbx_validate_rmsd_bond.auth_comp_id_2 
_pdbx_validate_rmsd_bond.auth_seq_id_2 
_pdbx_validate_rmsd_bond.PDB_ins_code_2 
_pdbx_validate_rmsd_bond.label_alt_id_2 
_pdbx_validate_rmsd_bond.bond_value 
_pdbx_validate_rmsd_bond.bond_target_value 
_pdbx_validate_rmsd_bond.bond_deviation 
_pdbx_validate_rmsd_bond.bond_standard_deviation 
_pdbx_validate_rmsd_bond.linker_flag 
1 1 CB A ILE 12 ? ? CG1 A ILE 12 ? B 1.754 1.536 0.218  0.028 N 
2 1 CG A GLU 50 ? B CD  A GLU 50 ? B 1.628 1.515 0.113  0.015 N 
3 1 CD A GLU 50 ? B OE1 A GLU 50 ? B 1.171 1.252 -0.081 0.011 N 
4 1 CD A GLU 51 ? ? OE2 A GLU 51 ? ? 1.163 1.252 -0.089 0.011 N 
5 1 CB A GLU 53 ? ? CG  A GLU 53 ? ? 1.639 1.517 0.122  0.019 N 
# 
loop_
_pdbx_validate_rmsd_angle.id 
_pdbx_validate_rmsd_angle.PDB_model_num 
_pdbx_validate_rmsd_angle.auth_atom_id_1 
_pdbx_validate_rmsd_angle.auth_asym_id_1 
_pdbx_validate_rmsd_angle.auth_comp_id_1 
_pdbx_validate_rmsd_angle.auth_seq_id_1 
_pdbx_validate_rmsd_angle.PDB_ins_code_1 
_pdbx_validate_rmsd_angle.label_alt_id_1 
_pdbx_validate_rmsd_angle.auth_atom_id_2 
_pdbx_validate_rmsd_angle.auth_asym_id_2 
_pdbx_validate_rmsd_angle.auth_comp_id_2 
_pdbx_validate_rmsd_angle.auth_seq_id_2 
_pdbx_validate_rmsd_angle.PDB_ins_code_2 
_pdbx_validate_rmsd_angle.label_alt_id_2 
_pdbx_validate_rmsd_angle.auth_atom_id_3 
_pdbx_validate_rmsd_angle.auth_asym_id_3 
_pdbx_validate_rmsd_angle.auth_comp_id_3 
_pdbx_validate_rmsd_angle.auth_seq_id_3 
_pdbx_validate_rmsd_angle.PDB_ins_code_3 
_pdbx_validate_rmsd_angle.label_alt_id_3 
_pdbx_validate_rmsd_angle.angle_value 
_pdbx_validate_rmsd_angle.angle_target_value 
_pdbx_validate_rmsd_angle.angle_deviation 
_pdbx_validate_rmsd_angle.angle_standard_deviation 
_pdbx_validate_rmsd_angle.linker_flag 
1 1 OG1 A THR 5  ? B CB A THR 5  ? B CG2 A THR 5  ? B 95.97  110.00 -14.03 2.30 N 
2 1 CA  A THR 5  ? ? CB A THR 5  ? B CG2 A THR 5  ? B 89.29  112.40 -23.11 1.40 N 
3 1 CA  A ILE 12 ? ? CB A ILE 12 ? ? CG1 A ILE 12 ? B 99.03  111.00 -11.97 1.90 N 
4 1 CB  A ASP 47 ? ? CG A ASP 47 ? ? OD1 A ASP 47 ? ? 124.00 118.30 5.70   0.90 N 
5 1 N   A GLU 50 ? ? CA A GLU 50 ? ? CB  A GLU 50 ? B 121.92 110.60 11.32  1.80 N 
6 1 CB  A GLU 53 ? ? CG A GLU 53 ? ? CD  A GLU 53 ? ? 97.26  114.20 -16.94 2.70 N 
# 
_pdbx_struct_special_symmetry.id              1 
_pdbx_struct_special_symmetry.PDB_model_num   1 
_pdbx_struct_special_symmetry.auth_asym_id    A 
_pdbx_struct_special_symmetry.auth_comp_id    HOH 
_pdbx_struct_special_symmetry.auth_seq_id     109 
_pdbx_struct_special_symmetry.PDB_ins_code    ? 
_pdbx_struct_special_symmetry.label_asym_id   C 
_pdbx_struct_special_symmetry.label_comp_id   HOH 
_pdbx_struct_special_symmetry.label_seq_id    . 
# 
_pdbx_unobs_or_zero_occ_residues.id               1 
_pdbx_unobs_or_zero_occ_residues.PDB_model_num    1 
_pdbx_unobs_or_zero_occ_residues.polymer_flag     Y 
_pdbx_unobs_or_zero_occ_residues.occupancy_flag   1 
_pdbx_unobs_or_zero_occ_residues.auth_asym_id     A 
_pdbx_unobs_or_zero_occ_residues.auth_comp_id     GLU 
_pdbx_unobs_or_zero_occ_residues.auth_seq_id      54 
_pdbx_unobs_or_zero_occ_residues.PDB_ins_code     ? 
_pdbx_unobs_or_zero_occ_residues.label_asym_id    A 
_pdbx_unobs_or_zero_occ_residues.label_comp_id    GLU 
_pdbx_unobs_or_zero_occ_residues.label_seq_id     54 
# 
loop_
_chem_comp_atom.comp_id 
_chem_comp_atom.atom_id 
_chem_comp_atom.type_symbol 
_chem_comp_atom.pdbx_aromatic_flag 
_chem_comp_atom.pdbx_stereo_config 
_chem_comp_atom.pdbx_ordinal 
ASN N    N  N N 1   
ASN CA   C  N S 2   
ASN C    C  N N 3   
ASN O    O  N N 4   
ASN CB   C  N N 5   
ASN CG   C  N N 6   
ASN OD1  O  N N 7   
ASN ND2  N  N N 8   
ASN OXT  O  N N 9   
ASN H    H  N N 10  
ASN H2   H  N N 11  
ASN HA   H  N N 12  
ASN HB2  H  N N 13  
ASN HB3  H  N N 14  
ASN HD21 H  N N 15  
ASN HD22 H  N N 16  
ASN HXT  H  N N 17  
ASP N    N  N N 18  
ASP CA   C  N S 19  
ASP C    C  N N 20  
ASP O    O  N N 21  
ASP CB   C  N N 22  
ASP CG   C  N N 23  
ASP OD1  O  N N 24  
ASP OD2  O  N N 25  
ASP OXT  O  N N 26  
ASP H    H  N N 27  
ASP H2   H  N N 28  
ASP HA   H  N N 29  
ASP HB2  H  N N 30  
ASP HB3  H  N N 31  
ASP HD2  H  N N 32  
ASP HXT  H  N N 33  
CYS N    N  N N 34  
CYS CA   C  N R 35  
CYS C    C  N N 36  
CYS O    O  N N 37  
CYS CB   C  N N 38  
CYS SG   S  N N 39  
CYS OXT  O  N N 40  
CYS H    H  N N 41  
CYS H2   H  N N 42  
CYS HA   H  N N 43  
CYS HB2  H  N N 44  
CYS HB3  H  N N 45  
CYS HG   H  N N 46  
CYS HXT  H  N N 47  
FE  FE   FE N N 48  
GLN N    N  N N 49  
GLN CA   C  N S 50  
GLN C    C  N N 51  
GLN O    O  N N 52  
GLN CB   C  N N 53  
GLN CG   C  N N 54  
GLN CD   C  N N 55  
GLN OE1  O  N N 56  
GLN NE2  N  N N 57  
GLN OXT  O  N N 58  
GLN H    H  N N 59  
GLN H2   H  N N 60  
GLN HA   H  N N 61  
GLN HB2  H  N N 62  
GLN HB3  H  N N 63  
GLN HG2  H  N N 64  
GLN HG3  H  N N 65  
GLN HE21 H  N N 66  
GLN HE22 H  N N 67  
GLN HXT  H  N N 68  
GLU N    N  N N 69  
GLU CA   C  N S 70  
GLU C    C  N N 71  
GLU O    O  N N 72  
GLU CB   C  N N 73  
GLU CG   C  N N 74  
GLU CD   C  N N 75  
GLU OE1  O  N N 76  
GLU OE2  O  N N 77  
GLU OXT  O  N N 78  
GLU H    H  N N 79  
GLU H2   H  N N 80  
GLU HA   H  N N 81  
GLU HB2  H  N N 82  
GLU HB3  H  N N 83  
GLU HG2  H  N N 84  
GLU HG3  H  N N 85  
GLU HE2  H  N N 86  
GLU HXT  H  N N 87  
GLY N    N  N N 88  
GLY CA   C  N N 89  
GLY C    C  N N 90  
GLY O    O  N N 91  
GLY OXT  O  N N 92  
GLY H    H  N N 93  
GLY H2   H  N N 94  
GLY HA2  H  N N 95  
GLY HA3  H  N N 96  
GLY HXT  H  N N 97  
HOH O    O  N N 98  
HOH H1   H  N N 99  
HOH H2   H  N N 100 
ILE N    N  N N 101 
ILE CA   C  N S 102 
ILE C    C  N N 103 
ILE O    O  N N 104 
ILE CB   C  N S 105 
ILE CG1  C  N N 106 
ILE CG2  C  N N 107 
ILE CD1  C  N N 108 
ILE OXT  O  N N 109 
ILE H    H  N N 110 
ILE H2   H  N N 111 
ILE HA   H  N N 112 
ILE HB   H  N N 113 
ILE HG12 H  N N 114 
ILE HG13 H  N N 115 
ILE HG21 H  N N 116 
ILE HG22 H  N N 117 
ILE HG23 H  N N 118 
ILE HD11 H  N N 119 
ILE HD12 H  N N 120 
ILE HD13 H  N N 121 
ILE HXT  H  N N 122 
LEU N    N  N N 123 
LEU CA   C  N S 124 
LEU C    C  N N 125 
LEU O    O  N N 126 
LEU CB   C  N N 127 
LEU CG   C  N N 128 
LEU CD1  C  N N 129 
LEU CD2  C  N N 130 
LEU OXT  O  N N 131 
LEU H    H  N N 132 
LEU H2   H  N N 133 
LEU HA   H  N N 134 
LEU HB2  H  N N 135 
LEU HB3  H  N N 136 
LEU HG   H  N N 137 
LEU HD11 H  N N 138 
LEU HD12 H  N N 139 
LEU HD13 H  N N 140 
LEU HD21 H  N N 141 
LEU HD22 H  N N 142 
LEU HD23 H  N N 143 
LEU HXT  H  N N 144 
LYS N    N  N N 145 
LYS CA   C  N S 146 
LYS C    C  N N 147 
LYS O    O  N N 148 
LYS CB   C  N N 149 
LYS CG   C  N N 150 
LYS CD   C  N N 151 
LYS CE   C  N N 152 
LYS NZ   N  N N 153 
LYS OXT  O  N N 154 
LYS H    H  N N 155 
LYS H2   H  N N 156 
LYS HA   H  N N 157 
LYS HB2  H  N N 158 
LYS HB3  H  N N 159 
LYS HG2  H  N N 160 
LYS HG3  H  N N 161 
LYS HD2  H  N N 162 
LYS HD3  H  N N 163 
LYS HE2  H  N N 164 
LYS HE3  H  N N 165 
LYS HZ1  H  N N 166 
LYS HZ2  H  N N 167 
LYS HZ3  H  N N 168 
LYS HXT  H  N N 169 
MET N    N  N N 170 
MET CA   C  N S 171 
MET C    C  N N 172 
MET O    O  N N 173 
MET CB   C  N N 174 
MET CG   C  N N 175 
MET SD   S  N N 176 
MET CE   C  N N 177 
MET OXT  O  N N 178 
MET H    H  N N 179 
MET H2   H  N N 180 
MET HA   H  N N 181 
MET HB2  H  N N 182 
MET HB3  H  N N 183 
MET HG2  H  N N 184 
MET HG3  H  N N 185 
MET HE1  H  N N 186 
MET HE2  H  N N 187 
MET HE3  H  N N 188 
MET HXT  H  N N 189 
PHE N    N  N N 190 
PHE CA   C  N S 191 
PHE C    C  N N 192 
PHE O    O  N N 193 
PHE CB   C  N N 194 
PHE CG   C  Y N 195 
PHE CD1  C  Y N 196 
PHE CD2  C  Y N 197 
PHE CE1  C  Y N 198 
PHE CE2  C  Y N 199 
PHE CZ   C  Y N 200 
PHE OXT  O  N N 201 
PHE H    H  N N 202 
PHE H2   H  N N 203 
PHE HA   H  N N 204 
PHE HB2  H  N N 205 
PHE HB3  H  N N 206 
PHE HD1  H  N N 207 
PHE HD2  H  N N 208 
PHE HE1  H  N N 209 
PHE HE2  H  N N 210 
PHE HZ   H  N N 211 
PHE HXT  H  N N 212 
PRO N    N  N N 213 
PRO CA   C  N S 214 
PRO C    C  N N 215 
PRO O    O  N N 216 
PRO CB   C  N N 217 
PRO CG   C  N N 218 
PRO CD   C  N N 219 
PRO OXT  O  N N 220 
PRO H    H  N N 221 
PRO HA   H  N N 222 
PRO HB2  H  N N 223 
PRO HB3  H  N N 224 
PRO HG2  H  N N 225 
PRO HG3  H  N N 226 
PRO HD2  H  N N 227 
PRO HD3  H  N N 228 
PRO HXT  H  N N 229 
THR N    N  N N 230 
THR CA   C  N S 231 
THR C    C  N N 232 
THR O    O  N N 233 
THR CB   C  N R 234 
THR OG1  O  N N 235 
THR CG2  C  N N 236 
THR OXT  O  N N 237 
THR H    H  N N 238 
THR H2   H  N N 239 
THR HA   H  N N 240 
THR HB   H  N N 241 
THR HG1  H  N N 242 
THR HG21 H  N N 243 
THR HG22 H  N N 244 
THR HG23 H  N N 245 
THR HXT  H  N N 246 
TRP N    N  N N 247 
TRP CA   C  N S 248 
TRP C    C  N N 249 
TRP O    O  N N 250 
TRP CB   C  N N 251 
TRP CG   C  Y N 252 
TRP CD1  C  Y N 253 
TRP CD2  C  Y N 254 
TRP NE1  N  Y N 255 
TRP CE2  C  Y N 256 
TRP CE3  C  Y N 257 
TRP CZ2  C  Y N 258 
TRP CZ3  C  Y N 259 
TRP CH2  C  Y N 260 
TRP OXT  O  N N 261 
TRP H    H  N N 262 
TRP H2   H  N N 263 
TRP HA   H  N N 264 
TRP HB2  H  N N 265 
TRP HB3  H  N N 266 
TRP HD1  H  N N 267 
TRP HE1  H  N N 268 
TRP HE3  H  N N 269 
TRP HZ2  H  N N 270 
TRP HZ3  H  N N 271 
TRP HH2  H  N N 272 
TRP HXT  H  N N 273 
TYR N    N  N N 274 
TYR CA   C  N S 275 
TYR C    C  N N 276 
TYR O    O  N N 277 
TYR CB   C  N N 278 
TYR CG   C  Y N 279 
TYR CD1  C  Y N 280 
TYR CD2  C  Y N 281 
TYR CE1  C  Y N 282 
TYR CE2  C  Y N 283 
TYR CZ   C  Y N 284 
TYR OH   O  N N 285 
TYR OXT  O  N N 286 
TYR H    H  N N 287 
TYR H2   H  N N 288 
TYR HA   H  N N 289 
TYR HB2  H  N N 290 
TYR HB3  H  N N 291 
TYR HD1  H  N N 292 
TYR HD2  H  N N 293 
TYR HE1  H  N N 294 
TYR HE2  H  N N 295 
TYR HH   H  N N 296 
TYR HXT  H  N N 297 
VAL N    N  N N 298 
VAL CA   C  N S 299 
VAL C    C  N N 300 
VAL O    O  N N 301 
VAL CB   C  N N 302 
VAL CG1  C  N N 303 
VAL CG2  C  N N 304 
VAL OXT  O  N N 305 
VAL H    H  N N 306 
VAL H2   H  N N 307 
VAL HA   H  N N 308 
VAL HB   H  N N 309 
VAL HG11 H  N N 310 
VAL HG12 H  N N 311 
VAL HG13 H  N N 312 
VAL HG21 H  N N 313 
VAL HG22 H  N N 314 
VAL HG23 H  N N 315 
VAL HXT  H  N N 316 
# 
loop_
_chem_comp_bond.comp_id 
_chem_comp_bond.atom_id_1 
_chem_comp_bond.atom_id_2 
_chem_comp_bond.value_order 
_chem_comp_bond.pdbx_aromatic_flag 
_chem_comp_bond.pdbx_stereo_config 
_chem_comp_bond.pdbx_ordinal 
ASN N   CA   sing N N 1   
ASN N   H    sing N N 2   
ASN N   H2   sing N N 3   
ASN CA  C    sing N N 4   
ASN CA  CB   sing N N 5   
ASN CA  HA   sing N N 6   
ASN C   O    doub N N 7   
ASN C   OXT  sing N N 8   
ASN CB  CG   sing N N 9   
ASN CB  HB2  sing N N 10  
ASN CB  HB3  sing N N 11  
ASN CG  OD1  doub N N 12  
ASN CG  ND2  sing N N 13  
ASN ND2 HD21 sing N N 14  
ASN ND2 HD22 sing N N 15  
ASN OXT HXT  sing N N 16  
ASP N   CA   sing N N 17  
ASP N   H    sing N N 18  
ASP N   H2   sing N N 19  
ASP CA  C    sing N N 20  
ASP CA  CB   sing N N 21  
ASP CA  HA   sing N N 22  
ASP C   O    doub N N 23  
ASP C   OXT  sing N N 24  
ASP CB  CG   sing N N 25  
ASP CB  HB2  sing N N 26  
ASP CB  HB3  sing N N 27  
ASP CG  OD1  doub N N 28  
ASP CG  OD2  sing N N 29  
ASP OD2 HD2  sing N N 30  
ASP OXT HXT  sing N N 31  
CYS N   CA   sing N N 32  
CYS N   H    sing N N 33  
CYS N   H2   sing N N 34  
CYS CA  C    sing N N 35  
CYS CA  CB   sing N N 36  
CYS CA  HA   sing N N 37  
CYS C   O    doub N N 38  
CYS C   OXT  sing N N 39  
CYS CB  SG   sing N N 40  
CYS CB  HB2  sing N N 41  
CYS CB  HB3  sing N N 42  
CYS SG  HG   sing N N 43  
CYS OXT HXT  sing N N 44  
GLN N   CA   sing N N 45  
GLN N   H    sing N N 46  
GLN N   H2   sing N N 47  
GLN CA  C    sing N N 48  
GLN CA  CB   sing N N 49  
GLN CA  HA   sing N N 50  
GLN C   O    doub N N 51  
GLN C   OXT  sing N N 52  
GLN CB  CG   sing N N 53  
GLN CB  HB2  sing N N 54  
GLN CB  HB3  sing N N 55  
GLN CG  CD   sing N N 56  
GLN CG  HG2  sing N N 57  
GLN CG  HG3  sing N N 58  
GLN CD  OE1  doub N N 59  
GLN CD  NE2  sing N N 60  
GLN NE2 HE21 sing N N 61  
GLN NE2 HE22 sing N N 62  
GLN OXT HXT  sing N N 63  
GLU N   CA   sing N N 64  
GLU N   H    sing N N 65  
GLU N   H2   sing N N 66  
GLU CA  C    sing N N 67  
GLU CA  CB   sing N N 68  
GLU CA  HA   sing N N 69  
GLU C   O    doub N N 70  
GLU C   OXT  sing N N 71  
GLU CB  CG   sing N N 72  
GLU CB  HB2  sing N N 73  
GLU CB  HB3  sing N N 74  
GLU CG  CD   sing N N 75  
GLU CG  HG2  sing N N 76  
GLU CG  HG3  sing N N 77  
GLU CD  OE1  doub N N 78  
GLU CD  OE2  sing N N 79  
GLU OE2 HE2  sing N N 80  
GLU OXT HXT  sing N N 81  
GLY N   CA   sing N N 82  
GLY N   H    sing N N 83  
GLY N   H2   sing N N 84  
GLY CA  C    sing N N 85  
GLY CA  HA2  sing N N 86  
GLY CA  HA3  sing N N 87  
GLY C   O    doub N N 88  
GLY C   OXT  sing N N 89  
GLY OXT HXT  sing N N 90  
HOH O   H1   sing N N 91  
HOH O   H2   sing N N 92  
ILE N   CA   sing N N 93  
ILE N   H    sing N N 94  
ILE N   H2   sing N N 95  
ILE CA  C    sing N N 96  
ILE CA  CB   sing N N 97  
ILE CA  HA   sing N N 98  
ILE C   O    doub N N 99  
ILE C   OXT  sing N N 100 
ILE CB  CG1  sing N N 101 
ILE CB  CG2  sing N N 102 
ILE CB  HB   sing N N 103 
ILE CG1 CD1  sing N N 104 
ILE CG1 HG12 sing N N 105 
ILE CG1 HG13 sing N N 106 
ILE CG2 HG21 sing N N 107 
ILE CG2 HG22 sing N N 108 
ILE CG2 HG23 sing N N 109 
ILE CD1 HD11 sing N N 110 
ILE CD1 HD12 sing N N 111 
ILE CD1 HD13 sing N N 112 
ILE OXT HXT  sing N N 113 
LEU N   CA   sing N N 114 
LEU N   H    sing N N 115 
LEU N   H2   sing N N 116 
LEU CA  C    sing N N 117 
LEU CA  CB   sing N N 118 
LEU CA  HA   sing N N 119 
LEU C   O    doub N N 120 
LEU C   OXT  sing N N 121 
LEU CB  CG   sing N N 122 
LEU CB  HB2  sing N N 123 
LEU CB  HB3  sing N N 124 
LEU CG  CD1  sing N N 125 
LEU CG  CD2  sing N N 126 
LEU CG  HG   sing N N 127 
LEU CD1 HD11 sing N N 128 
LEU CD1 HD12 sing N N 129 
LEU CD1 HD13 sing N N 130 
LEU CD2 HD21 sing N N 131 
LEU CD2 HD22 sing N N 132 
LEU CD2 HD23 sing N N 133 
LEU OXT HXT  sing N N 134 
LYS N   CA   sing N N 135 
LYS N   H    sing N N 136 
LYS N   H2   sing N N 137 
LYS CA  C    sing N N 138 
LYS CA  CB   sing N N 139 
LYS CA  HA   sing N N 140 
LYS C   O    doub N N 141 
LYS C   OXT  sing N N 142 
LYS CB  CG   sing N N 143 
LYS CB  HB2  sing N N 144 
LYS CB  HB3  sing N N 145 
LYS CG  CD   sing N N 146 
LYS CG  HG2  sing N N 147 
LYS CG  HG3  sing N N 148 
LYS CD  CE   sing N N 149 
LYS CD  HD2  sing N N 150 
LYS CD  HD3  sing N N 151 
LYS CE  NZ   sing N N 152 
LYS CE  HE2  sing N N 153 
LYS CE  HE3  sing N N 154 
LYS NZ  HZ1  sing N N 155 
LYS NZ  HZ2  sing N N 156 
LYS NZ  HZ3  sing N N 157 
LYS OXT HXT  sing N N 158 
MET N   CA   sing N N 159 
MET N   H    sing N N 160 
MET N   H2   sing N N 161 
MET CA  C    sing N N 162 
MET CA  CB   sing N N 163 
MET CA  HA   sing N N 164 
MET C   O    doub N N 165 
MET C   OXT  sing N N 166 
MET CB  CG   sing N N 167 
MET CB  HB2  sing N N 168 
MET CB  HB3  sing N N 169 
MET CG  SD   sing N N 170 
MET CG  HG2  sing N N 171 
MET CG  HG3  sing N N 172 
MET SD  CE   sing N N 173 
MET CE  HE1  sing N N 174 
MET CE  HE2  sing N N 175 
MET CE  HE3  sing N N 176 
MET OXT HXT  sing N N 177 
PHE N   CA   sing N N 178 
PHE N   H    sing N N 179 
PHE N   H2   sing N N 180 
PHE CA  C    sing N N 181 
PHE CA  CB   sing N N 182 
PHE CA  HA   sing N N 183 
PHE C   O    doub N N 184 
PHE C   OXT  sing N N 185 
PHE CB  CG   sing N N 186 
PHE CB  HB2  sing N N 187 
PHE CB  HB3  sing N N 188 
PHE CG  CD1  doub Y N 189 
PHE CG  CD2  sing Y N 190 
PHE CD1 CE1  sing Y N 191 
PHE CD1 HD1  sing N N 192 
PHE CD2 CE2  doub Y N 193 
PHE CD2 HD2  sing N N 194 
PHE CE1 CZ   doub Y N 195 
PHE CE1 HE1  sing N N 196 
PHE CE2 CZ   sing Y N 197 
PHE CE2 HE2  sing N N 198 
PHE CZ  HZ   sing N N 199 
PHE OXT HXT  sing N N 200 
PRO N   CA   sing N N 201 
PRO N   CD   sing N N 202 
PRO N   H    sing N N 203 
PRO CA  C    sing N N 204 
PRO CA  CB   sing N N 205 
PRO CA  HA   sing N N 206 
PRO C   O    doub N N 207 
PRO C   OXT  sing N N 208 
PRO CB  CG   sing N N 209 
PRO CB  HB2  sing N N 210 
PRO CB  HB3  sing N N 211 
PRO CG  CD   sing N N 212 
PRO CG  HG2  sing N N 213 
PRO CG  HG3  sing N N 214 
PRO CD  HD2  sing N N 215 
PRO CD  HD3  sing N N 216 
PRO OXT HXT  sing N N 217 
THR N   CA   sing N N 218 
THR N   H    sing N N 219 
THR N   H2   sing N N 220 
THR CA  C    sing N N 221 
THR CA  CB   sing N N 222 
THR CA  HA   sing N N 223 
THR C   O    doub N N 224 
THR C   OXT  sing N N 225 
THR CB  OG1  sing N N 226 
THR CB  CG2  sing N N 227 
THR CB  HB   sing N N 228 
THR OG1 HG1  sing N N 229 
THR CG2 HG21 sing N N 230 
THR CG2 HG22 sing N N 231 
THR CG2 HG23 sing N N 232 
THR OXT HXT  sing N N 233 
TRP N   CA   sing N N 234 
TRP N   H    sing N N 235 
TRP N   H2   sing N N 236 
TRP CA  C    sing N N 237 
TRP CA  CB   sing N N 238 
TRP CA  HA   sing N N 239 
TRP C   O    doub N N 240 
TRP C   OXT  sing N N 241 
TRP CB  CG   sing N N 242 
TRP CB  HB2  sing N N 243 
TRP CB  HB3  sing N N 244 
TRP CG  CD1  doub Y N 245 
TRP CG  CD2  sing Y N 246 
TRP CD1 NE1  sing Y N 247 
TRP CD1 HD1  sing N N 248 
TRP CD2 CE2  doub Y N 249 
TRP CD2 CE3  sing Y N 250 
TRP NE1 CE2  sing Y N 251 
TRP NE1 HE1  sing N N 252 
TRP CE2 CZ2  sing Y N 253 
TRP CE3 CZ3  doub Y N 254 
TRP CE3 HE3  sing N N 255 
TRP CZ2 CH2  doub Y N 256 
TRP CZ2 HZ2  sing N N 257 
TRP CZ3 CH2  sing Y N 258 
TRP CZ3 HZ3  sing N N 259 
TRP CH2 HH2  sing N N 260 
TRP OXT HXT  sing N N 261 
TYR N   CA   sing N N 262 
TYR N   H    sing N N 263 
TYR N   H2   sing N N 264 
TYR CA  C    sing N N 265 
TYR CA  CB   sing N N 266 
TYR CA  HA   sing N N 267 
TYR C   O    doub N N 268 
TYR C   OXT  sing N N 269 
TYR CB  CG   sing N N 270 
TYR CB  HB2  sing N N 271 
TYR CB  HB3  sing N N 272 
TYR CG  CD1  doub Y N 273 
TYR CG  CD2  sing Y N 274 
TYR CD1 CE1  sing Y N 275 
TYR CD1 HD1  sing N N 276 
TYR CD2 CE2  doub Y N 277 
TYR CD2 HD2  sing N N 278 
TYR CE1 CZ   doub Y N 279 
TYR CE1 HE1  sing N N 280 
TYR CE2 CZ   sing Y N 281 
TYR CE2 HE2  sing N N 282 
TYR CZ  OH   sing N N 283 
TYR OH  HH   sing N N 284 
TYR OXT HXT  sing N N 285 
VAL N   CA   sing N N 286 
VAL N   H    sing N N 287 
VAL N   H2   sing N N 288 
VAL CA  C    sing N N 289 
VAL CA  CB   sing N N 290 
VAL CA  HA   sing N N 291 
VAL C   O    doub N N 292 
VAL C   OXT  sing N N 293 
VAL CB  CG1  sing N N 294 
VAL CB  CG2  sing N N 295 
VAL CB  HB   sing N N 296 
VAL CG1 HG11 sing N N 297 
VAL CG1 HG12 sing N N 298 
VAL CG1 HG13 sing N N 299 
VAL CG2 HG21 sing N N 300 
VAL CG2 HG22 sing N N 301 
VAL CG2 HG23 sing N N 302 
VAL OXT HXT  sing N N 303 
# 
_atom_sites.entry_id                    1IRO 
_atom_sites.fract_transf_matrix[1][1]   0.01684107 
_atom_sites.fract_transf_matrix[1][2]   0.00559892 
_atom_sites.fract_transf_matrix[1][3]   0.00318261 
_atom_sites.fract_transf_matrix[2][1]   0.00552115 
_atom_sites.fract_transf_matrix[2][2]   0.00279862 
_atom_sites.fract_transf_matrix[2][3]   0.01693522 
_atom_sites.fract_transf_matrix[3][1]   0.00938596 
_atom_sites.fract_transf_matrix[3][2]   -0.02923938 
_atom_sites.fract_transf_matrix[3][3]   0.00177196 
_atom_sites.fract_transf_vector[1]      0.526285 
_atom_sites.fract_transf_vector[2]      0.450350 
_atom_sites.fract_transf_vector[3]      0.589582 
# 
loop_
_atom_type.symbol 
C  
FE 
H  
N  
O  
S  
# 
loop_
_atom_site.group_PDB 
_atom_site.id 
_atom_site.type_symbol 
_atom_site.label_atom_id 
_atom_site.label_alt_id 
_atom_site.label_comp_id 
_atom_site.label_asym_id 
_atom_site.label_entity_id 
_atom_site.label_seq_id 
_atom_site.pdbx_PDB_ins_code 
_atom_site.Cartn_x 
_atom_site.Cartn_y 
_atom_site.Cartn_z 
_atom_site.occupancy 
_atom_site.B_iso_or_equiv 
_atom_site.pdbx_formal_charge 
_atom_site.auth_seq_id 
_atom_site.auth_comp_id 
_atom_site.auth_asym_id 
_atom_site.auth_atom_id 
_atom_site.pdbx_PDB_model_num 
ATOM   1   N  N    . MET A 1 1  ? -2.669  12.788  2.102   1.00 34.33 ? 1   MET A N    1 
ATOM   2   C  CA   . MET A 1 1  ? -2.870  11.570  1.321   1.00 25.35 ? 1   MET A CA   1 
ATOM   3   C  C    . MET A 1 1  ? -3.488  10.521  2.246   1.00 24.33 ? 1   MET A C    1 
ATOM   4   O  O    . MET A 1 1  ? -3.252  10.566  3.454   1.00 29.82 ? 1   MET A O    1 
ATOM   5   C  CB   . MET A 1 1  ? -1.462  11.021  0.944   1.00 27.43 ? 1   MET A CB   1 
ATOM   6   C  CG   . MET A 1 1  ? -0.896  11.858  -0.238  1.00 28.03 ? 1   MET A CG   1 
ATOM   7   S  SD   . MET A 1 1  ? 0.718   11.194  -0.676  1.00 28.69 ? 1   MET A SD   1 
ATOM   8   C  CE   . MET A 1 1  ? 1.604   11.863  0.769   1.00 35.69 ? 1   MET A CE   1 
ATOM   9   H  H1   . MET A 1 1  ? -3.454  13.073  2.414   1.00 51.50 ? 1   MET A H1   1 
ATOM   10  H  H2   . MET A 1 1  ? -2.124  12.616  2.784   1.00 51.50 ? 1   MET A H2   1 
ATOM   11  H  H3   . MET A 1 1  ? -2.310  13.416  1.585   1.00 51.50 ? 1   MET A H3   1 
ATOM   12  H  HA   . MET A 1 1  ? -3.424  11.731  0.529   1.00 30.42 ? 1   MET A HA   1 
ATOM   13  H  HB2  . MET A 1 1  ? -0.868  11.083  1.708   1.00 32.91 ? 1   MET A HB2  1 
ATOM   14  H  HB3  . MET A 1 1  ? -1.531  10.088  0.686   1.00 32.91 ? 1   MET A HB3  1 
ATOM   15  H  HG2  . MET A 1 1  ? -1.495  11.806  -1.000  1.00 33.64 ? 1   MET A HG2  1 
ATOM   16  H  HG3  . MET A 1 1  ? -0.813  12.789  0.023   1.00 33.64 ? 1   MET A HG3  1 
ATOM   17  H  HE1  . MET A 1 1  ? 1.536   12.821  0.771   1.00 53.54 ? 1   MET A HE1  1 
ATOM   18  H  HE2  . MET A 1 1  ? 1.215   11.513  1.573   1.00 53.54 ? 1   MET A HE2  1 
ATOM   19  H  HE3  . MET A 1 1  ? 2.529   11.608  0.723   1.00 53.54 ? 1   MET A HE3  1 
ATOM   20  N  N    . LYS A 1 2  ? -4.260  9.652   1.700   1.00 18.08 ? 2   LYS A N    1 
ATOM   21  C  CA   . LYS A 1 2  ? -5.010  8.709   2.430   1.00 17.06 ? 2   LYS A CA   1 
ATOM   22  C  C    . LYS A 1 2  ? -4.264  7.445   2.684   1.00 13.85 ? 2   LYS A C    1 
ATOM   23  O  O    . LYS A 1 2  ? -3.508  6.992   1.820   1.00 14.56 ? 2   LYS A O    1 
ATOM   24  C  CB   . LYS A 1 2  ? -6.336  8.355   1.610   1.00 22.63 ? 2   LYS A CB   1 
ATOM   25  C  CG   . LYS A 1 2  ? -7.225  9.573   1.497   1.00 32.79 ? 2   LYS A CG   1 
ATOM   26  C  CD   . LYS A 1 2  ? -7.391  10.282  2.816   1.00 36.38 ? 2   LYS A CD   1 
ATOM   27  C  CE   . LYS A 1 2  ? -8.237  11.539  2.686   0.00 35.17 ? 2   LYS A CE   1 
ATOM   28  N  NZ   . LYS A 1 2  ? -8.450  12.203  4.002   0.00 35.70 ? 2   LYS A NZ   1 
ATOM   29  H  H    . LYS A 1 2  ? -4.322  9.646   0.842   1.00 21.70 ? 2   LYS A H    1 
ATOM   30  H  HA   . LYS A 1 2  ? -5.266  9.104   3.289   1.00 20.47 ? 2   LYS A HA   1 
ATOM   31  H  HB2  . LYS A 1 2  ? -6.096  8.043   0.723   1.00 27.16 ? 2   LYS A HB2  1 
ATOM   32  H  HB3  . LYS A 1 2  ? -6.816  7.642   2.060   1.00 27.16 ? 2   LYS A HB3  1 
ATOM   33  N  N    . LYS A 1 3  ? -4.513  6.816   3.800   1.00 14.14 ? 3   LYS A N    1 
ATOM   34  C  CA   . LYS A 1 3  ? -4.099  5.463   4.061   1.00 11.64 ? 3   LYS A CA   1 
ATOM   35  C  C    . LYS A 1 3  ? -4.989  4.457   3.318   1.00 11.02 ? 3   LYS A C    1 
ATOM   36  O  O    . LYS A 1 3  ? -6.149  4.763   3.032   1.00 13.02 ? 3   LYS A O    1 
ATOM   37  C  CB   . LYS A 1 3  ? -4.135  5.193   5.530   1.00 13.78 ? 3   LYS A CB   1 
ATOM   38  C  CG   . LYS A 1 3  ? -3.215  6.024   6.354   1.00 17.59 ? 3   LYS A CG   1 
ATOM   39  C  CD   . LYS A 1 3  ? -3.328  5.801   7.833   1.00 24.27 ? 3   LYS A CD   1 
ATOM   40  C  CE   . LYS A 1 3  ? -2.671  6.880   8.630   1.00 34.90 ? 3   LYS A CE   1 
ATOM   41  N  NZ   . LYS A 1 3  ? -2.912  6.567   10.146  1.00 47.50 ? 3   LYS A NZ   1 
ATOM   42  H  H    . LYS A 1 3  ? -4.948  7.233   4.414   1.00 16.97 ? 3   LYS A H    1 
ATOM   43  H  HA   . LYS A 1 3  ? -3.177  5.354   3.747   1.00 13.97 ? 3   LYS A HA   1 
ATOM   44  H  HB2  . LYS A 1 3  ? -5.041  5.332   5.846   1.00 16.53 ? 3   LYS A HB2  1 
ATOM   45  H  HB3  . LYS A 1 3  ? -3.917  4.258   5.675   1.00 16.53 ? 3   LYS A HB3  1 
ATOM   46  H  HG2  . LYS A 1 3  ? -2.302  5.839   6.083   1.00 21.11 ? 3   LYS A HG2  1 
ATOM   47  H  HG3  . LYS A 1 3  ? -3.392  6.960   6.168   1.00 21.11 ? 3   LYS A HG3  1 
ATOM   48  H  HD2  . LYS A 1 3  ? -4.267  5.755   8.076   1.00 29.12 ? 3   LYS A HD2  1 
ATOM   49  H  HD3  . LYS A 1 3  ? -2.923  4.949   8.057   1.00 29.12 ? 3   LYS A HD3  1 
ATOM   50  H  HE2  . LYS A 1 3  ? -1.720  6.904   8.441   1.00 41.88 ? 3   LYS A HE2  1 
ATOM   51  H  HE3  . LYS A 1 3  ? -3.051  7.743   8.403   1.00 41.88 ? 3   LYS A HE3  1 
ATOM   52  H  HZ1  . LYS A 1 3  ? -2.556  5.776   10.346  1.00 71.25 ? 3   LYS A HZ1  1 
ATOM   53  H  HZ2  . LYS A 1 3  ? -2.527  7.198   10.644  1.00 71.25 ? 3   LYS A HZ2  1 
ATOM   54  H  HZ3  . LYS A 1 3  ? -3.785  6.551   10.312  1.00 71.25 ? 3   LYS A HZ3  1 
ATOM   55  N  N    . TYR A 1 4  ? -4.430  3.293   3.032   1.00 9.75  ? 4   TYR A N    1 
ATOM   56  C  CA   . TYR A 1 4  ? -5.128  2.215   2.404   1.00 9.85  ? 4   TYR A CA   1 
ATOM   57  C  C    . TYR A 1 4  ? -4.908  0.955   3.231   1.00 9.91  ? 4   TYR A C    1 
ATOM   58  O  O    . TYR A 1 4  ? -3.821  0.767   3.733   1.00 14.16 ? 4   TYR A O    1 
ATOM   59  C  CB   . TYR A 1 4  ? -4.691  1.964   0.949   1.00 10.04 ? 4   TYR A CB   1 
ATOM   60  C  CG   . TYR A 1 4  ? -5.256  2.991   0.016   1.00 9.89  ? 4   TYR A CG   1 
ATOM   61  C  CD1  . TYR A 1 4  ? -4.883  4.324   0.047   1.00 11.03 ? 4   TYR A CD1  1 
ATOM   62  C  CD2  . TYR A 1 4  ? -6.201  2.601   -0.945  1.00 10.66 ? 4   TYR A CD2  1 
ATOM   63  C  CE1  . TYR A 1 4  ? -5.471  5.228   -0.799  1.00 11.92 ? 4   TYR A CE1  1 
ATOM   64  C  CE2  . TYR A 1 4  ? -6.761  3.506   -1.794  1.00 12.10 ? 4   TYR A CE2  1 
ATOM   65  C  CZ   . TYR A 1 4  ? -6.402  4.812   -1.731  1.00 11.72 ? 4   TYR A CZ   1 
ATOM   66  O  OH   . TYR A 1 4  ? -6.959  5.790   -2.533  1.00 15.69 ? 4   TYR A OH   1 
ATOM   67  H  H    . TYR A 1 4  ? -3.602  3.178   3.235   1.00 11.70 ? 4   TYR A H    1 
ATOM   68  H  HA   . TYR A 1 4  ? -6.086  2.424   2.408   1.00 11.81 ? 4   TYR A HA   1 
ATOM   69  H  HB2  . TYR A 1 4  ? -3.723  1.983   0.898   1.00 12.05 ? 4   TYR A HB2  1 
ATOM   70  H  HB3  . TYR A 1 4  ? -4.988  1.082   0.674   1.00 12.05 ? 4   TYR A HB3  1 
ATOM   71  H  HD1  . TYR A 1 4  ? -4.230  4.607   0.644   1.00 13.24 ? 4   TYR A HD1  1 
ATOM   72  H  HD2  . TYR A 1 4  ? -6.450  1.707   -1.003  1.00 12.80 ? 4   TYR A HD2  1 
ATOM   73  H  HE1  . TYR A 1 4  ? -5.243  6.129   -0.745  1.00 14.30 ? 4   TYR A HE1  1 
ATOM   74  H  HE2  . TYR A 1 4  ? -7.391  3.228   -2.419  1.00 14.52 ? 4   TYR A HE2  1 
ATOM   75  H  HH   . TYR A 1 4  ? -7.517  5.451   -3.029  1.00 23.54 ? 4   TYR A HH   1 
ATOM   76  N  N    . THR A 1 5  ? -5.898  0.109   3.312   1.00 10.25 ? 5   THR A N    1 
ATOM   77  C  CA   . THR A 1 5  ? -5.753  -1.111  4.048   1.00 10.59 ? 5   THR A CA   1 
ATOM   78  C  C    . THR A 1 5  ? -5.892  -2.301  3.125   1.00 8.86  ? 5   THR A C    1 
ATOM   79  O  O    . THR A 1 5  ? -6.723  -2.350  2.244   1.00 10.48 ? 5   THR A O    1 
ATOM   80  C  CB   A THR A 1 5  ? -6.613  -1.180  5.248   0.69 13.26 ? 5   THR A CB   1 
ATOM   81  C  CB   B THR A 1 5  ? -7.130  -1.272  4.899   0.31 9.93  ? 5   THR A CB   1 
ATOM   82  O  OG1  A THR A 1 5  ? -6.455  -2.447  5.974   0.69 19.29 ? 5   THR A OG1  1 
ATOM   83  O  OG1  B THR A 1 5  ? -7.295  -0.052  5.740   0.31 15.26 ? 5   THR A OG1  1 
ATOM   84  C  CG2  A THR A 1 5  ? -8.023  -1.218  4.815   0.69 16.73 ? 5   THR A CG2  1 
ATOM   85  C  CG2  B THR A 1 5  ? -6.366  -2.084  5.945   0.31 11.66 ? 5   THR A CG2  1 
ATOM   86  H  H    . THR A 1 5  ? -6.643  0.285   2.921   1.00 12.29 ? 5   THR A H    1 
ATOM   87  H  HA   . THR A 1 5  ? -4.829  -1.125  4.375   1.00 12.71 ? 5   THR A HA   1 
ATOM   88  N  N    . CYS A 1 6  ? -5.031  -3.303  3.383   1.00 9.01  ? 6   CYS A N    1 
ATOM   89  C  CA   . CYS A 1 6  ? -5.133  -4.596  2.761   1.00 8.85  ? 6   CYS A CA   1 
ATOM   90  C  C    . CYS A 1 6  ? -6.281  -5.323  3.367   1.00 9.54  ? 6   CYS A C    1 
ATOM   91  O  O    . CYS A 1 6  ? -6.303  -5.634  4.541   1.00 10.81 ? 6   CYS A O    1 
ATOM   92  C  CB   . CYS A 1 6  ? -3.856  -5.388  3.001   1.00 9.57  ? 6   CYS A CB   1 
ATOM   93  S  SG   . CYS A 1 6  ? -3.966  -7.014  2.259   1.00 11.01 ? 6   CYS A SG   1 
ATOM   94  H  H    . CYS A 1 6  ? -4.394  -3.164  3.943   1.00 10.82 ? 6   CYS A H    1 
ATOM   95  H  HA   . CYS A 1 6  ? -5.280  -4.489  1.798   1.00 10.62 ? 6   CYS A HA   1 
ATOM   96  H  HB2  . CYS A 1 6  ? -3.103  -4.909  2.621   1.00 11.48 ? 6   CYS A HB2  1 
ATOM   97  H  HB3  . CYS A 1 6  ? -3.705  -5.478  3.955   1.00 11.48 ? 6   CYS A HB3  1 
ATOM   98  N  N    . THR A 1 7  ? -7.340  -5.584  2.576   1.00 10.26 ? 7   THR A N    1 
ATOM   99  C  CA   . THR A 1 7  ? -8.537  -6.173  3.137   1.00 12.01 ? 7   THR A CA   1 
ATOM   100 C  C    . THR A 1 7  ? -8.416  -7.635  3.410   1.00 13.13 ? 7   THR A C    1 
ATOM   101 O  O    . THR A 1 7  ? -9.268  -8.212  4.094   1.00 17.51 ? 7   THR A O    1 
ATOM   102 C  CB   . THR A 1 7  ? -9.770  -5.864  2.341   1.00 14.35 ? 7   THR A CB   1 
ATOM   103 O  OG1  . THR A 1 7  ? -9.722  -6.603  1.131   1.00 14.97 ? 7   THR A OG1  1 
ATOM   104 C  CG2  . THR A 1 7  ? -10.020 -4.384  2.119   1.00 17.23 ? 7   THR A CG2  1 
ATOM   105 H  H    . THR A 1 7  ? -7.303  -5.401  1.737   1.00 12.31 ? 7   THR A H    1 
ATOM   106 H  HA   . THR A 1 7  ? -8.665  -5.745  4.008   1.00 14.41 ? 7   THR A HA   1 
ATOM   107 H  HB   . THR A 1 7  ? -10.532 -6.207  2.852   1.00 17.23 ? 7   THR A HB   1 
ATOM   108 H  HG1  . THR A 1 7  ? -10.391 -6.443  0.686   1.00 22.45 ? 7   THR A HG1  1 
ATOM   109 H  HG21 . THR A 1 7  ? -10.117 -3.945  2.967   1.00 25.84 ? 7   THR A HG21 1 
ATOM   110 H  HG22 . THR A 1 7  ? -9.278  -4.002  1.645   1.00 25.84 ? 7   THR A HG22 1 
ATOM   111 H  HG23 . THR A 1 7  ? -10.822 -4.269  1.605   1.00 25.84 ? 7   THR A HG23 1 
ATOM   112 N  N    . VAL A 1 8  ? -7.338  -8.285  2.994   1.00 11.30 ? 8   VAL A N    1 
ATOM   113 C  CA   . VAL A 1 8  ? -7.054  -9.665  3.278   1.00 11.61 ? 8   VAL A CA   1 
ATOM   114 C  C    . VAL A 1 8  ? -6.365  -9.859  4.600   1.00 12.45 ? 8   VAL A C    1 
ATOM   115 O  O    . VAL A 1 8  ? -6.755  -10.720 5.359   1.00 17.94 ? 8   VAL A O    1 
ATOM   116 C  CB   . VAL A 1 8  ? -6.253  -10.252 2.126   1.00 14.31 ? 8   VAL A CB   1 
ATOM   117 C  CG1  . VAL A 1 8  ? -5.668  -11.603 2.536   1.00 17.67 ? 8   VAL A CG1  1 
ATOM   118 C  CG2  . VAL A 1 8  ? -7.120  -10.327 0.902   1.00 17.97 ? 8   VAL A CG2  1 
ATOM   119 H  H    . VAL A 1 8  ? -6.767  -7.850  2.520   1.00 13.56 ? 8   VAL A H    1 
ATOM   120 H  HA   . VAL A 1 8  ? -7.910  -10.142 3.316   1.00 13.93 ? 8   VAL A HA   1 
ATOM   121 H  HB   . VAL A 1 8  ? -5.508  -9.645  1.934   1.00 17.18 ? 8   VAL A HB   1 
ATOM   122 H  HG11 . VAL A 1 8  ? -5.126  -11.492 3.321   1.00 26.50 ? 8   VAL A HG11 1 
ATOM   123 H  HG12 . VAL A 1 8  ? -6.382  -12.216 2.726   1.00 26.50 ? 8   VAL A HG12 1 
ATOM   124 H  HG13 . VAL A 1 8  ? -5.130  -11.950 1.821   1.00 26.50 ? 8   VAL A HG13 1 
ATOM   125 H  HG21 . VAL A 1 8  ? -7.420  -9.445  0.668   1.00 26.96 ? 8   VAL A HG21 1 
ATOM   126 H  HG22 . VAL A 1 8  ? -6.615  -10.697 0.174   1.00 26.96 ? 8   VAL A HG22 1 
ATOM   127 H  HG23 . VAL A 1 8  ? -7.879  -10.887 1.083   1.00 26.96 ? 8   VAL A HG23 1 
ATOM   128 N  N    . CYS A 1 9  ? -5.379  -9.040  4.941   1.00 11.26 ? 9   CYS A N    1 
ATOM   129 C  CA   . CYS A 1 9  ? -4.638  -9.223  6.144   1.00 10.93 ? 9   CYS A CA   1 
ATOM   130 C  C    . CYS A 1 9  ? -4.672  -8.092  7.139   1.00 10.48 ? 9   CYS A C    1 
ATOM   131 O  O    . CYS A 1 9  ? -4.286  -8.312  8.300   1.00 12.36 ? 9   CYS A O    1 
ATOM   132 C  CB   . CYS A 1 9  ? -3.180  -9.595  5.870   1.00 12.07 ? 9   CYS A CB   1 
ATOM   133 S  SG   . CYS A 1 9  ? -2.136  -8.134  5.384   1.00 12.70 ? 9   CYS A SG   1 
ATOM   134 H  H    . CYS A 1 9  ? -5.182  -8.384  4.422   1.00 13.51 ? 9   CYS A H    1 
ATOM   135 H  HA   . CYS A 1 9  ? -5.036  -9.996  6.596   1.00 13.12 ? 9   CYS A HA   1 
ATOM   136 H  HB2  . CYS A 1 9  ? -2.803  -10.002 6.667   1.00 14.48 ? 9   CYS A HB2  1 
ATOM   137 H  HB3  . CYS A 1 9  ? -3.151  -10.255 5.160   1.00 14.48 ? 9   CYS A HB3  1 
ATOM   138 N  N    . GLY A 1 10 ? -5.075  -6.895  6.772   1.00 10.66 ? 10  GLY A N    1 
ATOM   139 C  CA   . GLY A 1 10 ? -5.131  -5.787  7.635   1.00 11.81 ? 10  GLY A CA   1 
ATOM   140 C  C    . GLY A 1 10 ? -3.980  -4.818  7.650   1.00 11.12 ? 10  GLY A C    1 
ATOM   141 O  O    . GLY A 1 10 ? -4.030  -3.801  8.317   1.00 13.37 ? 10  GLY A O    1 
ATOM   142 H  H    . GLY A 1 10 ? -5.317  -6.782  5.955   1.00 12.79 ? 10  GLY A H    1 
ATOM   143 H  HA2  . GLY A 1 10 ? -5.933  -5.286  7.416   1.00 14.18 ? 10  GLY A HA2  1 
ATOM   144 H  HA3  . GLY A 1 10 ? -5.243  -6.123  8.537   1.00 14.18 ? 10  GLY A HA3  1 
ATOM   145 N  N    . TYR A 1 11 ? -2.932  -5.096  6.904   1.00 11.11 ? 11  TYR A N    1 
ATOM   146 C  CA   . TYR A 1 11 ? -1.828  -4.179  6.733   1.00 11.37 ? 11  TYR A CA   1 
ATOM   147 C  C    . TYR A 1 11 ? -2.332  -2.816  6.291   1.00 10.24 ? 11  TYR A C    1 
ATOM   148 O  O    . TYR A 1 11 ? -3.212  -2.751  5.447   1.00 11.47 ? 11  TYR A O    1 
ATOM   149 C  CB   . TYR A 1 11 ? -0.872  -4.724  5.660   1.00 11.98 ? 11  TYR A CB   1 
ATOM   150 C  CG   . TYR A 1 11 ? 0.182   -3.757  5.186   1.00 12.17 ? 11  TYR A CG   1 
ATOM   151 C  CD1  . TYR A 1 11 ? 1.345   -3.533  5.890   1.00 15.96 ? 11  TYR A CD1  1 
ATOM   152 C  CD2  . TYR A 1 11 ? 0.022   -3.075  4.016   1.00 12.26 ? 11  TYR A CD2  1 
ATOM   153 C  CE1  . TYR A 1 11 ? 2.298   -2.648  5.432   1.00 17.27 ? 11  TYR A CE1  1 
ATOM   154 C  CE2  . TYR A 1 11 ? 0.937   -2.169  3.559   1.00 13.53 ? 11  TYR A CE2  1 
ATOM   155 C  CZ   . TYR A 1 11 ? 2.074   -1.952  4.247   1.00 15.31 ? 11  TYR A CZ   1 
ATOM   156 O  OH   . TYR A 1 11 ? 3.007   -1.063  3.806   1.00 18.81 ? 11  TYR A OH   1 
ATOM   157 H  H    . TYR A 1 11 ? -2.903  -5.856  6.502   1.00 13.33 ? 11  TYR A H    1 
ATOM   158 H  HA   . TYR A 1 11 ? -1.346  -4.088  7.581   1.00 13.65 ? 11  TYR A HA   1 
ATOM   159 H  HB2  . TYR A 1 11 ? -0.430  -5.511  6.015   1.00 14.38 ? 11  TYR A HB2  1 
ATOM   160 H  HB3  . TYR A 1 11 ? -1.398  -5.006  4.895   1.00 14.38 ? 11  TYR A HB3  1 
ATOM   161 H  HD1  . TYR A 1 11 ? 1.489   -3.985  6.690   1.00 19.15 ? 11  TYR A HD1  1 
ATOM   162 H  HD2  . TYR A 1 11 ? -0.741  -3.233  3.509   1.00 14.71 ? 11  TYR A HD2  1 
ATOM   163 H  HE1  . TYR A 1 11 ? 3.085   -2.517  5.910   1.00 20.72 ? 11  TYR A HE1  1 
ATOM   164 H  HE2  . TYR A 1 11 ? 0.774   -1.702  2.770   1.00 16.23 ? 11  TYR A HE2  1 
ATOM   165 H  HH   . TYR A 1 11 ? 3.637   -1.045  4.332   1.00 28.21 ? 11  TYR A HH   1 
ATOM   166 N  N    . ILE A 1 12 ? -1.758  -1.790  6.824   1.00 11.17 ? 12  ILE A N    1 
ATOM   167 C  CA   . ILE A 1 12 ? -2.048  -0.423  6.458   1.00 11.57 ? 12  ILE A CA   1 
ATOM   168 C  C    . ILE A 1 12 ? -0.912  0.178   5.696   1.00 10.54 ? 12  ILE A C    1 
ATOM   169 O  O    . ILE A 1 12 ? 0.231   0.244   6.162   1.00 13.08 ? 12  ILE A O    1 
ATOM   170 C  CB   . ILE A 1 12 ? -2.383  0.456   7.670   1.00 15.54 ? 12  ILE A CB   1 
ATOM   171 C  CG1  A ILE A 1 12 ? -3.460  -0.043  8.549   0.55 18.99 ? 12  ILE A CG1  1 
ATOM   172 C  CG1  B ILE A 1 12 ? -3.905  -0.283  8.134   0.45 19.90 ? 12  ILE A CG1  1 
ATOM   173 C  CG2  . ILE A 1 12 ? -2.592  1.934   7.199   1.00 20.64 ? 12  ILE A CG2  1 
ATOM   174 C  CD1  A ILE A 1 12 ? -4.841  -0.032  7.835   0.55 25.92 ? 12  ILE A CD1  1 
ATOM   175 C  CD1  B ILE A 1 12 ? -4.319  0.612   9.382   0.45 21.09 ? 12  ILE A CD1  1 
ATOM   176 H  H    . ILE A 1 12 ? -1.169  -1.928  7.436   1.00 13.41 ? 12  ILE A H    1 
ATOM   177 H  HA   . ILE A 1 12 ? -2.831  -0.431  5.869   1.00 13.89 ? 12  ILE A HA   1 
ATOM   178 H  HB   . ILE A 1 12 ? -1.574  0.467   8.222   1.00 18.65 ? 12  ILE A HB   1 
ATOM   179 H  HG21 . ILE A 1 12 ? -3.313  1.970   6.566   1.00 30.96 ? 12  ILE A HG21 1 
ATOM   180 H  HG22 . ILE A 1 12 ? -2.801  2.486   7.956   1.00 30.96 ? 12  ILE A HG22 1 
ATOM   181 H  HG23 . ILE A 1 12 ? -1.787  2.254   6.783   1.00 30.96 ? 12  ILE A HG23 1 
ATOM   182 N  N    . TYR A 1 13 ? -1.160  0.623   4.480   1.00 10.07 ? 13  TYR A N    1 
ATOM   183 C  CA   . TYR A 1 13 ? -0.247  1.436   3.722   1.00 9.56  ? 13  TYR A CA   1 
ATOM   184 C  C    . TYR A 1 13 ? -0.379  2.857   4.169   1.00 10.28 ? 13  TYR A C    1 
ATOM   185 O  O    . TYR A 1 13 ? -1.463  3.446   4.025   1.00 11.76 ? 13  TYR A O    1 
ATOM   186 C  CB   . TYR A 1 13 ? -0.466  1.327   2.222   1.00 10.30 ? 13  TYR A CB   1 
ATOM   187 C  CG   . TYR A 1 13 ? 0.474   2.228   1.491   1.00 9.88  ? 13  TYR A CG   1 
ATOM   188 C  CD1  . TYR A 1 13 ? 1.800   1.900   1.352   1.00 10.24 ? 13  TYR A CD1  1 
ATOM   189 C  CD2  . TYR A 1 13 ? 0.077   3.443   0.993   1.00 10.13 ? 13  TYR A CD2  1 
ATOM   190 C  CE1  . TYR A 1 13 ? 2.695   2.748   0.757   1.00 10.55 ? 13  TYR A CE1  1 
ATOM   191 C  CE2  . TYR A 1 13 ? 0.984   4.334   0.388   1.00 10.01 ? 13  TYR A CE2  1 
ATOM   192 C  CZ   . TYR A 1 13 ? 2.301   3.959   0.290   1.00 9.98  ? 13  TYR A CZ   1 
ATOM   193 O  OH   . TYR A 1 13 ? 3.235   4.796   -0.262  1.00 11.42 ? 13  TYR A OH   1 
ATOM   194 H  H    . TYR A 1 13 ? -1.912  0.416   4.119   1.00 12.09 ? 13  TYR A H    1 
ATOM   195 H  HA   . TYR A 1 13 ? 0.665   1.137   3.921   1.00 11.47 ? 13  TYR A HA   1 
ATOM   196 H  HB2  . TYR A 1 13 ? -0.323  0.410   1.940   1.00 12.36 ? 13  TYR A HB2  1 
ATOM   197 H  HB3  . TYR A 1 13 ? -1.380  1.569   2.009   1.00 12.36 ? 13  TYR A HB3  1 
ATOM   198 H  HD1  . TYR A 1 13 ? 2.098   1.079   1.670   1.00 12.29 ? 13  TYR A HD1  1 
ATOM   199 H  HD2  . TYR A 1 13 ? -0.818  3.686   1.056   1.00 12.15 ? 13  TYR A HD2  1 
ATOM   200 H  HE1  . TYR A 1 13 ? 3.584   2.489   0.672   1.00 12.65 ? 13  TYR A HE1  1 
ATOM   201 H  HE2  . TYR A 1 13 ? 0.699   5.158   0.063   1.00 12.01 ? 13  TYR A HE2  1 
ATOM   202 H  HH   . TYR A 1 13 ? 2.871   5.490   -0.504  1.00 17.13 ? 13  TYR A HH   1 
ATOM   203 N  N    . ASN A 1 14 ? 0.683   3.449   4.715   1.00 11.22 ? 14  ASN A N    1 
ATOM   204 C  CA   . ASN A 1 14 ? 0.707   4.796   5.167   1.00 12.28 ? 14  ASN A CA   1 
ATOM   205 C  C    . ASN A 1 14 ? 1.645   5.570   4.219   1.00 11.28 ? 14  ASN A C    1 
ATOM   206 O  O    . ASN A 1 14 ? 2.822   5.315   4.208   1.00 12.11 ? 14  ASN A O    1 
ATOM   207 C  CB   . ASN A 1 14 ? 1.236   4.871   6.560   1.00 16.60 ? 14  ASN A CB   1 
ATOM   208 C  CG   . ASN A 1 14 ? 1.204   6.336   7.023   1.00 20.01 ? 14  ASN A CG   1 
ATOM   209 O  OD1  . ASN A 1 14 ? 1.068   7.301   6.293   1.00 22.51 ? 14  ASN A OD1  1 
ATOM   210 N  ND2  . ASN A 1 14 ? 1.312   6.378   8.331   1.00 32.58 ? 14  ASN A ND2  1 
ATOM   211 H  H    . ASN A 1 14 ? 1.402   2.984   4.800   1.00 13.47 ? 14  ASN A H    1 
ATOM   212 H  HA   . ASN A 1 14 ? -0.196  5.177   5.130   1.00 14.74 ? 14  ASN A HA   1 
ATOM   213 H  HB2  . ASN A 1 14 ? 0.694   4.326   7.150   1.00 19.93 ? 14  ASN A HB2  1 
ATOM   214 H  HB3  . ASN A 1 14 ? 2.147   4.537   6.586   1.00 19.93 ? 14  ASN A HB3  1 
ATOM   215 N  N    . PRO A 1 15 ? 1.109   6.485   3.426   1.00 12.68 ? 15  PRO A N    1 
ATOM   216 C  CA   . PRO A 1 15 ? 1.896   7.185   2.455   1.00 13.82 ? 15  PRO A CA   1 
ATOM   217 C  C    . PRO A 1 15 ? 3.059   7.962   3.081   1.00 14.24 ? 15  PRO A C    1 
ATOM   218 O  O    . PRO A 1 15 ? 4.027   8.144   2.368   1.00 17.92 ? 15  PRO A O    1 
ATOM   219 C  CB   A PRO A 1 15 ? 0.892   8.206   1.857   0.51 15.88 ? 15  PRO A CB   1 
ATOM   220 C  CB   B PRO A 1 15 ? 0.902   7.957   1.535   0.49 15.68 ? 15  PRO A CB   1 
ATOM   221 C  CG   A PRO A 1 15 ? -0.233  8.272   2.717   0.51 15.83 ? 15  PRO A CG   1 
ATOM   222 C  CG   B PRO A 1 15 ? -0.291  7.765   2.172   0.49 16.89 ? 15  PRO A CG   1 
ATOM   223 C  CD   . PRO A 1 15 ? -0.318  6.879   3.383   1.00 14.53 ? 15  PRO A CD   1 
ATOM   224 H  HA   . PRO A 1 15 ? 2.221   6.571   1.764   1.00 16.59 ? 15  PRO A HA   1 
ATOM   225 N  N    . GLU A 1 16 ? 2.986   8.374   4.337   1.00 16.26 ? 16  GLU A N    1 
ATOM   226 C  CA   . GLU A 1 16 ? 4.128   9.070   4.941   1.00 18.27 ? 16  GLU A CA   1 
ATOM   227 C  C    . GLU A 1 16 ? 5.307   8.161   5.149   1.00 17.89 ? 16  GLU A C    1 
ATOM   228 O  O    . GLU A 1 16 ? 6.411   8.675   5.229   1.00 21.16 ? 16  GLU A O    1 
ATOM   229 C  CB   . GLU A 1 16 ? 3.663   9.640   6.263   1.00 23.24 ? 16  GLU A CB   1 
ATOM   230 C  CG   . GLU A 1 16 ? 2.767   10.838  6.117   1.00 30.58 ? 16  GLU A CG   1 
ATOM   231 C  CD   . GLU A 1 16 ? 2.625   11.644  7.405   1.00 37.70 ? 16  GLU A CD   1 
ATOM   232 O  OE1  . GLU A 1 16 ? 3.211   11.323  8.475   1.00 54.86 ? 16  GLU A OE1  1 
ATOM   233 O  OE2  . GLU A 1 16 ? 2.058   12.742  7.247   1.00 54.38 ? 16  GLU A OE2  1 
ATOM   234 H  H    . GLU A 1 16 ? 2.273   8.235   4.797   1.00 19.52 ? 16  GLU A H    1 
ATOM   235 H  HA   . GLU A 1 16 ? 4.396   9.808   4.355   1.00 21.93 ? 16  GLU A HA   1 
ATOM   236 H  HB2  . GLU A 1 16 ? 3.187   8.951   6.753   1.00 27.89 ? 16  GLU A HB2  1 
ATOM   237 H  HB3  . GLU A 1 16 ? 4.440   9.892   6.787   1.00 27.89 ? 16  GLU A HB3  1 
ATOM   238 H  HG2  . GLU A 1 16 ? 3.123   11.414  5.422   1.00 36.69 ? 16  GLU A HG2  1 
ATOM   239 H  HG3  . GLU A 1 16 ? 1.888   10.540  5.833   1.00 36.69 ? 16  GLU A HG3  1 
ATOM   240 N  N    . ASP A 1 17 ? 5.067   6.896   5.271   1.00 14.97 ? 17  ASP A N    1 
ATOM   241 C  CA   . ASP A 1 17 ? 6.069   5.892   5.503   1.00 16.87 ? 17  ASP A CA   1 
ATOM   242 C  C    . ASP A 1 17 ? 6.523   5.214   4.202   1.00 13.33 ? 17  ASP A C    1 
ATOM   243 O  O    . ASP A 1 17 ? 7.643   4.769   4.107   1.00 16.17 ? 17  ASP A O    1 
ATOM   244 C  CB   . ASP A 1 17 ? 5.585   4.881   6.465   1.00 18.18 ? 17  ASP A CB   1 
ATOM   245 C  CG   . ASP A 1 17 ? 5.296   5.446   7.827   1.00 26.52 ? 17  ASP A CG   1 
ATOM   246 O  OD1  . ASP A 1 17 ? 5.991   6.369   8.247   1.00 31.13 ? 17  ASP A OD1  1 
ATOM   247 O  OD2  . ASP A 1 17 ? 4.410   4.876   8.481   1.00 37.44 ? 17  ASP A OD2  1 
ATOM   248 H  H    . ASP A 1 17 ? 4.250   6.636   5.209   1.00 17.97 ? 17  ASP A H    1 
ATOM   249 H  HA   . ASP A 1 17 ? 6.849   6.333   5.900   1.00 20.24 ? 17  ASP A HA   1 
ATOM   250 H  HB2  . ASP A 1 17 ? 4.776   4.477   6.115   1.00 21.82 ? 17  ASP A HB2  1 
ATOM   251 H  HB3  . ASP A 1 17 ? 6.252   4.182   6.549   1.00 21.82 ? 17  ASP A HB3  1 
ATOM   252 N  N    . GLY A 1 18 ? 5.604   5.086   3.278   1.00 12.76 ? 18  GLY A N    1 
ATOM   253 C  CA   . GLY A 1 18 ? 5.877   4.302   2.091   1.00 12.21 ? 18  GLY A CA   1 
ATOM   254 C  C    . GLY A 1 18 ? 6.061   2.840   2.412   1.00 11.28 ? 18  GLY A C    1 
ATOM   255 O  O    . GLY A 1 18 ? 5.608   2.300   3.401   1.00 13.16 ? 18  GLY A O    1 
ATOM   256 H  H    . GLY A 1 18 ? 4.839   5.468   3.375   1.00 15.31 ? 18  GLY A H    1 
ATOM   257 H  HA2  . GLY A 1 18 ? 5.142   4.401   1.467   1.00 14.65 ? 18  GLY A HA2  1 
ATOM   258 H  HA3  . GLY A 1 18 ? 6.680   4.638   1.664   1.00 14.65 ? 18  GLY A HA3  1 
ATOM   259 N  N    . ASP A 1 19 ? 6.767   2.168   1.493   1.00 10.85 ? 19  ASP A N    1 
ATOM   260 C  CA   . ASP A 1 19 ? 7.207   0.771   1.666   1.00 10.29 ? 19  ASP A CA   1 
ATOM   261 C  C    . ASP A 1 19 ? 8.597   0.729   1.022   1.00 10.43 ? 19  ASP A C    1 
ATOM   262 O  O    . ASP A 1 19 ? 8.777   0.155   -0.055  1.00 10.66 ? 19  ASP A O    1 
ATOM   263 C  CB   . ASP A 1 19 ? 6.250   -0.186  1.024   1.00 10.97 ? 19  ASP A CB   1 
ATOM   264 C  CG   . ASP A 1 19 ? 6.626   -1.635  1.186   1.00 11.46 ? 19  ASP A CG   1 
ATOM   265 O  OD1  . ASP A 1 19 ? 7.257   -1.940  2.188   1.00 16.12 ? 19  ASP A OD1  1 
ATOM   266 O  OD2  . ASP A 1 19 ? 6.254   -2.429  0.334   1.00 12.91 ? 19  ASP A OD2  1 
ATOM   267 H  H    . ASP A 1 19 ? 6.975   2.572   0.763   1.00 13.02 ? 19  ASP A H    1 
ATOM   268 H  HA   . ASP A 1 19 ? 7.282   0.567   2.621   1.00 12.35 ? 19  ASP A HA   1 
ATOM   269 H  HB2  . ASP A 1 19 ? 5.370   -0.048  1.404   1.00 13.17 ? 19  ASP A HB2  1 
ATOM   270 H  HB3  . ASP A 1 19 ? 6.197   0.018   0.076   1.00 13.17 ? 19  ASP A HB3  1 
ATOM   271 N  N    . PRO A 1 20 ? 9.557   1.387   1.663   1.00 11.40 ? 20  PRO A N    1 
ATOM   272 C  CA   . PRO A 1 20 ? 10.835  1.639   0.996   1.00 11.41 ? 20  PRO A CA   1 
ATOM   273 C  C    . PRO A 1 20 ? 11.604  0.433   0.602   1.00 12.76 ? 20  PRO A C    1 
ATOM   274 O  O    . PRO A 1 20 ? 12.311  0.429   -0.396  1.00 13.90 ? 20  PRO A O    1 
ATOM   275 C  CB   . PRO A 1 20 ? 11.574  2.537   1.958   1.00 14.75 ? 20  PRO A CB   1 
ATOM   276 C  CG   . PRO A 1 20 ? 10.825  2.602   3.172   1.00 19.35 ? 20  PRO A CG   1 
ATOM   277 C  CD   . PRO A 1 20 ? 9.457   2.095   2.949   1.00 12.78 ? 20  PRO A CD   1 
ATOM   278 H  HA   . PRO A 1 20 ? 10.652  2.156   0.184   1.00 13.69 ? 20  PRO A HA   1 
ATOM   279 H  HB2  . PRO A 1 20 ? 12.461  2.182   2.131   1.00 17.70 ? 20  PRO A HB2  1 
ATOM   280 H  HB3  . PRO A 1 20 ? 11.669  3.425   1.578   1.00 17.70 ? 20  PRO A HB3  1 
ATOM   281 H  HG2  . PRO A 1 20 ? 11.263  2.070   3.854   1.00 23.22 ? 20  PRO A HG2  1 
ATOM   282 H  HG3  . PRO A 1 20 ? 10.786  3.520   3.483   1.00 23.22 ? 20  PRO A HG3  1 
ATOM   283 H  HD2  . PRO A 1 20 ? 9.189   1.491   3.660   1.00 15.34 ? 20  PRO A HD2  1 
ATOM   284 H  HD3  . PRO A 1 20 ? 8.819   2.824   2.897   1.00 15.34 ? 20  PRO A HD3  1 
ATOM   285 N  N    . ASP A 1 21 ? 11.509  -0.656  1.381   1.00 13.84 ? 21  ASP A N    1 
ATOM   286 C  CA   . ASP A 1 21 ? 12.256  -1.841  1.087   1.00 16.07 ? 21  ASP A CA   1 
ATOM   287 C  C    . ASP A 1 21 ? 11.801  -2.532  -0.211  1.00 14.77 ? 21  ASP A C    1 
ATOM   288 O  O    . ASP A 1 21 ? 12.530  -3.324  -0.713  1.00 17.51 ? 21  ASP A O    1 
ATOM   289 C  CB   . ASP A 1 21 ? 12.225  -2.812  2.197   1.00 23.28 ? 21  ASP A CB   1 
ATOM   290 C  CG   . ASP A 1 21 ? 12.953  -2.368  3.420   1.00 35.45 ? 21  ASP A CG   1 
ATOM   291 O  OD1  . ASP A 1 21 ? 13.744  -1.350  3.378   1.00 42.86 ? 21  ASP A OD1  1 
ATOM   292 O  OD2  . ASP A 1 21 ? 12.783  -3.073  4.450   1.00 41.87 ? 21  ASP A OD2  1 
ATOM   293 H  H    . ASP A 1 21 ? 10.990  -0.642  2.068   1.00 16.61 ? 21  ASP A H    1 
ATOM   294 H  HA   . ASP A 1 21 ? 13.190  -1.572  0.961   1.00 19.28 ? 21  ASP A HA   1 
ATOM   295 H  HB2  . ASP A 1 21 ? 11.300  -2.985  2.432   1.00 27.93 ? 21  ASP A HB2  1 
ATOM   296 H  HB3  . ASP A 1 21 ? 12.612  -3.647  1.891   1.00 27.93 ? 21  ASP A HB3  1 
ATOM   297 N  N    . ASN A 1 22 ? 10.601  -2.168  -0.649  1.00 13.18 ? 22  ASN A N    1 
ATOM   298 C  CA   . ASN A 1 22 ? 10.081  -2.636  -1.884  1.00 14.29 ? 22  ASN A CA   1 
ATOM   299 C  C    . ASN A 1 22 ? 9.984   -1.509  -2.935  1.00 12.75 ? 22  ASN A C    1 
ATOM   300 O  O    . ASN A 1 22 ? 9.257   -1.639  -3.890  1.00 16.59 ? 22  ASN A O    1 
ATOM   301 C  CB   . ASN A 1 22 ? 8.724   -3.304  -1.667  1.00 15.76 ? 22  ASN A CB   1 
ATOM   302 C  CG   . ASN A 1 22 ? 8.927   -4.527  -0.754  1.00 20.19 ? 22  ASN A CG   1 
ATOM   303 O  OD1  . ASN A 1 22 ? 9.722   -5.455  -1.118  1.00 25.48 ? 22  ASN A OD1  1 
ATOM   304 N  ND2  . ASN A 1 22 ? 8.373   -4.494  0.455   1.00 22.76 ? 22  ASN A ND2  1 
ATOM   305 H  H    . ASN A 1 22 ? 10.126  -1.634  -0.171  1.00 15.82 ? 22  ASN A H    1 
ATOM   306 H  HA   . ASN A 1 22 ? 10.697  -3.314  -2.230  1.00 17.14 ? 22  ASN A HA   1 
ATOM   307 H  HB2  . ASN A 1 22 ? 8.108   -2.679  -1.253  1.00 18.92 ? 22  ASN A HB2  1 
ATOM   308 H  HB3  . ASN A 1 22 ? 8.351   -3.584  -2.517  1.00 18.92 ? 22  ASN A HB3  1 
ATOM   309 N  N    . GLY A 1 23 ? 10.734  -0.456  -2.724  1.00 11.90 ? 23  GLY A N    1 
ATOM   310 C  CA   . GLY A 1 23 ? 10.864  0.573   -3.707  1.00 12.45 ? 23  GLY A CA   1 
ATOM   311 C  C    . GLY A 1 23 ? 9.776   1.626   -3.730  1.00 10.58 ? 23  GLY A C    1 
ATOM   312 O  O    . GLY A 1 23 ? 9.752   2.374   -4.679  1.00 13.57 ? 23  GLY A O    1 
ATOM   313 H  H    . GLY A 1 23 ? 11.157  -0.383  -1.980  1.00 14.28 ? 23  GLY A H    1 
ATOM   314 H  HA2  . GLY A 1 23 ? 11.713  1.019   -3.567  1.00 14.94 ? 23  GLY A HA2  1 
ATOM   315 H  HA3  . GLY A 1 23 ? 10.898  0.154   -4.581  1.00 14.94 ? 23  GLY A HA3  1 
ATOM   316 N  N    . VAL A 1 24 ? 8.956   1.705   -2.711  1.00 9.57  ? 24  VAL A N    1 
ATOM   317 C  CA   . VAL A 1 24 ? 7.893   2.678   -2.619  1.00 8.94  ? 24  VAL A CA   1 
ATOM   318 C  C    . VAL A 1 24 ? 8.329   3.732   -1.603  1.00 8.37  ? 24  VAL A C    1 
ATOM   319 O  O    . VAL A 1 24 ? 8.327   3.465   -0.414  1.00 10.73 ? 24  VAL A O    1 
ATOM   320 C  CB   . VAL A 1 24 ? 6.569   2.057   -2.248  1.00 9.67  ? 24  VAL A CB   1 
ATOM   321 C  CG1  . VAL A 1 24 ? 5.526   3.113   -2.139  1.00 11.50 ? 24  VAL A CG1  1 
ATOM   322 C  CG2  . VAL A 1 24 ? 6.192   1.027   -3.292  1.00 12.17 ? 24  VAL A CG2  1 
ATOM   323 H  H    . VAL A 1 24 ? 9.057   1.150   -2.062  1.00 11.48 ? 24  VAL A H    1 
ATOM   324 H  HA   . VAL A 1 24 ? 7.795   3.112   -3.492  1.00 10.72 ? 24  VAL A HA   1 
ATOM   325 H  HB   . VAL A 1 24 ? 6.660   1.609   -1.380  1.00 11.60 ? 24  VAL A HB   1 
ATOM   326 H  HG11 . VAL A 1 24 ? 5.779   3.746   -1.462  1.00 17.24 ? 24  VAL A HG11 1 
ATOM   327 H  HG12 . VAL A 1 24 ? 5.438   3.565   -2.981  1.00 17.24 ? 24  VAL A HG12 1 
ATOM   328 H  HG13 . VAL A 1 24 ? 4.686   2.711   -1.903  1.00 17.24 ? 24  VAL A HG13 1 
ATOM   329 H  HG21 . VAL A 1 24 ? 6.879   0.358   -3.344  1.00 18.26 ? 24  VAL A HG21 1 
ATOM   330 H  HG22 . VAL A 1 24 ? 5.360   0.614   -3.049  1.00 18.26 ? 24  VAL A HG22 1 
ATOM   331 H  HG23 . VAL A 1 24 ? 6.099   1.456   -4.146  1.00 18.26 ? 24  VAL A HG23 1 
ATOM   332 N  N    . ASN A 1 25 ? 8.719   4.880   -2.074  1.00 8.97  ? 25  ASN A N    1 
ATOM   333 C  CA   . ASN A 1 25 ? 9.324   5.853   -1.206  1.00 9.34  ? 25  ASN A CA   1 
ATOM   334 C  C    . ASN A 1 25 ? 8.246   6.528   -0.351  1.00 10.15 ? 25  ASN A C    1 
ATOM   335 O  O    . ASN A 1 25 ? 7.098   6.677   -0.754  1.00 10.83 ? 25  ASN A O    1 
ATOM   336 C  CB   . ASN A 1 25 ? 10.086  6.904   -1.998  1.00 9.74  ? 25  ASN A CB   1 
ATOM   337 C  CG   . ASN A 1 25 ? 11.339  6.310   -2.622  1.00 9.16  ? 25  ASN A CG   1 
ATOM   338 O  OD1  . ASN A 1 25 ? 11.536  5.129   -2.587  1.00 10.00 ? 25  ASN A OD1  1 
ATOM   339 N  ND2  . ASN A 1 25 ? 12.124  7.166   -3.225  1.00 11.46 ? 25  ASN A ND2  1 
ATOM   340 H  H    . ASN A 1 25 ? 8.616   5.057   -2.909  1.00 10.76 ? 25  ASN A H    1 
ATOM   341 H  HA   . ASN A 1 25 ? 9.952   5.393   -0.611  1.00 11.21 ? 25  ASN A HA   1 
ATOM   342 H  HB2  . ASN A 1 25 ? 9.515   7.260   -2.697  1.00 11.69 ? 25  ASN A HB2  1 
ATOM   343 H  HB3  . ASN A 1 25 ? 10.333  7.635   -1.410  1.00 11.69 ? 25  ASN A HB3  1 
ATOM   344 H  HD21 . ASN A 1 25 ? 12.833  6.889   -3.629  1.00 13.75 ? 25  ASN A HD21 1 
ATOM   345 H  HD22 . ASN A 1 25 ? 11.934  8.005   -3.218  1.00 13.75 ? 25  ASN A HD22 1 
ATOM   346 N  N    . PRO A 1 26 ? 8.621   7.031   0.796   1.00 12.19 ? 26  PRO A N    1 
ATOM   347 C  CA   . PRO A 1 26 ? 7.755   7.906   1.561   1.00 12.64 ? 26  PRO A CA   1 
ATOM   348 C  C    . PRO A 1 26 ? 7.218   8.988   0.665   1.00 13.70 ? 26  PRO A C    1 
ATOM   349 O  O    . PRO A 1 26 ? 7.909   9.562   -0.170  1.00 15.48 ? 26  PRO A O    1 
ATOM   350 C  CB   . PRO A 1 26 ? 8.647   8.443   2.676   1.00 16.72 ? 26  PRO A CB   1 
ATOM   351 C  CG   . PRO A 1 26 ? 9.767   7.506   2.765   1.00 18.09 ? 26  PRO A CG   1 
ATOM   352 C  CD   . PRO A 1 26 ? 9.940   6.867   1.461   1.00 15.05 ? 26  PRO A CD   1 
ATOM   353 H  HA   . PRO A 1 26 ? 7.014   7.391   1.945   1.00 15.17 ? 26  PRO A HA   1 
ATOM   354 H  HB2  . PRO A 1 26 ? 8.964   9.335   2.461   1.00 20.07 ? 26  PRO A HB2  1 
ATOM   355 H  HB3  . PRO A 1 26 ? 8.162   8.478   3.515   1.00 20.07 ? 26  PRO A HB3  1 
ATOM   356 H  HG2  . PRO A 1 26 ? 10.577  7.979   3.014   1.00 21.71 ? 26  PRO A HG2  1 
ATOM   357 H  HG3  . PRO A 1 26 ? 9.585   6.834   3.442   1.00 21.71 ? 26  PRO A HG3  1 
ATOM   358 H  HD2  . PRO A 1 26 ? 10.641  7.303   0.953   1.00 18.06 ? 26  PRO A HD2  1 
ATOM   359 H  HD3  . PRO A 1 26 ? 10.162  5.928   1.562   1.00 18.06 ? 26  PRO A HD3  1 
ATOM   360 N  N    . GLY A 1 27 ? 5.954   9.331   0.879   1.00 13.18 ? 27  GLY A N    1 
ATOM   361 C  CA   . GLY A 1 27 ? 5.295   10.358  0.074   1.00 15.44 ? 27  GLY A CA   1 
ATOM   362 C  C    . GLY A 1 27 ? 4.619   9.874   -1.165  1.00 15.57 ? 27  GLY A C    1 
ATOM   363 O  O    . GLY A 1 27 ? 4.031   10.683  -1.894  1.00 21.80 ? 27  GLY A O    1 
ATOM   364 H  H    . GLY A 1 27 ? 5.512   8.941   1.505   1.00 15.82 ? 27  GLY A H    1 
ATOM   365 H  HA2  . GLY A 1 27 ? 4.636   10.804  0.627   1.00 18.53 ? 27  GLY A HA2  1 
ATOM   366 H  HA3  . GLY A 1 27 ? 5.958   11.020  -0.178  1.00 18.53 ? 27  GLY A HA3  1 
ATOM   367 N  N    . THR A 1 28 ? 4.596   8.581   -1.421  1.00 12.79 ? 28  THR A N    1 
ATOM   368 C  CA   . THR A 1 28 ? 3.919   8.001   -2.585  1.00 11.83 ? 28  THR A CA   1 
ATOM   369 C  C    . THR A 1 28 ? 2.480   7.760   -2.294  1.00 11.11 ? 28  THR A C    1 
ATOM   370 O  O    . THR A 1 28 ? 2.147   6.957   -1.415  1.00 11.97 ? 28  THR A O    1 
ATOM   371 C  CB   . THR A 1 28 ? 4.653   6.741   -3.022  1.00 11.53 ? 28  THR A CB   1 
ATOM   372 O  OG1  . THR A 1 28 ? 6.019   6.978   -3.220  1.00 13.47 ? 28  THR A OG1  1 
ATOM   373 C  CG2  . THR A 1 28 ? 4.047   6.240   -4.321  1.00 13.38 ? 28  THR A CG2  1 
ATOM   374 H  H    . THR A 1 28 ? 4.998   8.050   -0.877  1.00 15.35 ? 28  THR A H    1 
ATOM   375 H  HA   . THR A 1 28 ? 3.973   8.649   -3.318  1.00 14.19 ? 28  THR A HA   1 
ATOM   376 H  HB   . THR A 1 28 ? 4.545   6.054   -2.332  1.00 13.83 ? 28  THR A HB   1 
ATOM   377 H  HG1  . THR A 1 28 ? 6.353   7.250   -2.522  1.00 20.20 ? 28  THR A HG1  1 
ATOM   378 H  HG21 . THR A 1 28 ? 4.133   6.915   -4.996  1.00 20.07 ? 28  THR A HG21 1 
ATOM   379 H  HG22 . THR A 1 28 ? 4.506   5.444   -4.602  1.00 20.07 ? 28  THR A HG22 1 
ATOM   380 H  HG23 . THR A 1 28 ? 3.117   6.041   -4.184  1.00 20.07 ? 28  THR A HG23 1 
ATOM   381 N  N    . ASP A 1 29 ? 1.598   8.415   -3.029  1.00 11.94 ? 29  ASP A N    1 
ATOM   382 C  CA   . ASP A 1 29 ? 0.170   8.139   -2.892  1.00 11.97 ? 29  ASP A CA   1 
ATOM   383 C  C    . ASP A 1 29 ? -0.074  6.729   -3.439  1.00 11.02 ? 29  ASP A C    1 
ATOM   384 O  O    . ASP A 1 29 ? 0.572   6.247   -4.349  1.00 11.90 ? 29  ASP A O    1 
ATOM   385 C  CB   . ASP A 1 29 ? -0.546  9.185   -3.827  1.00 18.19 ? 29  ASP A CB   1 
ATOM   386 C  CG   . ASP A 1 29 ? -1.922  9.433   -3.691  1.00 24.52 ? 29  ASP A CG   1 
ATOM   387 O  OD1  . ASP A 1 29 ? -2.506  8.990   -2.719  1.00 35.57 ? 29  ASP A OD1  1 
ATOM   388 O  OD2  . ASP A 1 29 ? -2.420  10.326  -4.437  1.00 39.82 ? 29  ASP A OD2  1 
ATOM   389 H  H    . ASP A 1 29 ? 1.866   9.009   -3.591  1.00 14.32 ? 29  ASP A H    1 
ATOM   390 H  HA   . ASP A 1 29 ? -0.128  8.222   -1.962  1.00 14.36 ? 29  ASP A HA   1 
ATOM   391 H  HB2  . ASP A 1 29 ? -0.089  10.032  -3.713  1.00 21.83 ? 29  ASP A HB2  1 
ATOM   392 H  HB3  . ASP A 1 29 ? -0.395  8.904   -4.743  1.00 21.83 ? 29  ASP A HB3  1 
ATOM   393 N  N    . PHE A 1 30 ? -1.080  6.060   -2.863  1.00 11.25 ? 30  PHE A N    1 
ATOM   394 C  CA   . PHE A 1 30 ? -1.349  4.690   -3.264  1.00 10.55 ? 30  PHE A CA   1 
ATOM   395 C  C    . PHE A 1 30 ? -1.552  4.509   -4.739  1.00 10.93 ? 30  PHE A C    1 
ATOM   396 O  O    . PHE A 1 30 ? -1.088  3.535   -5.335  1.00 11.23 ? 30  PHE A O    1 
ATOM   397 C  CB   . PHE A 1 30 ? -2.565  4.192   -2.472  1.00 12.92 ? 30  PHE A CB   1 
ATOM   398 C  CG   . PHE A 1 30 ? -2.785  2.706   -2.570  1.00 11.12 ? 30  PHE A CG   1 
ATOM   399 C  CD1  . PHE A 1 30 ? -2.036  1.830   -1.797  1.00 12.10 ? 30  PHE A CD1  1 
ATOM   400 C  CD2  . PHE A 1 30 ? -3.713  2.145   -3.425  1.00 12.08 ? 30  PHE A CD2  1 
ATOM   401 C  CE1  . PHE A 1 30 ? -2.186  0.449   -1.885  1.00 12.97 ? 30  PHE A CE1  1 
ATOM   402 C  CE2  . PHE A 1 30 ? -3.896  0.780   -3.485  1.00 12.99 ? 30  PHE A CE2  1 
ATOM   403 C  CZ   . PHE A 1 30 ? -3.119  -0.043  -2.720  1.00 13.22 ? 30  PHE A CZ   1 
ATOM   404 H  H    . PHE A 1 30 ? -1.563  6.438   -2.260  1.00 13.50 ? 30  PHE A H    1 
ATOM   405 H  HA   . PHE A 1 30 ? -0.578  4.146   -3.000  1.00 12.65 ? 30  PHE A HA   1 
ATOM   406 H  HB2  . PHE A 1 30 ? -2.450  4.430   -1.539  1.00 15.51 ? 30  PHE A HB2  1 
ATOM   407 H  HB3  . PHE A 1 30 ? -3.357  4.647   -2.797  1.00 15.51 ? 30  PHE A HB3  1 
ATOM   408 H  HD1  . PHE A 1 30 ? -1.413  2.178   -1.200  1.00 14.52 ? 30  PHE A HD1  1 
ATOM   409 H  HD2  . PHE A 1 30 ? -4.224  2.699   -3.969  1.00 14.50 ? 30  PHE A HD2  1 
ATOM   410 H  HE1  . PHE A 1 30 ? -1.653  -0.120  -1.378  1.00 15.56 ? 30  PHE A HE1  1 
ATOM   411 H  HE2  . PHE A 1 30 ? -4.546  0.421   -4.046  1.00 15.58 ? 30  PHE A HE2  1 
ATOM   412 H  HZ   . PHE A 1 30 ? -3.237  -0.963  -2.777  1.00 15.86 ? 30  PHE A HZ   1 
ATOM   413 N  N    . LYS A 1 31 ? -2.262  5.440   -5.370  1.00 12.85 ? 31  LYS A N    1 
ATOM   414 C  CA   . LYS A 1 31 ? -2.525  5.327   -6.803  1.00 13.70 ? 31  LYS A CA   1 
ATOM   415 C  C    . LYS A 1 31 ? -1.250  5.284   -7.619  1.00 14.10 ? 31  LYS A C    1 
ATOM   416 O  O    . LYS A 1 31 ? -1.260  4.680   -8.705  1.00 19.68 ? 31  LYS A O    1 
ATOM   417 C  CB   . LYS A 1 31 ? -3.339  6.538   -7.234  1.00 16.91 ? 31  LYS A CB   1 
ATOM   418 C  CG   A LYS A 1 31 ? -2.723  7.810   -7.543  0.48 22.11 ? 31  LYS A CG   1 
ATOM   419 C  CG   B LYS A 1 31 ? -2.928  7.919   -7.010  0.52 23.45 ? 31  LYS A CG   1 
ATOM   420 C  CD   A LYS A 1 31 ? -3.759  8.717   -8.377  0.48 32.75 ? 31  LYS A CD   1 
ATOM   421 C  CD   B LYS A 1 31 ? -4.019  9.014   -7.539  0.52 29.83 ? 31  LYS A CD   1 
ATOM   422 C  CE   A LYS A 1 31 ? -3.017  9.702   -9.205  0.48 33.30 ? 31  LYS A CE   1 
ATOM   423 C  CE   B LYS A 1 31 ? -3.442  10.330  -7.738  0.52 34.43 ? 31  LYS A CE   1 
ATOM   424 N  NZ   A LYS A 1 31 ? -2.158  9.101   -10.278 0.48 36.60 ? 31  LYS A NZ   1 
ATOM   425 N  NZ   B LYS A 1 31 ? -2.223  10.714  -6.956  0.52 41.90 ? 31  LYS A NZ   1 
ATOM   426 H  H    . LYS A 1 31 ? -2.567  6.113   -4.931  1.00 15.42 ? 31  LYS A H    1 
ATOM   427 H  HA   . LYS A 1 31 ? -3.044  4.513   -6.973  1.00 16.44 ? 31  LYS A HA   1 
ATOM   428 H  HB2  . LYS A 1 31 ? -3.842  6.272   -8.020  1.00 20.29 ? 31  LYS A HB2  1 
ATOM   429 H  HB3  . LYS A 1 31 ? -3.988  6.704   -6.533  1.00 20.29 ? 31  LYS A HB3  1 
ATOM   430 N  N    . ASP A 1 32 ? -0.188  5.930   -7.140  1.00 11.76 ? 32  ASP A N    1 
ATOM   431 C  CA   . ASP A 1 32 ? 1.067   5.999   -7.835  1.00 12.95 ? 32  ASP A CA   1 
ATOM   432 C  C    . ASP A 1 32 ? 2.017   4.853   -7.573  1.00 10.83 ? 32  ASP A C    1 
ATOM   433 O  O    . ASP A 1 32 ? 3.057   4.741   -8.186  1.00 14.31 ? 32  ASP A O    1 
ATOM   434 C  CB   . ASP A 1 32 ? 1.758   7.304   -7.604  1.00 14.35 ? 32  ASP A CB   1 
ATOM   435 C  CG   . ASP A 1 32 ? 0.942   8.452   -8.177  1.00 20.17 ? 32  ASP A CG   1 
ATOM   436 O  OD1  . ASP A 1 32 ? 0.350   8.315   -9.216  1.00 24.97 ? 32  ASP A OD1  1 
ATOM   437 O  OD2  . ASP A 1 32 ? 0.835   9.454   -7.455  1.00 24.95 ? 32  ASP A OD2  1 
ATOM   438 H  H    . ASP A 1 32 ? -0.256  6.324   -6.379  1.00 14.11 ? 32  ASP A H    1 
ATOM   439 H  HA   . ASP A 1 32 ? 0.854   5.966   -8.791  1.00 15.54 ? 32  ASP A HA   1 
ATOM   440 H  HB2  . ASP A 1 32 ? 1.883   7.439   -6.652  1.00 17.22 ? 32  ASP A HB2  1 
ATOM   441 H  HB3  . ASP A 1 32 ? 2.631   7.286   -8.024  1.00 17.22 ? 32  ASP A HB3  1 
ATOM   442 N  N    . ILE A 1 33 ? 1.699   3.986   -6.626  1.00 10.16 ? 33  ILE A N    1 
ATOM   443 C  CA   . ILE A 1 33 ? 2.474   2.785   -6.395  1.00 9.51  ? 33  ILE A CA   1 
ATOM   444 C  C    . ILE A 1 33 ? 2.429   1.949   -7.680  1.00 8.62  ? 33  ILE A C    1 
ATOM   445 O  O    . ILE A 1 33 ? 1.314   1.734   -8.196  1.00 9.09  ? 33  ILE A O    1 
ATOM   446 C  CB   . ILE A 1 33 ? 1.941   1.979   -5.229  1.00 9.58  ? 33  ILE A CB   1 
ATOM   447 C  CG1  . ILE A 1 33 ? 2.071   2.788   -3.911  1.00 11.19 ? 33  ILE A CG1  1 
ATOM   448 C  CG2  . ILE A 1 33 ? 2.615   0.644   -5.116  1.00 11.64 ? 33  ILE A CG2  1 
ATOM   449 C  CD1  . ILE A 1 33 ? 1.467   2.039   -2.749  1.00 13.99 ? 33  ILE A CD1  1 
ATOM   450 H  H    . ILE A 1 33 ? 1.011   4.140   -6.133  1.00 12.19 ? 33  ILE A H    1 
ATOM   451 H  HA   . ILE A 1 33 ? 3.403   3.037   -6.210  1.00 11.42 ? 33  ILE A HA   1 
ATOM   452 H  HB   . ILE A 1 33 ? 0.986   1.819   -5.387  1.00 11.50 ? 33  ILE A HB   1 
ATOM   453 H  HG12 . ILE A 1 33 ? 3.008   2.961   -3.730  1.00 13.43 ? 33  ILE A HG12 1 
ATOM   454 H  HG13 . ILE A 1 33 ? 1.622   3.642   -4.011  1.00 13.43 ? 33  ILE A HG13 1 
ATOM   455 H  HG21 . ILE A 1 33 ? 2.467   0.142   -5.921  1.00 17.45 ? 33  ILE A HG21 1 
ATOM   456 H  HG22 . ILE A 1 33 ? 3.558   0.772   -4.987  1.00 17.45 ? 33  ILE A HG22 1 
ATOM   457 H  HG23 . ILE A 1 33 ? 2.253   0.164   -4.368  1.00 17.45 ? 33  ILE A HG23 1 
ATOM   458 H  HD11 . ILE A 1 33 ? 1.920   1.200   -2.639  1.00 20.98 ? 33  ILE A HD11 1 
ATOM   459 H  HD12 . ILE A 1 33 ? 1.561   2.561   -1.948  1.00 20.98 ? 33  ILE A HD12 1 
ATOM   460 H  HD13 . ILE A 1 33 ? 0.536   1.882   -2.920  1.00 20.98 ? 33  ILE A HD13 1 
ATOM   461 N  N    . PRO A 1 34 ? 3.532   1.453   -8.179  1.00 9.69  ? 34  PRO A N    1 
ATOM   462 C  CA   . PRO A 1 34 ? 3.463   0.593   -9.366  1.00 9.84  ? 34  PRO A CA   1 
ATOM   463 C  C    . PRO A 1 34 ? 2.480   -0.559  -9.150  1.00 8.53  ? 34  PRO A C    1 
ATOM   464 O  O    . PRO A 1 34 ? 2.432   -1.177  -8.107  1.00 9.61  ? 34  PRO A O    1 
ATOM   465 C  CB   . PRO A 1 34 ? 4.874   0.067   -9.503  1.00 12.34 ? 34  PRO A CB   1 
ATOM   466 C  CG   . PRO A 1 34 ? 5.690   1.228   -8.916  1.00 15.58 ? 34  PRO A CG   1 
ATOM   467 C  CD   . PRO A 1 34 ? 4.906   1.638   -7.727  1.00 12.00 ? 34  PRO A CD   1 
ATOM   468 H  HA   . PRO A 1 34 ? 3.212   1.115   -10.156 1.00 11.80 ? 34  PRO A HA   1 
ATOM   469 H  HB2  . PRO A 1 34 ? 5.000   -0.748  -8.994  1.00 14.81 ? 34  PRO A HB2  1 
ATOM   470 H  HB3  . PRO A 1 34 ? 5.104   -0.095  -10.431 1.00 14.81 ? 34  PRO A HB3  1 
ATOM   471 H  HG2  . PRO A 1 34 ? 6.580   0.936   -8.664  1.00 18.70 ? 34  PRO A HG2  1 
ATOM   472 H  HG3  . PRO A 1 34 ? 5.765   1.958   -9.552  1.00 18.70 ? 34  PRO A HG3  1 
ATOM   473 H  HD2  . PRO A 1 34 ? 5.105   1.075   -6.963  1.00 14.40 ? 34  PRO A HD2  1 
ATOM   474 H  HD3  . PRO A 1 34 ? 5.079   2.564   -7.493  1.00 14.40 ? 34  PRO A HD3  1 
ATOM   475 N  N    . ASP A 1 35 ? 1.750   -0.868  -10.223 1.00 8.55  ? 35  ASP A N    1 
ATOM   476 C  CA   . ASP A 1 35 ? 0.620   -1.763  -10.099 1.00 8.42  ? 35  ASP A CA   1 
ATOM   477 C  C    . ASP A 1 35 ? 1.000   -3.224  -9.925  1.00 9.95  ? 35  ASP A C    1 
ATOM   478 O  O    . ASP A 1 35 ? 0.080   -4.010  -9.747  1.00 12.64 ? 35  ASP A O    1 
ATOM   479 C  CB   . ASP A 1 35 ? -0.343  -1.537  -11.250 1.00 9.12  ? 35  ASP A CB   1 
ATOM   480 C  CG   . ASP A 1 35 ? -1.203  -0.342  -11.100 1.00 9.07  ? 35  ASP A CG   1 
ATOM   481 O  OD1  . ASP A 1 35 ? -1.380  0.219   -10.047 1.00 10.15 ? 35  ASP A OD1  1 
ATOM   482 O  OD2  . ASP A 1 35 ? -1.791  0.040   -12.203 1.00 10.59 ? 35  ASP A OD2  1 
ATOM   483 H  H    . ASP A 1 35 ? 1.950   -0.535  -10.989 1.00 10.26 ? 35  ASP A H    1 
ATOM   484 H  HA   . ASP A 1 35 ? 0.145   -1.501  -9.283  1.00 10.10 ? 35  ASP A HA   1 
ATOM   485 H  HB2  . ASP A 1 35 ? 0.168   -1.453  -12.070 1.00 10.94 ? 35  ASP A HB2  1 
ATOM   486 H  HB3  . ASP A 1 35 ? -0.911  -2.320  -11.338 1.00 10.94 ? 35  ASP A HB3  1 
ATOM   487 N  N    . ASP A 1 36 ? 2.268   -3.573  -9.918  1.00 9.22  ? 36  ASP A N    1 
ATOM   488 C  CA   . ASP A 1 36 ? 2.728   -4.881  -9.581  1.00 10.92 ? 36  ASP A CA   1 
ATOM   489 C  C    . ASP A 1 36 ? 3.159   -5.036  -8.142  1.00 10.85 ? 36  ASP A C    1 
ATOM   490 O  O    . ASP A 1 36 ? 3.556   -6.126  -7.763  1.00 13.62 ? 36  ASP A O    1 
ATOM   491 C  CB   . ASP A 1 36 ? 3.808   -5.353  -10.562 1.00 13.92 ? 36  ASP A CB   1 
ATOM   492 C  CG   . ASP A 1 36 ? 5.055   -4.509  -10.518 1.00 14.15 ? 36  ASP A CG   1 
ATOM   493 O  OD1  . ASP A 1 36 ? 5.057   -3.450  -9.989  1.00 14.59 ? 36  ASP A OD1  1 
ATOM   494 O  OD2  . ASP A 1 36 ? 6.019   -5.014  -11.142 1.00 20.77 ? 36  ASP A OD2  1 
ATOM   495 H  H    . ASP A 1 36 ? 2.853   -2.978  -10.127 1.00 11.07 ? 36  ASP A H    1 
ATOM   496 H  HA   . ASP A 1 36 ? 1.963   -5.481  -9.706  1.00 13.10 ? 36  ASP A HA   1 
ATOM   497 H  HB2  . ASP A 1 36 ? 4.042   -6.271  -10.354 1.00 16.71 ? 36  ASP A HB2  1 
ATOM   498 H  HB3  . ASP A 1 36 ? 3.448   -5.336  -11.462 1.00 16.71 ? 36  ASP A HB3  1 
ATOM   499 N  N    . TRP A 1 37 ? 3.071   -3.978  -7.363  1.00 9.93  ? 37  TRP A N    1 
ATOM   500 C  CA   . TRP A 1 37 ? 3.372   -4.080  -5.944  1.00 9.87  ? 37  TRP A CA   1 
ATOM   501 C  C    . TRP A 1 37 ? 2.341   -4.944  -5.263  1.00 9.49  ? 37  TRP A C    1 
ATOM   502 O  O    . TRP A 1 37 ? 1.159   -4.944  -5.598  1.00 11.78 ? 37  TRP A O    1 
ATOM   503 C  CB   . TRP A 1 37 ? 3.386   -2.696  -5.383  1.00 10.81 ? 37  TRP A CB   1 
ATOM   504 C  CG   . TRP A 1 37 ? 3.601   -2.523  -3.926  1.00 10.31 ? 37  TRP A CG   1 
ATOM   505 C  CD1  . TRP A 1 37 ? 4.788   -2.364  -3.282  1.00 11.35 ? 37  TRP A CD1  1 
ATOM   506 C  CD2  . TRP A 1 37 ? 2.593   -2.421  -2.935  1.00 9.68  ? 37  TRP A CD2  1 
ATOM   507 N  NE1  . TRP A 1 37 ? 4.586   -2.152  -1.946  1.00 11.51 ? 37  TRP A NE1  1 
ATOM   508 C  CE2  . TRP A 1 37 ? 3.254   -2.163  -1.702  1.00 10.25 ? 37  TRP A CE2  1 
ATOM   509 C  CE3  . TRP A 1 37 ? 1.233   -2.487  -2.949  1.00 11.85 ? 37  TRP A CE3  1 
ATOM   510 C  CZ2  . TRP A 1 37 ? 2.542   -1.983  -0.521  1.00 11.86 ? 37  TRP A CZ2  1 
ATOM   511 C  CZ3  . TRP A 1 37 ? 0.549   -2.295  -1.792  1.00 14.01 ? 37  TRP A CZ3  1 
ATOM   512 C  CH2  . TRP A 1 37 ? 1.202   -2.060  -0.600  1.00 13.42 ? 37  TRP A CH2  1 
ATOM   513 H  H    . TRP A 1 37 ? 2.832   -3.221  -7.695  1.00 11.91 ? 37  TRP A H    1 
ATOM   514 H  HA   . TRP A 1 37 ? 4.258   -4.484  -5.831  1.00 11.84 ? 37  TRP A HA   1 
ATOM   515 H  HB2  . TRP A 1 37 ? 4.080   -2.198  -5.845  1.00 12.97 ? 37  TRP A HB2  1 
ATOM   516 H  HB3  . TRP A 1 37 ? 2.539   -2.279  -5.608  1.00 12.97 ? 37  TRP A HB3  1 
ATOM   517 H  HD1  . TRP A 1 37 ? 5.622   -2.393  -3.693  1.00 13.62 ? 37  TRP A HD1  1 
ATOM   518 H  HE1  . TRP A 1 37 ? 5.202   -2.032  -1.357  1.00 13.82 ? 37  TRP A HE1  1 
ATOM   519 H  HE3  . TRP A 1 37 ? 0.778   -2.662  -3.741  1.00 14.23 ? 37  TRP A HE3  1 
ATOM   520 H  HZ2  . TRP A 1 37 ? 2.973   -1.818  0.286   1.00 14.23 ? 37  TRP A HZ2  1 
ATOM   521 H  HZ3  . TRP A 1 37 ? -0.380  -2.321  -1.804  1.00 16.81 ? 37  TRP A HZ3  1 
ATOM   522 H  HH2  . TRP A 1 37 ? 0.698   -1.951  0.174   1.00 16.10 ? 37  TRP A HH2  1 
ATOM   523 N  N    . VAL A 1 38 ? 2.780   -5.626  -4.237  1.00 10.55 ? 38  VAL A N    1 
ATOM   524 C  CA   . VAL A 1 38 ? 1.913   -6.474  -3.400  1.00 10.91 ? 38  VAL A CA   1 
ATOM   525 C  C    . VAL A 1 38 ? 2.056   -6.103  -1.940  1.00 10.34 ? 38  VAL A C    1 
ATOM   526 O  O    . VAL A 1 38 ? 3.009   -5.539  -1.462  1.00 11.56 ? 38  VAL A O    1 
ATOM   527 C  CB   . VAL A 1 38 ? 2.242   -7.942  -3.611  1.00 13.77 ? 38  VAL A CB   1 
ATOM   528 C  CG1  . VAL A 1 38 ? 1.967   -8.358  -5.033  1.00 15.71 ? 38  VAL A CG1  1 
ATOM   529 C  CG2  . VAL A 1 38 ? 3.597   -8.348  -3.166  1.00 16.91 ? 38  VAL A CG2  1 
ATOM   530 H  H    . VAL A 1 38 ? 3.616   -5.576  -4.042  1.00 12.66 ? 38  VAL A H    1 
ATOM   531 H  HA   . VAL A 1 38 ? 0.982   -6.324  -3.667  1.00 13.09 ? 38  VAL A HA   1 
ATOM   532 H  HB   . VAL A 1 38 ? 1.612   -8.444  -3.054  1.00 16.52 ? 38  VAL A HB   1 
ATOM   533 H  HG11 . VAL A 1 38 ? 1.083   -8.078  -5.283  1.00 23.57 ? 38  VAL A HG11 1 
ATOM   534 H  HG12 . VAL A 1 38 ? 2.609   -7.948  -5.616  1.00 23.57 ? 38  VAL A HG12 1 
ATOM   535 H  HG13 . VAL A 1 38 ? 2.032   -9.313  -5.106  1.00 23.57 ? 38  VAL A HG13 1 
ATOM   536 H  HG21 . VAL A 1 38 ? 3.734   -8.066  -2.258  1.00 25.37 ? 38  VAL A HG21 1 
ATOM   537 H  HG22 . VAL A 1 38 ? 3.678   -9.303  -3.221  1.00 25.37 ? 38  VAL A HG22 1 
ATOM   538 H  HG23 . VAL A 1 38 ? 4.255   -7.938  -3.731  1.00 25.37 ? 38  VAL A HG23 1 
ATOM   539 N  N    . CYS A 1 39 ? 1.024   -6.483  -1.164  1.00 10.85 ? 39  CYS A N    1 
ATOM   540 C  CA   . CYS A 1 39 ? 1.040   -6.294  0.255   1.00 10.20 ? 39  CYS A CA   1 
ATOM   541 C  C    . CYS A 1 39 ? 2.299   -6.915  0.869   1.00 10.65 ? 39  CYS A C    1 
ATOM   542 O  O    . CYS A 1 39 ? 2.532   -8.097  0.632   1.00 13.12 ? 39  CYS A O    1 
ATOM   543 C  CB   . CYS A 1 39 ? -0.204  -6.956  0.844   1.00 10.86 ? 39  CYS A CB   1 
ATOM   544 S  SG   . CYS A 1 39 ? -0.246  -6.801  2.645   1.00 11.53 ? 39  CYS A SG   1 
ATOM   545 H  H    . CYS A 1 39 ? 0.337   -6.850  -1.531  1.00 13.02 ? 39  CYS A H    1 
ATOM   546 H  HA   . CYS A 1 39 ? 1.023   -5.334  0.454   1.00 12.24 ? 39  CYS A HA   1 
ATOM   547 H  HB2  . CYS A 1 39 ? -0.996  -6.542  0.468   1.00 13.03 ? 39  CYS A HB2  1 
ATOM   548 H  HB3  . CYS A 1 39 ? -0.213  -7.895  0.603   1.00 13.03 ? 39  CYS A HB3  1 
ATOM   549 N  N    . PRO A 1 40 ? 3.044   -6.179  1.644   1.00 11.57 ? 40  PRO A N    1 
ATOM   550 C  CA   . PRO A 1 40 ? 4.300   -6.739  2.167   1.00 14.28 ? 40  PRO A CA   1 
ATOM   551 C  C    . PRO A 1 40 ? 4.049   -7.871  3.141   1.00 14.93 ? 40  PRO A C    1 
ATOM   552 O  O    . PRO A 1 40 ? 4.962   -8.667  3.386   1.00 21.10 ? 40  PRO A O    1 
ATOM   553 C  CB   . PRO A 1 40 ? 5.004   -5.574  2.805   1.00 18.15 ? 40  PRO A CB   1 
ATOM   554 C  CG   . PRO A 1 40 ? 4.129   -4.447  2.772   1.00 18.99 ? 40  PRO A CG   1 
ATOM   555 C  CD   . PRO A 1 40 ? 2.942   -4.762  1.904   1.00 13.44 ? 40  PRO A CD   1 
ATOM   556 H  HA   . PRO A 1 40 ? 4.840   -7.072  1.420   1.00 17.13 ? 40  PRO A HA   1 
ATOM   557 H  HB2  . PRO A 1 40 ? 5.237   -5.787  3.723   1.00 21.78 ? 40  PRO A HB2  1 
ATOM   558 H  HB3  . PRO A 1 40 ? 5.821   -5.374  2.321   1.00 21.78 ? 40  PRO A HB3  1 
ATOM   559 H  HG2  . PRO A 1 40 ? 3.830   -4.236  3.671   1.00 22.78 ? 40  PRO A HG2  1 
ATOM   560 H  HG3  . PRO A 1 40 ? 4.598   -3.676  2.419   1.00 22.78 ? 40  PRO A HG3  1 
ATOM   561 H  HD2  . PRO A 1 40 ? 2.114   -4.554  2.363   1.00 16.12 ? 40  PRO A HD2  1 
ATOM   562 H  HD3  . PRO A 1 40 ? 2.977   -4.257  1.076   1.00 16.12 ? 40  PRO A HD3  1 
ATOM   563 N  N    . LEU A 1 41 ? 2.912   -7.914  3.796   1.00 13.71 ? 41  LEU A N    1 
ATOM   564 C  CA   . LEU A 1 41 ? 2.661   -8.882  4.804   1.00 15.79 ? 41  LEU A CA   1 
ATOM   565 C  C    . LEU A 1 41 ? 2.077   -10.114 4.242   1.00 17.30 ? 41  LEU A C    1 
ATOM   566 O  O    . LEU A 1 41 ? 2.360   -11.196 4.744   1.00 31.50 ? 41  LEU A O    1 
ATOM   567 C  CB   A LEU A 1 41 ? 1.909   -8.330  6.043   0.74 16.11 ? 41  LEU A CB   1 
ATOM   568 C  CB   B LEU A 1 41 ? 1.589   -8.425  5.683   0.26 17.06 ? 41  LEU A CB   1 
ATOM   569 C  CG   A LEU A 1 41 ? 2.560   -7.179  6.790   0.74 18.10 ? 41  LEU A CG   1 
ATOM   570 C  CG   B LEU A 1 41 ? 1.350   -9.304  6.846   0.26 18.03 ? 41  LEU A CG   1 
ATOM   571 C  CD1  A LEU A 1 41 ? 1.787   -6.752  8.015   0.74 21.27 ? 41  LEU A CD1  1 
ATOM   572 C  CD1  B LEU A 1 41 ? 0.228   -8.955  7.758   0.26 19.57 ? 41  LEU A CD1  1 
ATOM   573 C  CD2  A LEU A 1 41 ? 4.018   -7.398  7.109   0.74 24.16 ? 41  LEU A CD2  1 
ATOM   574 C  CD2  B LEU A 1 41 ? 1.678   -10.737 6.751   0.26 21.09 ? 41  LEU A CD2  1 
ATOM   575 H  H    . LEU A 1 41 ? 2.301   -7.339  3.608   1.00 16.46 ? 41  LEU A H    1 
ATOM   576 H  HA   . LEU A 1 41 ? 3.545   -9.144  5.135   1.00 18.95 ? 41  LEU A HA   1 
ATOM   577 N  N    . CYS A 1 42 ? 1.126   -10.042 3.290   1.00 14.25 ? 42  CYS A N    1 
ATOM   578 C  CA   . CYS A 1 42 ? 0.420   -11.137 2.795   1.00 14.25 ? 42  CYS A CA   1 
ATOM   579 C  C    . CYS A 1 42 ? 0.571   -11.443 1.343   1.00 15.22 ? 42  CYS A C    1 
ATOM   580 O  O    . CYS A 1 42 ? 0.068   -12.521 0.872   1.00 17.31 ? 42  CYS A O    1 
ATOM   581 C  CB   . CYS A 1 42 ? -1.087  -11.192 3.186   1.00 15.45 ? 42  CYS A CB   1 
ATOM   582 S  SG   . CYS A 1 42 ? -2.068  -10.034 2.176   1.00 13.94 ? 42  CYS A SG   1 
ATOM   583 H  H    . CYS A 1 42 ? 0.941   -9.267  2.966   1.00 17.11 ? 42  CYS A H    1 
ATOM   584 H  HA   . CYS A 1 42 ? 0.819   -11.908 3.250   1.00 17.10 ? 42  CYS A HA   1 
ATOM   585 H  HB2  . CYS A 1 42 ? -1.421  -12.094 3.059   1.00 18.54 ? 42  CYS A HB2  1 
ATOM   586 H  HB3  . CYS A 1 42 ? -1.186  -10.966 4.124   1.00 18.54 ? 42  CYS A HB3  1 
ATOM   587 N  N    . GLY A 1 43 ? 1.115   -10.585 0.539   1.00 14.26 ? 43  GLY A N    1 
ATOM   588 C  CA   . GLY A 1 43 ? 1.415   -10.887 -0.833  1.00 15.52 ? 43  GLY A CA   1 
ATOM   589 C  C    . GLY A 1 43 ? 0.339   -10.672 -1.825  1.00 14.28 ? 43  GLY A C    1 
ATOM   590 O  O    . GLY A 1 43 ? 0.533   -10.940 -3.004  1.00 16.41 ? 43  GLY A O    1 
ATOM   591 H  H    . GLY A 1 43 ? 1.305   -9.802  0.839   1.00 17.11 ? 43  GLY A H    1 
ATOM   592 H  HA2  . GLY A 1 43 ? 2.179   -10.350 -1.098  1.00 18.63 ? 43  GLY A HA2  1 
ATOM   593 H  HA3  . GLY A 1 43 ? 1.687   -11.817 -0.883  1.00 18.63 ? 43  GLY A HA3  1 
ATOM   594 N  N    . VAL A 1 44 ? -0.855  -10.173 -1.469  1.00 14.60 ? 44  VAL A N    1 
ATOM   595 C  CA   . VAL A 1 44 ? -1.892  -9.923  -2.405  1.00 13.73 ? 44  VAL A CA   1 
ATOM   596 C  C    . VAL A 1 44 ? -1.715  -8.608  -3.114  1.00 12.58 ? 44  VAL A C    1 
ATOM   597 O  O    . VAL A 1 44 ? -1.036  -7.714  -2.654  1.00 13.47 ? 44  VAL A O    1 
ATOM   598 C  CB   . VAL A 1 44 ? -3.345  -10.017 -1.827  1.00 15.21 ? 44  VAL A CB   1 
ATOM   599 C  CG1  . VAL A 1 44 ? -3.560  -11.388 -1.156  1.00 18.77 ? 44  VAL A CG1  1 
ATOM   600 C  CG2  . VAL A 1 44 ? -3.637  -8.855  -0.913  1.00 14.29 ? 44  VAL A CG2  1 
ATOM   601 H  H    . VAL A 1 44 ? -0.998  -9.997  -0.639  1.00 17.52 ? 44  VAL A H    1 
ATOM   602 H  HA   . VAL A 1 44 ? -1.819  -10.620 -3.090  1.00 16.48 ? 44  VAL A HA   1 
ATOM   603 H  HB   . VAL A 1 44 ? -3.967  -9.959  -2.584  1.00 18.25 ? 44  VAL A HB   1 
ATOM   604 H  HG11 . VAL A 1 44 ? -3.360  -12.086 -1.783  1.00 28.16 ? 44  VAL A HG11 1 
ATOM   605 H  HG12 . VAL A 1 44 ? -2.980  -11.466 -0.394  1.00 28.16 ? 44  VAL A HG12 1 
ATOM   606 H  HG13 . VAL A 1 44 ? -4.474  -11.465 -0.871  1.00 28.16 ? 44  VAL A HG13 1 
ATOM   607 H  HG21 . VAL A 1 44 ? -3.487  -8.031  -1.383  1.00 21.44 ? 44  VAL A HG21 1 
ATOM   608 H  HG22 . VAL A 1 44 ? -4.552  -8.896  -0.624  1.00 21.44 ? 44  VAL A HG22 1 
ATOM   609 H  HG23 . VAL A 1 44 ? -3.058  -8.896  -0.148  1.00 21.44 ? 44  VAL A HG23 1 
ATOM   610 N  N    . GLY A 1 45 ? -2.339  -8.424  -4.274  1.00 13.86 ? 45  GLY A N    1 
ATOM   611 C  CA   . GLY A 1 45 ? -2.214  -7.231  -5.050  1.00 14.31 ? 45  GLY A CA   1 
ATOM   612 C  C    . GLY A 1 45 ? -3.001  -6.046  -4.597  1.00 12.18 ? 45  GLY A C    1 
ATOM   613 O  O    . GLY A 1 45 ? -3.831  -6.100  -3.670  1.00 12.04 ? 45  GLY A O    1 
ATOM   614 H  H    . GLY A 1 45 ? -2.842  -9.055  -4.571  1.00 16.63 ? 45  GLY A H    1 
ATOM   615 H  HA2  . GLY A 1 45 ? -1.278  -6.981  -5.069  1.00 17.17 ? 45  GLY A HA2  1 
ATOM   616 H  HA3  . GLY A 1 45 ? -2.476  -7.435  -5.961  1.00 17.17 ? 45  GLY A HA3  1 
ATOM   617 N  N    . LYS A 1 46 ? -2.771  -4.913  -5.256  1.00 12.41 ? 46  LYS A N    1 
ATOM   618 C  CA   . LYS A 1 46 ? -3.427  -3.684  -4.949  1.00 10.57 ? 46  LYS A CA   1 
ATOM   619 C  C    . LYS A 1 46 ? -4.926  -3.716  -4.985  1.00 11.92 ? 46  LYS A C    1 
ATOM   620 O  O    . LYS A 1 46 ? -5.591  -2.965  -4.273  1.00 12.25 ? 46  LYS A O    1 
ATOM   621 C  CB   . LYS A 1 46 ? -2.941  -2.541  -5.861  1.00 11.99 ? 46  LYS A CB   1 
ATOM   622 C  CG   . LYS A 1 46 ? -1.554  -2.139  -5.660  1.00 12.30 ? 46  LYS A CG   1 
ATOM   623 C  CD   . LYS A 1 46 ? -1.101  -1.032  -6.620  1.00 10.45 ? 46  LYS A CD   1 
ATOM   624 C  CE   . LYS A 1 46 ? -1.526  0.313   -6.158  1.00 10.49 ? 46  LYS A CE   1 
ATOM   625 N  NZ   . LYS A 1 46 ? -1.308  1.370   -7.185  1.00 9.82  ? 46  LYS A NZ   1 
ATOM   626 H  H    . LYS A 1 46 ? -2.197  -4.921  -5.897  1.00 14.89 ? 46  LYS A H    1 
ATOM   627 H  HA   . LYS A 1 46 ? -3.171  -3.446  -4.034  1.00 12.69 ? 46  LYS A HA   1 
ATOM   628 H  HB2  . LYS A 1 46 ? -3.052  -2.815  -6.784  1.00 14.39 ? 46  LYS A HB2  1 
ATOM   629 H  HB3  . LYS A 1 46 ? -3.510  -1.768  -5.716  1.00 14.39 ? 46  LYS A HB3  1 
ATOM   630 H  HG2  . LYS A 1 46 ? -1.446  -1.828  -4.747  1.00 14.76 ? 46  LYS A HG2  1 
ATOM   631 H  HG3  . LYS A 1 46 ? -0.982  -2.912  -5.779  1.00 14.76 ? 46  LYS A HG3  1 
ATOM   632 H  HD2  . LYS A 1 46 ? -0.134  -1.053  -6.696  1.00 12.54 ? 46  LYS A HD2  1 
ATOM   633 H  HD3  . LYS A 1 46 ? -1.473  -1.201  -7.500  1.00 12.54 ? 46  LYS A HD3  1 
ATOM   634 H  HE2  . LYS A 1 46 ? -2.469  0.285   -5.928  1.00 12.58 ? 46  LYS A HE2  1 
ATOM   635 H  HE3  . LYS A 1 46 ? -1.032  0.543   -5.356  1.00 12.58 ? 46  LYS A HE3  1 
ATOM   636 H  HZ1  . LYS A 1 46 ? -0.443  1.411   -7.388  1.00 14.73 ? 46  LYS A HZ1  1 
ATOM   637 H  HZ2  . LYS A 1 46 ? -1.774  1.173   -7.917  1.00 14.73 ? 46  LYS A HZ2  1 
ATOM   638 H  HZ3  . LYS A 1 46 ? -1.577  2.155   -6.865  1.00 14.73 ? 46  LYS A HZ3  1 
ATOM   639 N  N    . ASP A 1 47 ? -5.502  -4.587  -5.846  1.00 11.89 ? 47  ASP A N    1 
ATOM   640 C  CA   . ASP A 1 47 ? -6.924  -4.668  -5.968  1.00 13.35 ? 47  ASP A CA   1 
ATOM   641 C  C    . ASP A 1 47 ? -7.643  -5.151  -4.780  1.00 12.00 ? 47  ASP A C    1 
ATOM   642 O  O    . ASP A 1 47 ? -8.868  -5.089  -4.755  1.00 15.71 ? 47  ASP A O    1 
ATOM   643 C  CB   . ASP A 1 47 ? -7.295  -5.415  -7.220  1.00 16.84 ? 47  ASP A CB   1 
ATOM   644 C  CG   . ASP A 1 47 ? -6.904  -6.811  -7.224  1.00 20.43 ? 47  ASP A CG   1 
ATOM   645 O  OD1  . ASP A 1 47 ? -6.451  -7.362  -6.308  1.00 22.42 ? 47  ASP A OD1  1 
ATOM   646 O  OD2  . ASP A 1 47 ? -7.176  -7.531  -8.232  1.00 33.87 ? 47  ASP A OD2  1 
ATOM   647 H  H    . ASP A 1 47 ? -5.005  -5.100  -6.326  1.00 14.27 ? 47  ASP A H    1 
ATOM   648 H  HA   . ASP A 1 47 ? -7.231  -3.747  -6.108  1.00 16.02 ? 47  ASP A HA   1 
ATOM   649 H  HB2  . ASP A 1 47 ? -8.255  -5.362  -7.339  1.00 20.21 ? 47  ASP A HB2  1 
ATOM   650 H  HB3  . ASP A 1 47 ? -6.880  -4.975  -7.978  1.00 20.21 ? 47  ASP A HB3  1 
ATOM   651 N  N    . GLN A 1 48 ? -6.932  -5.669  -3.732  1.00 11.68 ? 48  GLN A N    1 
ATOM   652 C  CA   . GLN A 1 48 ? -7.581  -6.060  -2.484  1.00 10.60 ? 48  GLN A CA   1 
ATOM   653 C  C    . GLN A 1 48 ? -7.438  -4.973  -1.446  1.00 10.94 ? 48  GLN A C    1 
ATOM   654 O  O    . GLN A 1 48 ? -7.812  -5.235  -0.299  1.00 13.57 ? 48  GLN A O    1 
ATOM   655 C  CB   . GLN A 1 48 ? -7.071  -7.324  -1.983  1.00 12.89 ? 48  GLN A CB   1 
ATOM   656 C  CG   . GLN A 1 48 ? -7.149  -8.476  -2.980  1.00 13.80 ? 48  GLN A CG   1 
ATOM   657 C  CD   . GLN A 1 48 ? -8.548  -8.733  -3.448  1.00 13.84 ? 48  GLN A CD   1 
ATOM   658 O  OE1  . GLN A 1 48 ? -9.476  -8.938  -2.647  1.00 16.40 ? 48  GLN A OE1  1 
ATOM   659 N  NE2  . GLN A 1 48 ? -8.730  -8.777  -4.759  1.00 16.67 ? 48  GLN A NE2  1 
ATOM   660 H  H    . GLN A 1 48 ? -6.080  -5.768  -3.811  1.00 14.01 ? 48  GLN A H    1 
ATOM   661 H  HA   . GLN A 1 48 ? -8.538  -6.175  -2.669  1.00 12.72 ? 48  GLN A HA   1 
ATOM   662 H  HB2  . GLN A 1 48 ? -6.145  -7.202  -1.720  1.00 15.47 ? 48  GLN A HB2  1 
ATOM   663 H  HB3  . GLN A 1 48 ? -7.571  -7.567  -1.189  1.00 15.47 ? 48  GLN A HB3  1 
ATOM   664 H  HG2  . GLN A 1 48 ? -6.590  -8.271  -3.746  1.00 16.56 ? 48  GLN A HG2  1 
ATOM   665 H  HG3  . GLN A 1 48 ? -6.800  -9.280  -2.565  1.00 16.56 ? 48  GLN A HG3  1 
ATOM   666 N  N    . PHE A 1 49 ? -6.942  -3.822  -1.793  1.00 10.42 ? 49  PHE A N    1 
ATOM   667 C  CA   . PHE A 1 49 ? -6.826  -2.709  -0.896  1.00 9.86  ? 49  PHE A CA   1 
ATOM   668 C  C    . PHE A 1 49 ? -8.015  -1.790  -1.021  1.00 11.21 ? 49  PHE A C    1 
ATOM   669 O  O    . PHE A 1 49 ? -8.610  -1.663  -2.066  1.00 14.89 ? 49  PHE A O    1 
ATOM   670 C  CB   . PHE A 1 49 ? -5.562  -1.912  -1.082  1.00 10.35 ? 49  PHE A CB   1 
ATOM   671 C  CG   . PHE A 1 49 ? -4.289  -2.563  -0.560  1.00 9.28  ? 49  PHE A CG   1 
ATOM   672 C  CD1  . PHE A 1 49 ? -3.815  -3.692  -1.108  1.00 10.53 ? 49  PHE A CD1  1 
ATOM   673 C  CD2  . PHE A 1 49 ? -3.635  -1.963  0.487   1.00 9.65  ? 49  PHE A CD2  1 
ATOM   674 C  CE1  . PHE A 1 49 ? -2.633  -4.268  -0.609  1.00 11.64 ? 49  PHE A CE1  1 
ATOM   675 C  CE2  . PHE A 1 49 ? -2.480  -2.528  0.978   1.00 10.70 ? 49  PHE A CE2  1 
ATOM   676 C  CZ   . PHE A 1 49 ? -1.989  -3.653  0.435   1.00 11.22 ? 49  PHE A CZ   1 
ATOM   677 H  H    . PHE A 1 49 ? -6.669  -3.723  -2.604  1.00 12.51 ? 49  PHE A H    1 
ATOM   678 H  HA   . PHE A 1 49 ? -6.820  -3.064  0.016   1.00 11.83 ? 49  PHE A HA   1 
ATOM   679 H  HB2  . PHE A 1 49 ? -5.448  -1.735  -2.029  1.00 12.41 ? 49  PHE A HB2  1 
ATOM   680 H  HB3  . PHE A 1 49 ? -5.671  -1.056  -0.639  1.00 12.41 ? 49  PHE A HB3  1 
ATOM   681 H  HD1  . PHE A 1 49 ? -4.267  -4.094  -1.816  1.00 12.63 ? 49  PHE A HD1  1 
ATOM   682 H  HD2  . PHE A 1 49 ? -3.970  -1.181  0.863   1.00 11.58 ? 49  PHE A HD2  1 
ATOM   683 H  HE1  . PHE A 1 49 ? -2.293  -5.051  -0.979  1.00 13.96 ? 49  PHE A HE1  1 
ATOM   684 H  HE2  . PHE A 1 49 ? -2.037  -2.127  1.690   1.00 12.84 ? 49  PHE A HE2  1 
ATOM   685 H  HZ   . PHE A 1 49 ? -1.203  -4.020  0.771   1.00 13.47 ? 49  PHE A HZ   1 
ATOM   686 N  N    . GLU A 1 50 ? -8.300  -1.082  0.064   1.00 11.23 ? 50  GLU A N    1 
ATOM   687 C  CA   . GLU A 1 50 ? -9.347  -0.081  0.052   1.00 12.11 ? 50  GLU A CA   1 
ATOM   688 C  C    . GLU A 1 50 ? -8.907  1.135   0.757   1.00 11.75 ? 50  GLU A C    1 
ATOM   689 O  O    . GLU A 1 50 ? -8.168  1.023   1.794   1.00 12.70 ? 50  GLU A O    1 
ATOM   690 C  CB   A GLU A 1 50 ? -10.622 -0.697  0.639   0.55 12.85 ? 50  GLU A CB   1 
ATOM   691 C  CB   B GLU A 1 50 ? -10.714 -0.356  0.606   0.45 16.00 ? 50  GLU A CB   1 
ATOM   692 C  CG   A GLU A 1 50 ? -11.258 -1.673  -0.258  0.55 16.19 ? 50  GLU A CG   1 
ATOM   693 C  CG   B GLU A 1 50 ? -10.599 -0.901  1.937   0.45 15.64 ? 50  GLU A CG   1 
ATOM   694 C  CD   A GLU A 1 50 ? -12.643 -2.236  0.242   0.55 22.56 ? 50  GLU A CD   1 
ATOM   695 C  CD   B GLU A 1 50 ? -11.965 -1.521  2.570   0.45 19.65 ? 50  GLU A CD   1 
ATOM   696 O  OE1  A GLU A 1 50 ? -12.764 -2.228  1.478   0.55 22.13 ? 50  GLU A OE1  1 
ATOM   697 O  OE1  B GLU A 1 50 ? -12.909 -1.431  1.882   0.45 25.10 ? 50  GLU A OE1  1 
ATOM   698 O  OE2  A GLU A 1 50 ? -13.393 -2.693  -0.583  0.55 25.21 ? 50  GLU A OE2  1 
ATOM   699 O  OE2  B GLU A 1 50 ? -11.898 -1.669  3.791   0.45 22.05 ? 50  GLU A OE2  1 
ATOM   700 H  H    . GLU A 1 50 ? -7.856  -1.220  0.787   1.00 13.48 ? 50  GLU A H    1 
ATOM   701 H  HA   . GLU A 1 50 ? -9.528  0.158   -0.881  1.00 14.53 ? 50  GLU A HA   1 
ATOM   702 N  N    . GLU A 1 51 ? -9.373  2.306   0.378   1.00 11.84 ? 51  GLU A N    1 
ATOM   703 C  CA   . GLU A 1 51 ? -9.056  3.525   1.034   1.00 13.00 ? 51  GLU A CA   1 
ATOM   704 C  C    . GLU A 1 51 ? -9.574  3.503   2.398   1.00 14.04 ? 51  GLU A C    1 
ATOM   705 O  O    . GLU A 1 51 ? -10.712 3.070   2.651   1.00 18.35 ? 51  GLU A O    1 
ATOM   706 C  CB   . GLU A 1 51 ? -9.706  4.684   0.208   1.00 19.49 ? 51  GLU A CB   1 
ATOM   707 C  CG   . GLU A 1 51 ? -9.247  5.982   0.573   1.00 28.41 ? 51  GLU A CG   1 
ATOM   708 C  CD   . GLU A 1 51 ? -9.772  7.079   -0.437  1.00 36.84 ? 51  GLU A CD   1 
ATOM   709 O  OE1  . GLU A 1 51 ? -10.321 6.602   -1.534  1.00 37.74 ? 51  GLU A OE1  1 
ATOM   710 O  OE2  . GLU A 1 51 ? -9.886  8.153   -0.004  1.00 51.23 ? 51  GLU A OE2  1 
ATOM   711 H  H    . GLU A 1 51 ? -9.897  2.334   -0.304  1.00 14.21 ? 51  GLU A H    1 
ATOM   712 H  HA   . GLU A 1 51 ? -8.083  3.642   1.054   1.00 15.60 ? 51  GLU A HA   1 
ATOM   713 H  HB2  . GLU A 1 51 ? -9.518  4.539   -0.732  1.00 23.38 ? 51  GLU A HB2  1 
ATOM   714 H  HB3  . GLU A 1 51 ? -10.668 4.649   0.325   1.00 23.38 ? 51  GLU A HB3  1 
ATOM   715 H  HG2  . GLU A 1 51 ? -9.556  6.194   1.468   1.00 34.09 ? 51  GLU A HG2  1 
ATOM   716 H  HG3  . GLU A 1 51 ? -8.277  5.990   0.582   1.00 34.09 ? 51  GLU A HG3  1 
ATOM   717 N  N    . VAL A 1 52 ? -8.890  4.062   3.374   1.00 15.81 ? 52  VAL A N    1 
ATOM   718 C  CA   . VAL A 1 52 ? -9.287  4.359   4.656   1.00 18.41 ? 52  VAL A CA   1 
ATOM   719 C  C    . VAL A 1 52 ? -9.893  5.854   4.630   1.00 21.77 ? 52  VAL A C    1 
ATOM   720 O  O    . VAL A 1 52 ? -9.176  6.832   4.440   1.00 26.49 ? 52  VAL A O    1 
ATOM   721 C  CB   . VAL A 1 52 ? -8.243  4.271   5.718   1.00 19.53 ? 52  VAL A CB   1 
ATOM   722 C  CG1  . VAL A 1 52 ? -8.656  4.648   7.079   1.00 25.56 ? 52  VAL A CG1  1 
ATOM   723 C  CG2  . VAL A 1 52 ? -7.511  2.957   5.746   1.00 23.39 ? 52  VAL A CG2  1 
ATOM   724 H  H    . VAL A 1 52 ? -8.078  4.270   3.184   1.00 18.98 ? 52  VAL A H    1 
ATOM   725 H  HA   . VAL A 1 52 ? -10.013 3.745   4.896   1.00 22.09 ? 52  VAL A HA   1 
ATOM   726 H  HB   . VAL A 1 52 ? -7.566  4.933   5.465   1.00 23.43 ? 52  VAL A HB   1 
ATOM   727 H  HG11 . VAL A 1 52 ? -9.372  4.076   7.366   1.00 38.35 ? 52  VAL A HG11 1 
ATOM   728 H  HG12 . VAL A 1 52 ? -7.912  4.555   7.678   1.00 38.35 ? 52  VAL A HG12 1 
ATOM   729 H  HG13 . VAL A 1 52 ? -8.956  5.561   7.081   1.00 38.35 ? 52  VAL A HG13 1 
ATOM   730 H  HG21 . VAL A 1 52 ? -7.246  2.720   4.854   1.00 35.09 ? 52  VAL A HG21 1 
ATOM   731 H  HG22 . VAL A 1 52 ? -6.733  3.036   6.302   1.00 35.09 ? 52  VAL A HG22 1 
ATOM   732 H  HG23 . VAL A 1 52 ? -8.089  2.277   6.100   1.00 35.09 ? 52  VAL A HG23 1 
ATOM   733 N  N    . GLU A 1 53 ? -11.161 5.962   4.710   1.00 26.86 ? 53  GLU A N    1 
ATOM   734 C  CA   . GLU A 1 53 ? -11.842 7.293   4.729   1.00 35.57 ? 53  GLU A CA   1 
ATOM   735 C  C    . GLU A 1 53 ? -11.880 7.823   6.160   1.00 45.58 ? 53  GLU A C    1 
ATOM   736 O  O    . GLU A 1 53 ? -11.893 7.052   7.145   1.00 50.94 ? 53  GLU A O    1 
ATOM   737 C  CB   . GLU A 1 53 ? -13.243 7.214   4.185   1.00 38.95 ? 53  GLU A CB   1 
ATOM   738 C  CG   . GLU A 1 53 ? -13.274 8.143   2.835   1.00 42.56 ? 53  GLU A CG   1 
ATOM   739 C  CD   . GLU A 1 53 ? -13.277 7.012   1.825   1.00 38.29 ? 53  GLU A CD   1 
ATOM   740 O  OE1  . GLU A 1 53 ? -13.392 5.879   2.450   1.00 48.24 ? 53  GLU A OE1  1 
ATOM   741 O  OE2  . GLU A 1 53 ? -13.033 7.099   0.655   1.00 47.73 ? 53  GLU A OE2  1 
ATOM   742 H  H    . GLU A 1 53 ? -11.639 5.247   4.756   1.00 32.23 ? 53  GLU A H    1 
ATOM   743 H  HA   . GLU A 1 53 ? -11.326 7.916   4.177   1.00 42.68 ? 53  GLU A HA   1 
ATOM   744 H  HB2  . GLU A 1 53 ? -13.471 6.296   3.969   1.00 46.75 ? 53  GLU A HB2  1 
ATOM   745 H  HB3  . GLU A 1 53 ? -13.878 7.545   4.839   1.00 46.75 ? 53  GLU A HB3  1 
ATOM   746 H  HG2  . GLU A 1 53 ? -14.074 8.687   2.781   1.00 51.08 ? 53  GLU A HG2  1 
ATOM   747 H  HG3  . GLU A 1 53 ? -12.486 8.704   2.756   1.00 51.08 ? 53  GLU A HG3  1 
HETATM 748 FE FE   . FE  B 2 .  ? -2.111  -8.023  3.138   1.00 11.64 ? 55  FE  A FE   1 
HETATM 749 O  O    . HOH C 3 .  ? 3.179   1.892   4.861   1.00 16.18 ? 56  HOH A O    1 
HETATM 750 O  O    . HOH C 3 .  ? -2.371  7.380   -0.661  1.00 18.68 ? 57  HOH A O    1 
HETATM 751 O  O    . HOH C 3 .  ? -0.664  -5.372  -7.434  1.00 18.61 ? 58  HOH A O    1 
HETATM 752 O  O    . HOH C 3 .  ? 5.666   -5.131  -0.976  1.00 20.62 ? 59  HOH A O    1 
HETATM 753 O  O    . HOH C 3 .  ? 9.043   5.198   -4.978  1.00 23.06 ? 60  HOH A O    1 
HETATM 754 O  O    . HOH C 3 .  ? -12.818 2.438   0.937   1.00 20.31 ? 61  HOH A O    1 
HETATM 755 O  O    . HOH C 3 .  ? 9.614   -1.175  3.546   1.00 20.77 ? 62  HOH A O    1 
HETATM 756 O  O    . HOH C 3 .  ? 7.487   11.261  5.113   1.00 22.84 ? 63  HOH A O    1 
HETATM 757 O  O    . HOH C 3 .  ? -4.256  7.105   -4.002  1.00 23.81 ? 64  HOH A O    1 
HETATM 758 O  O    . HOH C 3 .  ? 2.496   10.060  -5.257  1.00 24.08 ? 65  HOH A O    1 
HETATM 759 O  O    . HOH C 3 .  ? -6.721  7.816   5.477   1.00 26.10 ? 66  HOH A O    1 
HETATM 760 O  O    . HOH C 3 .  ? 6.014   -5.556  -3.846  1.00 24.95 ? 67  HOH A O    1 
HETATM 761 O  O    . HOH C 3 .  ? -13.904 4.635   -0.310  1.00 27.35 ? 68  HOH A O    1 
HETATM 762 O  O    . HOH C 3 .  ? -6.716  8.503   -2.443  1.00 29.50 ? 69  HOH A O    1 
HETATM 763 O  O    . HOH C 3 .  ? -4.472  9.732   -1.293  1.00 27.57 ? 70  HOH A O    1 
HETATM 764 O  O    . HOH C 3 .  ? 1.683   -0.167  8.346   1.00 32.99 ? 71  HOH A O    1 
HETATM 765 O  O    . HOH C 3 .  ? 5.544   -1.444  4.665   1.00 27.18 ? 72  HOH A O    1 
HETATM 766 O  O    . HOH C 3 .  ? -0.822  5.716   -11.264 1.00 28.28 ? 73  HOH A O    1 
HETATM 767 O  O    . HOH C 3 .  ? -16.232 4.948   5.050   1.00 32.71 ? 74  HOH A O    1 
HETATM 768 O  O    . HOH C 3 .  ? 6.825   -7.713  -0.581  1.00 30.00 ? 75  HOH A O    1 
HETATM 769 O  O    . HOH C 3 .  ? 4.797   -9.800  0.150   1.00 31.42 ? 76  HOH A O    1 
HETATM 770 O  O    . HOH C 3 .  ? 3.704   4.799   -10.854 1.00 32.08 ? 77  HOH A O    1 
HETATM 771 O  O    . HOH C 3 .  ? -10.768 -6.631  -8.665  1.00 32.25 ? 78  HOH A O    1 
HETATM 772 O  O    . HOH C 3 .  ? 5.539   5.754   -7.925  1.00 33.08 ? 79  HOH A O    1 
HETATM 773 O  O    . HOH C 3 .  ? 8.863   3.319   6.173   1.00 37.33 ? 80  HOH A O    1 
HETATM 774 O  O    . HOH C 3 .  ? -4.631  -9.770  -5.813  1.00 33.67 ? 81  HOH A O    1 
HETATM 775 O  O    . HOH C 3 .  ? 6.771   1.059   5.662   1.00 34.19 ? 82  HOH A O    1 
HETATM 776 O  O    . HOH C 3 .  ? -11.037 0.636   4.564   1.00 64.83 ? 83  HOH A O    1 
HETATM 777 O  O    . HOH C 3 .  ? -2.643  2.919   -9.142  1.00 35.51 ? 84  HOH A O    1 
HETATM 778 O  O    . HOH C 3 .  ? -22.742 2.343   -4.218  1.00 32.88 ? 85  HOH A O    1 
HETATM 779 O  O    . HOH C 3 .  ? -3.911  -5.853  -8.146  1.00 36.75 ? 86  HOH A O    1 
HETATM 780 O  O    . HOH C 3 .  ? -4.082  -13.181 5.950   1.00 33.81 ? 87  HOH A O    1 
HETATM 781 O  O    . HOH C 3 .  ? -10.409 -3.040  -3.403  1.00 35.75 ? 88  HOH A O    1 
HETATM 782 O  O    . HOH C 3 .  ? -13.152 11.601  5.285   1.00 40.79 ? 89  HOH A O    1 
HETATM 783 O  O    . HOH C 3 .  ? -5.727  -3.339  10.270  1.00 45.99 ? 90  HOH A O    1 
HETATM 784 O  O    . HOH C 3 .  ? 3.941   1.778   7.627   1.00 42.42 ? 91  HOH A O    1 
HETATM 785 O  O    . HOH C 3 .  ? 7.575   -2.143  -9.804  1.00 44.38 ? 92  HOH A O    1 
HETATM 786 O  O    . HOH C 3 .  ? 7.746   -0.677  -6.374  1.00 37.44 ? 93  HOH A O    1 
HETATM 787 O  O    . HOH C 3 .  ? 7.478   9.501   -3.370  1.00 50.90 ? 94  HOH A O    1 
HETATM 788 O  O    . HOH C 3 .  ? 6.580   4.703   -10.522 1.00 43.02 ? 95  HOH A O    1 
HETATM 789 O  O    . HOH C 3 .  ? 7.332   -3.540  -5.311  1.00 39.97 ? 96  HOH A O    1 
HETATM 790 O  O    . HOH C 3 .  ? 8.697   10.652  -2.238  1.00 48.64 ? 97  HOH A O    1 
HETATM 791 O  O    . HOH C 3 .  ? -22.631 -0.485  -5.451  1.00 35.29 ? 98  HOH A O    1 
HETATM 792 O  O    . HOH C 3 .  ? 7.921   -4.020  3.652   1.00 46.25 ? 99  HOH A O    1 
HETATM 793 O  O    . HOH C 3 .  ? 7.098   3.871   -6.314  1.00 48.13 ? 100 HOH A O    1 
HETATM 794 O  O    . HOH C 3 .  ? -12.021 12.094  7.641   1.00 65.38 ? 101 HOH A O    1 
HETATM 795 O  O    . HOH C 3 .  ? 8.769   1.664   -7.077  1.00 45.30 ? 102 HOH A O    1 
HETATM 796 O  O    . HOH C 3 .  ? 8.842   0.036   -10.806 1.00 66.95 ? 103 HOH A O    1 
HETATM 797 O  O    . HOH C 3 .  ? 6.755   -3.022  -7.797  1.00 44.51 ? 104 HOH A O    1 
HETATM 798 O  O    . HOH C 3 .  ? -12.564 9.110   -1.534  1.00 47.40 ? 105 HOH A O    1 
HETATM 799 O  O    . HOH C 3 .  ? 1.345   6.386   -11.606 1.00 44.03 ? 106 HOH A O    1 
HETATM 800 O  O    . HOH C 3 .  ? -8.476  0.068   8.418   1.00 51.13 ? 107 HOH A O    1 
HETATM 801 O  O    . HOH C 3 .  ? -6.013  13.359  1.891   1.00 60.02 ? 108 HOH A O    1 
HETATM 802 O  O    . HOH C 3 .  ? 7.582   8.384   -10.767 0.33 75.74 ? 109 HOH A O    1 
HETATM 803 O  O    . HOH C 3 .  ? -0.385  12.312  4.223   1.00 52.59 ? 110 HOH A O    1 
HETATM 804 O  O    . HOH C 3 .  ? 9.493   -0.344  6.235   1.00 55.50 ? 111 HOH A O    1 
HETATM 805 O  O    . HOH C 3 .  ? 5.024   10.058  -5.991  1.00 67.35 ? 112 HOH A O    1 
HETATM 806 O  O    . HOH C 3 .  ? -26.393 -10.138 0.346   1.00 63.91 ? 113 HOH A O    1 
HETATM 807 O  O    . HOH C 3 .  ? -7.566  -7.163  -10.771 1.00 50.18 ? 114 HOH A O    1 
HETATM 808 O  O    . HOH C 3 .  ? 6.556   -8.760  9.704   1.00 57.67 ? 115 HOH A O    1 
HETATM 809 O  O    . HOH C 3 .  ? -2.178  -2.041  10.276  1.00 60.29 ? 116 HOH A O    1 
HETATM 810 O  O    . HOH C 3 .  ? -11.775 10.813  2.731   1.00 60.36 ? 117 HOH A O    1 
HETATM 811 O  O    . HOH C 3 .  ? 3.751   -1.630  8.773   1.00 62.87 ? 118 HOH A O    1 
HETATM 812 O  O    . HOH C 3 .  ? -6.609  -7.130  -22.041 1.00 68.55 ? 119 HOH A O    1 
HETATM 813 O  O    . HOH C 3 .  ? -20.421 1.625   -2.354  1.00 68.34 ? 120 HOH A O    1 
HETATM 814 O  O    . HOH C 3 .  ? 4.999   12.509  3.228   1.00 49.39 ? 121 HOH A O    1 
HETATM 815 O  O    . HOH C 3 .  ? -5.022  10.149  -4.788  1.00 51.97 ? 122 HOH A O    1 
HETATM 816 O  O    . HOH C 3 .  ? 10.290  -6.003  -3.944  1.00 57.20 ? 123 HOH A O    1 
HETATM 817 O  O    . HOH C 3 .  ? -6.063  14.880  -4.707  1.00 80.45 ? 124 HOH A O    1 
HETATM 818 O  O    . HOH C 3 .  ? 5.043   13.271  -1.535  1.00 86.81 ? 125 HOH A O    1 
HETATM 819 O  O    . HOH C 3 .  ? -13.824 9.797   8.195   1.00 42.19 ? 126 HOH A O    1 
HETATM 820 O  O    . HOH C 3 .  ? 7.177   -6.707  5.724   1.00 51.33 ? 127 HOH A O    1 
HETATM 821 O  O    . HOH C 3 .  ? 6.006   8.208   -8.277  1.00 62.26 ? 128 HOH A O    1 
HETATM 822 O  O    . HOH C 3 .  ? 7.380   12.439  -3.517  1.00 59.59 ? 129 HOH A O    1 
HETATM 823 O  O    . HOH C 3 .  ? -1.386  12.959  -4.284  1.00 71.23 ? 130 HOH A O    1 
HETATM 824 O  O    . HOH C 3 .  ? -12.829 3.820   6.055   1.00 60.08 ? 131 HOH A O    1 
HETATM 825 O  O    . HOH C 3 .  ? 7.926   -8.196  1.601   1.00 63.13 ? 132 HOH A O    1 
HETATM 826 O  O    . HOH C 3 .  ? 4.203   16.611  5.416   1.00 58.76 ? 133 HOH A O    1 
HETATM 827 O  O    . HOH C 3 .  ? 5.154   -10.877 -6.049  1.00 68.97 ? 134 HOH A O    1 
HETATM 828 O  O    . HOH C 3 .  ? -5.179  10.140  8.499   1.00 81.51 ? 135 HOH A O    1 
HETATM 829 O  O    . HOH C 3 .  ? -7.372  -2.460  8.673   1.00 52.37 ? 136 HOH A O    1 
HETATM 830 O  O    . HOH C 3 .  ? -25.805 -13.669 -3.920  1.00 68.82 ? 137 HOH A O    1 
HETATM 831 O  O    . HOH C 3 .  ? -0.069  10.225  -11.088 1.00 65.76 ? 138 HOH A O    1 
HETATM 832 O  O    . HOH C 3 .  ? 7.186   -8.038  -4.375  1.00 68.01 ? 139 HOH A O    1 
HETATM 833 O  O    . HOH C 3 .  ? 9.887   -8.180  -0.506  1.00 69.40 ? 140 HOH A O    1 
HETATM 834 O  O    . HOH C 3 .  ? -10.183 10.127  12.957  1.00 85.31 ? 141 HOH A O    1 
HETATM 835 O  O    . HOH C 3 .  ? 5.905   -3.841  6.396   1.00 60.68 ? 142 HOH A O    1 
HETATM 836 O  O    . HOH C 3 .  ? -5.779  6.645   10.536  1.00 64.86 ? 143 HOH A O    1 
HETATM 837 O  O    . HOH C 3 .  ? -8.912  11.994  0.741   1.00 66.24 ? 144 HOH A O    1 
HETATM 838 O  O    . HOH C 3 .  ? -1.107  12.380  -8.771  1.00 90.17 ? 145 HOH A O    1 
HETATM 839 O  O    . HOH C 3 .  ? -10.809 11.262  5.831   1.00 62.00 ? 146 HOH A O    1 
HETATM 840 O  O    . HOH C 3 .  ? 5.979   -6.939  -6.718  1.00 44.37 ? 147 HOH A O    1 
HETATM 841 O  O    . HOH C 3 .  ? 7.822   -6.083  -8.046  1.00 74.11 ? 148 HOH A O    1 
HETATM 842 O  O    . HOH C 3 .  ? -0.721  9.410   6.268   1.00 49.53 ? 149 HOH A O    1 
HETATM 843 O  O    . HOH C 3 .  ? 2.664   11.770  -8.937  1.00 70.35 ? 150 HOH A O    1 
HETATM 844 O  O    . HOH C 3 .  ? -8.942  9.818   9.010   1.00 64.28 ? 151 HOH A O    1 
HETATM 845 O  O    . HOH C 3 .  ? -7.269  2.226   9.960   1.00 81.03 ? 152 HOH A O    1 
HETATM 846 O  O    . HOH C 3 .  ? 0.663   1.764   10.034  1.00 74.47 ? 153 HOH A O    1 
HETATM 847 O  O    . HOH C 3 .  ? -13.836 9.065   10.804  1.00 73.33 ? 154 HOH A O    1 
HETATM 848 O  O    . HOH C 3 .  ? 2.556   11.855  3.326   1.00 68.95 ? 155 HOH A O    1 
HETATM 849 O  O    . HOH C 3 .  ? 11.258  2.206   6.766   1.00 60.19 ? 156 HOH A O    1 
HETATM 850 O  O    . HOH C 3 .  ? -10.767 7.311   12.050  1.00 66.46 ? 157 HOH A O    1 
HETATM 851 O  O    . HOH C 3 .  ? 4.524   8.907   -10.911 1.00 63.29 ? 158 HOH A O    1 
HETATM 852 O  O    . HOH C 3 .  ? 6.993   8.261   -5.337  1.00 54.33 ? 159 HOH A O    1 
HETATM 853 O  O    . HOH C 3 .  ? 7.191   -1.338  8.717   1.00 65.57 ? 160 HOH A O    1 
HETATM 854 O  O    . HOH C 3 .  ? 8.128   3.193   -11.872 1.00 52.08 ? 161 HOH A O    1 
HETATM 855 O  O    . HOH C 3 .  ? 5.105   -11.457 -1.727  1.00 43.42 ? 162 HOH A O    1 
HETATM 856 O  O    . HOH C 3 .  ? -12.700 10.632  12.754  1.00 56.87 ? 163 HOH A O    1 
HETATM 857 O  O    . HOH C 3 .  ? 2.545   9.230   9.661   1.00 62.39 ? 164 HOH A O    1 
HETATM 858 O  O    . HOH C 3 .  ? 3.727   -12.659 2.003   1.00 49.62 ? 165 HOH A O    1 
# 
loop_
_atom_site_anisotrop.id 
_atom_site_anisotrop.type_symbol 
_atom_site_anisotrop.pdbx_label_atom_id 
_atom_site_anisotrop.pdbx_label_alt_id 
_atom_site_anisotrop.pdbx_label_comp_id 
_atom_site_anisotrop.pdbx_label_asym_id 
_atom_site_anisotrop.pdbx_label_seq_id 
_atom_site_anisotrop.pdbx_PDB_ins_code 
_atom_site_anisotrop.U[1][1] 
_atom_site_anisotrop.U[2][2] 
_atom_site_anisotrop.U[3][3] 
_atom_site_anisotrop.U[1][2] 
_atom_site_anisotrop.U[1][3] 
_atom_site_anisotrop.U[2][3] 
_atom_site_anisotrop.pdbx_auth_seq_id 
_atom_site_anisotrop.pdbx_auth_comp_id 
_atom_site_anisotrop.pdbx_auth_asym_id 
_atom_site_anisotrop.pdbx_auth_atom_id 
1   N  N    . MET A 1  ? 0.4276 0.2061 0.6708 -0.0573 0.0313  -0.1004 1   MET A N    
2   C  CA   . MET A 1  ? 0.3185 0.2281 0.4166 -0.0668 0.0467  0.0292  1   MET A CA   
3   C  C    . MET A 1  ? 0.3103 0.2515 0.3625 -0.0517 0.0069  -0.1044 1   MET A C    
4   O  O    . MET A 1  ? 0.4391 0.3301 0.3638 -0.1515 -0.0221 -0.1105 1   MET A O    
5   C  CB   . MET A 1  ? 0.3203 0.2435 0.4782 -0.0614 0.0332  0.0449  1   MET A CB   
6   C  CG   . MET A 1  ? 0.3500 0.2552 0.4600 -0.0524 0.0543  -0.0194 1   MET A CG   
7   S  SD   . MET A 1  ? 0.3799 0.2636 0.4468 -0.0032 0.0902  -0.0145 1   MET A SD   
8   C  CE   . MET A 1  ? 0.4988 0.2815 0.5758 -0.1001 0.0062  -0.0970 1   MET A CE   
9   H  H1   . MET A 1  ? 0.6522 0.6522 0.6522 0.0000  0.0000  0.0000  1   MET A H1   
10  H  H2   . MET A 1  ? 0.6522 0.6522 0.6522 0.0000  0.0000  0.0000  1   MET A H2   
11  H  H3   . MET A 1  ? 0.6522 0.6522 0.6522 0.0000  0.0000  0.0000  1   MET A H3   
12  H  HA   . MET A 1  ? 0.3852 0.3852 0.3852 0.0000  0.0000  0.0000  1   MET A HA   
13  H  HB2  . MET A 1  ? 0.4168 0.4168 0.4168 0.0000  0.0000  0.0000  1   MET A HB2  
14  H  HB3  . MET A 1  ? 0.4168 0.4168 0.4168 0.0000  0.0000  0.0000  1   MET A HB3  
15  H  HG2  . MET A 1  ? 0.4260 0.4260 0.4260 0.0000  0.0000  0.0000  1   MET A HG2  
16  H  HG3  . MET A 1  ? 0.4260 0.4260 0.4260 0.0000  0.0000  0.0000  1   MET A HG3  
17  H  HE1  . MET A 1  ? 0.6780 0.6780 0.6780 0.0000  0.0000  0.0000  1   MET A HE1  
18  H  HE2  . MET A 1  ? 0.6780 0.6780 0.6780 0.0000  0.0000  0.0000  1   MET A HE2  
19  H  HE3  . MET A 1  ? 0.6780 0.6780 0.6780 0.0000  0.0000  0.0000  1   MET A HE3  
20  N  N    . LYS A 2  ? 0.2471 0.1847 0.2552 0.0164  0.0055  -0.0240 2   LYS A N    
21  C  CA   . LYS A 2  ? 0.2364 0.1597 0.2520 0.0015  0.0241  -0.0440 2   LYS A CA   
22  C  C    . LYS A 2  ? 0.1656 0.1580 0.2025 -0.0172 0.0245  -0.0456 2   LYS A C    
23  O  O    . LYS A 2  ? 0.1896 0.1760 0.1875 -0.0048 0.0219  -0.0123 2   LYS A O    
24  C  CB   . LYS A 2  ? 0.2475 0.2650 0.3475 0.0504  -0.0705 -0.0611 2   LYS A CB   
25  C  CG   . LYS A 2  ? 0.3828 0.3165 0.5465 0.0682  -0.1609 -0.0721 2   LYS A CG   
26  C  CD   . LYS A 2  ? 0.5189 0.3427 0.5207 0.0826  -0.1307 -0.0485 2   LYS A CD   
27  C  CE   . LYS A 2  ? 0.5095 0.3365 0.4902 0.0829  -0.1134 -0.0445 2   LYS A CE   
28  N  NZ   . LYS A 2  ? 0.5150 0.3531 0.4884 0.0787  -0.1160 -0.0465 2   LYS A NZ   
29  H  H    . LYS A 2  ? 0.2748 0.2748 0.2748 0.0000  0.0000  0.0000  2   LYS A H    
30  H  HA   . LYS A 2  ? 0.2592 0.2592 0.2592 0.0000  0.0000  0.0000  2   LYS A HA   
31  H  HB2  . LYS A 2  ? 0.3439 0.3439 0.3439 0.0000  0.0000  0.0000  2   LYS A HB2  
32  H  HB3  . LYS A 2  ? 0.3439 0.3439 0.3439 0.0000  0.0000  0.0000  2   LYS A HB3  
33  N  N    . LYS A 3  ? 0.1816 0.1534 0.2024 -0.0163 0.0339  -0.0539 3   LYS A N    
34  C  CA   . LYS A 3  ? 0.1429 0.1513 0.1480 -0.0155 0.0202  -0.0434 3   LYS A CA   
35  C  C    . LYS A 3  ? 0.1255 0.1588 0.1344 -0.0109 0.0141  -0.0060 3   LYS A C    
36  O  O    . LYS A 3  ? 0.1200 0.1624 0.2121 0.0032  0.0046  -0.0387 3   LYS A O    
37  C  CB   . LYS A 3  ? 0.1569 0.2147 0.1519 -0.0254 0.0051  -0.0549 3   LYS A CB   
38  C  CG   . LYS A 3  ? 0.2065 0.2764 0.1855 -0.0314 0.0120  -0.0960 3   LYS A CG   
39  C  CD   . LYS A 3  ? 0.2850 0.4224 0.2146 -0.0422 -0.0372 -0.1349 3   LYS A CD   
40  C  CE   . LYS A 3  ? 0.4632 0.6163 0.2465 -0.0505 -0.1184 -0.0760 3   LYS A CE   
41  N  NZ   . LYS A 3  ? 0.5156 0.9961 0.2932 0.0522  -0.0742 -0.2386 3   LYS A NZ   
42  H  H    . LYS A 3  ? 0.2149 0.2149 0.2149 0.0000  0.0000  0.0000  3   LYS A H    
43  H  HA   . LYS A 3  ? 0.1769 0.1769 0.1769 0.0000  0.0000  0.0000  3   LYS A HA   
44  H  HB2  . LYS A 3  ? 0.2093 0.2093 0.2093 0.0000  0.0000  0.0000  3   LYS A HB2  
45  H  HB3  . LYS A 3  ? 0.2093 0.2093 0.2093 0.0000  0.0000  0.0000  3   LYS A HB3  
46  H  HG2  . LYS A 3  ? 0.2673 0.2673 0.2673 0.0000  0.0000  0.0000  3   LYS A HG2  
47  H  HG3  . LYS A 3  ? 0.2673 0.2673 0.2673 0.0000  0.0000  0.0000  3   LYS A HG3  
48  H  HD2  . LYS A 3  ? 0.3688 0.3688 0.3688 0.0000  0.0000  0.0000  3   LYS A HD2  
49  H  HD3  . LYS A 3  ? 0.3688 0.3688 0.3688 0.0000  0.0000  0.0000  3   LYS A HD3  
50  H  HE2  . LYS A 3  ? 0.5304 0.5304 0.5304 0.0000  0.0000  0.0000  3   LYS A HE2  
51  H  HE3  . LYS A 3  ? 0.5304 0.5304 0.5304 0.0000  0.0000  0.0000  3   LYS A HE3  
52  H  HZ1  . LYS A 3  ? 0.9023 0.9023 0.9023 0.0000  0.0000  0.0000  3   LYS A HZ1  
53  H  HZ2  . LYS A 3  ? 0.9023 0.9023 0.9023 0.0000  0.0000  0.0000  3   LYS A HZ2  
54  H  HZ3  . LYS A 3  ? 0.9023 0.9023 0.9023 0.0000  0.0000  0.0000  3   LYS A HZ3  
55  N  N    . TYR A 4  ? 0.1046 0.1373 0.1287 0.0016  0.0045  -0.0201 4   TYR A N    
56  C  CA   . TYR A 4  ? 0.1077 0.1444 0.1219 -0.0107 -0.0074 -0.0149 4   TYR A CA   
57  C  C    . TYR A 4  ? 0.1021 0.1426 0.1318 -0.0048 0.0003  -0.0005 4   TYR A C    
58  O  O    . TYR A 4  ? 0.1146 0.1963 0.2270 -0.0327 -0.0422 0.0741  4   TYR A O    
59  C  CB   . TYR A 4  ? 0.1177 0.1383 0.1256 -0.0073 -0.0033 -0.0012 4   TYR A CB   
60  C  CG   . TYR A 4  ? 0.1153 0.1573 0.1032 0.0044  -0.0021 -0.0130 4   TYR A CG   
61  C  CD1  . TYR A 4  ? 0.1526 0.1371 0.1297 -0.0065 -0.0151 -0.0015 4   TYR A CD1  
62  C  CD2  . TYR A 4  ? 0.1302 0.1503 0.1247 0.0057  -0.0069 -0.0126 4   TYR A CD2  
63  C  CE1  . TYR A 4  ? 0.1894 0.1415 0.1219 -0.0027 -0.0181 -0.0189 4   TYR A CE1  
64  C  CE2  . TYR A 4  ? 0.1521 0.1723 0.1354 -0.0065 -0.0192 -0.0212 4   TYR A CE2  
65  C  CZ   . TYR A 4  ? 0.1645 0.1551 0.1257 0.0198  -0.0138 -0.0028 4   TYR A CZ   
66  O  OH   . TYR A 4  ? 0.2653 0.1859 0.1449 0.0158  -0.0596 0.0024  4   TYR A OH   
67  H  H    . TYR A 4  ? 0.1481 0.1481 0.1481 0.0000  0.0000  0.0000  4   TYR A H    
68  H  HA   . TYR A 4  ? 0.1495 0.1495 0.1495 0.0000  0.0000  0.0000  4   TYR A HA   
69  H  HB2  . TYR A 4  ? 0.1526 0.1526 0.1526 0.0000  0.0000  0.0000  4   TYR A HB2  
70  H  HB3  . TYR A 4  ? 0.1526 0.1526 0.1526 0.0000  0.0000  0.0000  4   TYR A HB3  
71  H  HD1  . TYR A 4  ? 0.1676 0.1676 0.1676 0.0000  0.0000  0.0000  4   TYR A HD1  
72  H  HD2  . TYR A 4  ? 0.1621 0.1621 0.1621 0.0000  0.0000  0.0000  4   TYR A HD2  
73  H  HE1  . TYR A 4  ? 0.1811 0.1811 0.1811 0.0000  0.0000  0.0000  4   TYR A HE1  
74  H  HE2  . TYR A 4  ? 0.1838 0.1838 0.1838 0.0000  0.0000  0.0000  4   TYR A HE2  
75  H  HH   . TYR A 4  ? 0.2981 0.2981 0.2981 0.0000  0.0000  0.0000  4   TYR A HH   
76  N  N    . THR A 5  ? 0.1139 0.1521 0.1233 -0.0312 -0.0097 0.0037  5   THR A N    
77  C  CA   . THR A 5  ? 0.1521 0.1421 0.1083 -0.0246 -0.0157 0.0180  5   THR A CA   
78  C  C    . THR A 5  ? 0.1052 0.1349 0.0966 -0.0259 -0.0013 0.0021  5   THR A C    
79  O  O    . THR A 5  ? 0.1174 0.1506 0.1301 -0.0129 -0.0247 -0.0112 5   THR A O    
80  C  CB   A THR A 5  ? 0.2356 0.1517 0.1165 -0.0351 -0.0025 0.0162  5   THR A CB   
81  C  CB   B THR A 5  ? 0.1596 0.1661 0.0516 -0.0109 0.0514  -0.0065 5   THR A CB   
82  O  OG1  A THR A 5  ? 0.3544 0.2165 0.1619 0.0141  0.0421  0.0437  5   THR A OG1  
83  O  OG1  B THR A 5  ? 0.3035 0.1498 0.1266 -0.0054 0.0588  -0.0131 5   THR A OG1  
84  C  CG2  A THR A 5  ? 0.1003 0.3122 0.2232 -0.0108 0.0579  0.0160  5   THR A CG2  
85  C  CG2  B THR A 5  ? 0.2462 0.1189 0.0780 -0.0373 0.0548  -0.0175 5   THR A CG2  
86  H  H    . THR A 5  ? 0.1556 0.1556 0.1556 0.0000  0.0000  0.0000  5   THR A H    
87  H  HA   . THR A 5  ? 0.1609 0.1609 0.1609 0.0000  0.0000  0.0000  5   THR A HA   
88  N  N    . CYS A 6  ? 0.1059 0.1327 0.1038 -0.0327 -0.0087 0.0010  6   CYS A N    
89  C  CA   . CYS A 6  ? 0.1074 0.1377 0.0911 -0.0294 0.0070  0.0225  6   CYS A CA   
90  C  C    . CYS A 6  ? 0.1205 0.1387 0.1034 -0.0373 0.0126  0.0168  6   CYS A C    
91  O  O    . CYS A 6  ? 0.1414 0.1650 0.1041 -0.0426 0.0152  0.0240  6   CYS A O    
92  C  CB   . CYS A 6  ? 0.0998 0.1475 0.1162 -0.0200 0.0106  0.0139  6   CYS A CB   
93  S  SG   . CYS A 6  ? 0.1500 0.1402 0.1280 -0.0155 0.0171  0.0153  6   CYS A SG   
94  H  H    . CYS A 6  ? 0.1370 0.1370 0.1370 0.0000  0.0000  0.0000  6   CYS A H    
95  H  HA   . CYS A 6  ? 0.1345 0.1345 0.1345 0.0000  0.0000  0.0000  6   CYS A HA   
96  H  HB2  . CYS A 6  ? 0.1453 0.1453 0.1453 0.0000  0.0000  0.0000  6   CYS A HB2  
97  H  HB3  . CYS A 6  ? 0.1453 0.1453 0.1453 0.0000  0.0000  0.0000  6   CYS A HB3  
98  N  N    . THR A 7  ? 0.1128 0.1645 0.1124 -0.0465 0.0090  0.0221  7   THR A N    
99  C  CA   . THR A 7  ? 0.1243 0.1832 0.1486 -0.0609 0.0079  0.0082  7   THR A CA   
100 C  C    . THR A 7  ? 0.1806 0.1809 0.1373 -0.0652 0.0416  -0.0058 7   THR A C    
101 O  O    . THR A 7  ? 0.2339 0.1980 0.2334 -0.0835 0.1105  0.0038  7   THR A O    
102 C  CB   . THR A 7  ? 0.1280 0.2306 0.1867 -0.0710 -0.0098 -0.0017 7   THR A CB   
103 O  OG1  . THR A 7  ? 0.1775 0.2223 0.1690 -0.0932 -0.0167 0.0123  7   THR A OG1  
104 C  CG2  . THR A 7  ? 0.1383 0.2537 0.2624 -0.0226 0.0077  0.0416  7   THR A CG2  
105 H  H    . THR A 7  ? 0.1559 0.1559 0.1559 0.0000  0.0000  0.0000  7   THR A H    
106 H  HA   . THR A 7  ? 0.1825 0.1825 0.1825 0.0000  0.0000  0.0000  7   THR A HA   
107 H  HB   . THR A 7  ? 0.2182 0.2182 0.2182 0.0000  0.0000  0.0000  7   THR A HB   
108 H  HG1  . THR A 7  ? 0.2843 0.2843 0.2843 0.0000  0.0000  0.0000  7   THR A HG1  
109 H  HG21 . THR A 7  ? 0.3272 0.3272 0.3272 0.0000  0.0000  0.0000  7   THR A HG21 
110 H  HG22 . THR A 7  ? 0.3272 0.3272 0.3272 0.0000  0.0000  0.0000  7   THR A HG22 
111 H  HG23 . THR A 7  ? 0.3272 0.3272 0.3272 0.0000  0.0000  0.0000  7   THR A HG23 
112 N  N    . VAL A 8  ? 0.1703 0.1568 0.1021 -0.0581 0.0080  0.0188  8   VAL A N    
113 C  CA   . VAL A 8  ? 0.1986 0.1479 0.0945 -0.0489 0.0057  0.0101  8   VAL A CA   
114 C  C    . VAL A 8  ? 0.2140 0.1679 0.0913 -0.0733 0.0027  0.0289  8   VAL A C    
115 O  O    . VAL A 8  ? 0.3469 0.2230 0.1118 -0.1534 -0.0415 0.0593  8   VAL A O    
116 C  CB   . VAL A 8  ? 0.2769 0.1644 0.1026 -0.0569 0.0081  0.0176  8   VAL A CB   
117 C  CG1  . VAL A 8  ? 0.3517 0.1576 0.1621 -0.0099 0.0259  0.0090  8   VAL A CG1  
118 C  CG2  . VAL A 8  ? 0.3413 0.2366 0.1048 -0.1005 -0.0051 -0.0026 8   VAL A CG2  
119 H  H    . VAL A 8  ? 0.1717 0.1717 0.1717 0.0000  0.0000  0.0000  8   VAL A H    
120 H  HA   . VAL A 8  ? 0.1764 0.1764 0.1764 0.0000  0.0000  0.0000  8   VAL A HA   
121 H  HB   . VAL A 8  ? 0.2175 0.2175 0.2175 0.0000  0.0000  0.0000  8   VAL A HB   
122 H  HG11 . VAL A 8  ? 0.3356 0.3356 0.3356 0.0000  0.0000  0.0000  8   VAL A HG11 
123 H  HG12 . VAL A 8  ? 0.3356 0.3356 0.3356 0.0000  0.0000  0.0000  8   VAL A HG12 
124 H  HG13 . VAL A 8  ? 0.3356 0.3356 0.3356 0.0000  0.0000  0.0000  8   VAL A HG13 
125 H  HG21 . VAL A 8  ? 0.3414 0.3414 0.3414 0.0000  0.0000  0.0000  8   VAL A HG21 
126 H  HG22 . VAL A 8  ? 0.3414 0.3414 0.3414 0.0000  0.0000  0.0000  8   VAL A HG22 
127 H  HG23 . VAL A 8  ? 0.3414 0.3414 0.3414 0.0000  0.0000  0.0000  8   VAL A HG23 
128 N  N    . CYS A 9  ? 0.1794 0.1560 0.0924 -0.0512 0.0123  0.0267  9   CYS A N    
129 C  CA   . CYS A 9  ? 0.1738 0.1573 0.0841 -0.0380 0.0017  0.0188  9   CYS A CA   
130 C  C    . CYS A 9  ? 0.1539 0.1480 0.0964 -0.0398 0.0059  0.0310  9   CYS A C    
131 O  O    . CYS A 9  ? 0.2048 0.1510 0.1138 -0.0378 -0.0233 0.0212  9   CYS A O    
132 C  CB   . CYS A 9  ? 0.1972 0.1547 0.1066 -0.0016 0.0265  0.0314  9   CYS A CB   
133 S  SG   . CYS A 9  ? 0.1678 0.1720 0.1426 -0.0248 0.0261  0.0302  9   CYS A SG   
134 H  H    . CYS A 9  ? 0.1711 0.1711 0.1711 0.0000  0.0000  0.0000  9   CYS A H    
135 H  HA   . CYS A 9  ? 0.1661 0.1661 0.1661 0.0000  0.0000  0.0000  9   CYS A HA   
136 H  HB2  . CYS A 9  ? 0.1833 0.1833 0.1833 0.0000  0.0000  0.0000  9   CYS A HB2  
137 H  HB3  . CYS A 9  ? 0.1833 0.1833 0.1833 0.0000  0.0000  0.0000  9   CYS A HB3  
138 N  N    . GLY A 10 ? 0.1636 0.1404 0.1010 -0.0377 0.0027  0.0227  10  GLY A N    
139 C  CA   . GLY A 10 ? 0.1635 0.1608 0.1245 -0.0359 0.0037  0.0357  10  GLY A CA   
140 C  C    . GLY A 10 ? 0.1639 0.1543 0.1041 -0.0367 -0.0011 0.0309  10  GLY A C    
141 O  O    . GLY A 10 ? 0.2097 0.1695 0.1290 -0.0489 0.0111  -0.0077 10  GLY A O    
142 H  H    . GLY A 10 ? 0.1619 0.1619 0.1619 0.0000  0.0000  0.0000  10  GLY A H    
143 H  HA2  . GLY A 10 ? 0.1795 0.1795 0.1795 0.0000  0.0000  0.0000  10  GLY A HA2  
144 H  HA3  . GLY A 10 ? 0.1795 0.1795 0.1795 0.0000  0.0000  0.0000  10  GLY A HA3  
145 N  N    . TYR A 11 ? 0.1413 0.1657 0.1150 -0.0301 0.0070  0.0252  11  TYR A N    
146 C  CA   . TYR A 11 ? 0.1391 0.1667 0.1263 -0.0268 -0.0190 0.0326  11  TYR A CA   
147 C  C    . TYR A 11 ? 0.1346 0.1575 0.0970 -0.0421 -0.0065 0.0167  11  TYR A C    
148 O  O    . TYR A 11 ? 0.1524 0.1696 0.1137 -0.0357 -0.0366 0.0184  11  TYR A O    
149 C  CB   . TYR A 11 ? 0.1267 0.1787 0.1500 -0.0188 -0.0134 0.0324  11  TYR A CB   
150 C  CG   . TYR A 11 ? 0.1315 0.1823 0.1487 -0.0261 0.0061  0.0246  11  TYR A CG   
151 C  CD1  . TYR A 11 ? 0.1488 0.2722 0.1854 -0.0435 -0.0158 0.0654  11  TYR A CD1  
152 C  CD2  . TYR A 11 ? 0.1719 0.1686 0.1253 -0.0064 0.0170  0.0290  11  TYR A CD2  
153 C  CE1  . TYR A 11 ? 0.1441 0.2874 0.2246 -0.0674 -0.0186 0.0573  11  TYR A CE1  
154 C  CE2  . TYR A 11 ? 0.1794 0.2048 0.1299 0.0040  0.0293  0.0418  11  TYR A CE2  
155 C  CZ   . TYR A 11 ? 0.1810 0.1963 0.2044 -0.0132 0.0314  0.0434  11  TYR A CZ   
156 O  OH   . TYR A 11 ? 0.2020 0.2361 0.2765 -0.0581 0.0847  0.0490  11  TYR A OH   
157 H  H    . TYR A 11 ? 0.1688 0.1688 0.1688 0.0000  0.0000  0.0000  11  TYR A H    
158 H  HA   . TYR A 11 ? 0.1728 0.1728 0.1728 0.0000  0.0000  0.0000  11  TYR A HA   
159 H  HB2  . TYR A 11 ? 0.1821 0.1821 0.1821 0.0000  0.0000  0.0000  11  TYR A HB2  
160 H  HB3  . TYR A 11 ? 0.1821 0.1821 0.1821 0.0000  0.0000  0.0000  11  TYR A HB3  
161 H  HD1  . TYR A 11 ? 0.2425 0.2425 0.2425 0.0000  0.0000  0.0000  11  TYR A HD1  
162 H  HD2  . TYR A 11 ? 0.1863 0.1863 0.1863 0.0000  0.0000  0.0000  11  TYR A HD2  
163 H  HE1  . TYR A 11 ? 0.2624 0.2624 0.2624 0.0000  0.0000  0.0000  11  TYR A HE1  
164 H  HE2  . TYR A 11 ? 0.2055 0.2055 0.2055 0.0000  0.0000  0.0000  11  TYR A HE2  
165 H  HH   . TYR A 11 ? 0.3572 0.3572 0.3572 0.0000  0.0000  0.0000  11  TYR A HH   
166 N  N    . ILE A 12 ? 0.1429 0.1650 0.1167 -0.0422 -0.0147 0.0026  12  ILE A N    
167 C  CA   . ILE A 12 ? 0.1467 0.1630 0.1299 -0.0393 -0.0028 0.0149  12  ILE A CA   
168 C  C    . ILE A 12 ? 0.1302 0.1501 0.1201 -0.0323 -0.0101 0.0099  12  ILE A C    
169 O  O    . ILE A 12 ? 0.1424 0.2015 0.1533 -0.0561 -0.0404 0.0304  12  ILE A O    
170 C  CB   . ILE A 12 ? 0.2546 0.1821 0.1538 -0.0395 0.0313  -0.0332 12  ILE A CB   
171 C  CG1  A ILE A 12 ? 0.2648 0.2882 0.1687 -0.0594 0.0749  -0.0424 12  ILE A CG1  
172 C  CG1  B ILE A 12 ? 0.2461 0.3380 0.1720 -0.0770 0.0700  -0.0912 12  ILE A CG1  
173 C  CG2  . ILE A 12 ? 0.3970 0.1865 0.2008 -0.0125 0.0432  -0.0156 12  ILE A CG2  
174 C  CD1  A ILE A 12 ? 0.1963 0.4568 0.3318 -0.0172 0.0150  0.0115  12  ILE A CD1  
175 C  CD1  B ILE A 12 ? 0.3084 0.3220 0.1708 -0.0083 0.1236  -0.0211 12  ILE A CD1  
176 H  H    . ILE A 12 ? 0.1698 0.1698 0.1698 0.0000  0.0000  0.0000  12  ILE A H    
177 H  HA   . ILE A 12 ? 0.1759 0.1759 0.1759 0.0000  0.0000  0.0000  12  ILE A HA   
178 H  HB   . ILE A 12 ? 0.2362 0.2362 0.2362 0.0000  0.0000  0.0000  12  ILE A HB   
179 H  HG21 . ILE A 12 ? 0.3921 0.3921 0.3921 0.0000  0.0000  0.0000  12  ILE A HG21 
180 H  HG22 . ILE A 12 ? 0.3921 0.3921 0.3921 0.0000  0.0000  0.0000  12  ILE A HG22 
181 H  HG23 . ILE A 12 ? 0.3921 0.3921 0.3921 0.0000  0.0000  0.0000  12  ILE A HG23 
182 N  N    . TYR A 13 ? 0.1107 0.1458 0.1262 -0.0276 -0.0063 0.0130  13  TYR A N    
183 C  CA   . TYR A 13 ? 0.1070 0.1352 0.1209 -0.0098 -0.0026 0.0103  13  TYR A CA   
184 C  C    . TYR A 13 ? 0.1013 0.1636 0.1259 -0.0201 0.0144  0.0085  13  TYR A C    
185 O  O    . TYR A 13 ? 0.1159 0.1614 0.1693 -0.0238 0.0050  -0.0117 13  TYR A O    
186 C  CB   . TYR A 13 ? 0.1132 0.1429 0.1354 -0.0114 -0.0017 0.0012  13  TYR A CB   
187 C  CG   . TYR A 13 ? 0.1270 0.1370 0.1113 -0.0238 -0.0065 0.0024  13  TYR A CG   
188 C  CD1  . TYR A 13 ? 0.1167 0.1439 0.1286 -0.0020 -0.0052 0.0002  13  TYR A CD1  
189 C  CD2  . TYR A 13 ? 0.1221 0.1401 0.1226 -0.0117 -0.0124 -0.0143 13  TYR A CD2  
190 C  CE1  . TYR A 13 ? 0.1202 0.1571 0.1232 -0.0082 0.0015  0.0134  13  TYR A CE1  
191 C  CE2  . TYR A 13 ? 0.1352 0.1333 0.1115 -0.0210 -0.0012 -0.0006 13  TYR A CE2  
192 C  CZ   . TYR A 13 ? 0.1117 0.1550 0.1125 -0.0079 -0.0063 -0.0058 13  TYR A CZ   
193 O  OH   . TYR A 13 ? 0.1283 0.1552 0.1503 -0.0110 0.0248  0.0218  13  TYR A OH   
194 H  H    . TYR A 13 ? 0.1531 0.1531 0.1531 0.0000  0.0000  0.0000  13  TYR A H    
195 H  HA   . TYR A 13 ? 0.1452 0.1452 0.1452 0.0000  0.0000  0.0000  13  TYR A HA   
196 H  HB2  . TYR A 13 ? 0.1565 0.1565 0.1565 0.0000  0.0000  0.0000  13  TYR A HB2  
197 H  HB3  . TYR A 13 ? 0.1565 0.1565 0.1565 0.0000  0.0000  0.0000  13  TYR A HB3  
198 H  HD1  . TYR A 13 ? 0.1556 0.1556 0.1556 0.0000  0.0000  0.0000  13  TYR A HD1  
199 H  HD2  . TYR A 13 ? 0.1538 0.1538 0.1538 0.0000  0.0000  0.0000  13  TYR A HD2  
200 H  HE1  . TYR A 13 ? 0.1602 0.1602 0.1602 0.0000  0.0000  0.0000  13  TYR A HE1  
201 H  HE2  . TYR A 13 ? 0.1521 0.1521 0.1521 0.0000  0.0000  0.0000  13  TYR A HE2  
202 H  HH   . TYR A 13 ? 0.2169 0.2169 0.2169 0.0000  0.0000  0.0000  13  TYR A HH   
203 N  N    . ASN A 14 ? 0.1143 0.1650 0.1472 -0.0434 -0.0038 -0.0160 14  ASN A N    
204 C  CA   . ASN A 14 ? 0.1398 0.1789 0.1481 -0.0489 0.0222  -0.0419 14  ASN A CA   
205 C  C    . ASN A 14 ? 0.1378 0.1442 0.1468 -0.0407 0.0098  -0.0336 14  ASN A C    
206 O  O    . ASN A 14 ? 0.1275 0.1703 0.1625 -0.0348 0.0161  -0.0300 14  ASN A O    
207 C  CB   . ASN A 14 ? 0.2351 0.2561 0.1397 -0.1092 0.0414  -0.0751 14  ASN A CB   
208 C  CG   . ASN A 14 ? 0.2836 0.3399 0.1370 -0.1217 0.0524  -0.0952 14  ASN A CG   
209 O  OD1  . ASN A 14 ? 0.3570 0.2812 0.2169 -0.1120 0.0751  -0.0853 14  ASN A OD1  
210 N  ND2  . ASN A 14 ? 0.6402 0.4157 0.1819 -0.1776 0.0392  -0.1221 14  ASN A ND2  
211 H  H    . ASN A 14 ? 0.1705 0.1705 0.1705 0.0000  0.0000  0.0000  14  ASN A H    
212 H  HA   . ASN A 14 ? 0.1866 0.1866 0.1866 0.0000  0.0000  0.0000  14  ASN A HA   
213 H  HB2  . ASN A 14 ? 0.2524 0.2524 0.2524 0.0000  0.0000  0.0000  14  ASN A HB2  
214 H  HB3  . ASN A 14 ? 0.2524 0.2524 0.2524 0.0000  0.0000  0.0000  14  ASN A HB3  
215 N  N    . PRO A 15 ? 0.1411 0.1631 0.1777 -0.0273 0.0182  -0.0412 15  PRO A N    
216 C  CA   . PRO A 15 ? 0.1971 0.1564 0.1717 -0.0340 0.0506  -0.0110 15  PRO A CA   
217 C  C    . PRO A 15 ? 0.1780 0.1562 0.2067 -0.0474 0.0698  -0.0352 15  PRO A C    
218 O  O    . PRO A 15 ? 0.2226 0.2117 0.2464 -0.0647 0.0833  -0.0258 15  PRO A O    
219 C  CB   A PRO A 15 ? 0.1984 0.2106 0.1945 0.0066  -0.0006 -0.0142 15  PRO A CB   
220 C  CB   B PRO A 15 ? 0.2183 0.1989 0.1784 0.0114  0.0532  -0.0358 15  PRO A CB   
221 C  CG   A PRO A 15 ? 0.2082 0.1766 0.2167 -0.0011 0.0036  -0.0186 15  PRO A CG   
222 C  CG   B PRO A 15 ? 0.2130 0.2011 0.2277 -0.0306 -0.0191 -0.0100 15  PRO A CG   
223 C  CD   . PRO A 15 ? 0.1513 0.1775 0.2233 -0.0057 0.0074  -0.0161 15  PRO A CD   
224 H  HA   . PRO A 15 ? 0.2101 0.2101 0.2101 0.0000  0.0000  0.0000  15  PRO A HA   
225 N  N    . GLU A 16 ? 0.1823 0.2060 0.2297 -0.0626 0.0568  -0.0945 16  GLU A N    
226 C  CA   . GLU A 16 ? 0.2183 0.2028 0.2733 -0.0888 0.0433  -0.1142 16  GLU A CA   
227 C  C    . GLU A 16 ? 0.1712 0.2435 0.2650 -0.0647 0.0584  -0.1273 16  GLU A C    
228 O  O    . GLU A 16 ? 0.1669 0.2588 0.3781 -0.0885 0.0735  -0.1234 16  GLU A O    
229 C  CB   . GLU A 16 ? 0.2474 0.2806 0.3551 -0.0491 -0.0005 -0.2121 16  GLU A CB   
230 C  CG   . GLU A 16 ? 0.3840 0.3580 0.4196 -0.0073 0.0253  -0.1243 16  GLU A CG   
231 C  CD   . GLU A 16 ? 0.5429 0.3859 0.5036 0.1633  -0.0439 -0.2220 16  GLU A CD   
232 O  OE1  . GLU A 16 ? 0.9578 0.6807 0.4459 0.3093  -0.1527 -0.2448 16  GLU A OE1  
233 O  OE2  . GLU A 16 ? 0.7850 0.4433 0.8379 0.2269  -0.0428 -0.1108 16  GLU A OE2  
234 H  H    . GLU A 16 ? 0.2472 0.2472 0.2472 0.0000  0.0000  0.0000  16  GLU A H    
235 H  HA   . GLU A 16 ? 0.2777 0.2777 0.2777 0.0000  0.0000  0.0000  16  GLU A HA   
236 H  HB2  . GLU A 16 ? 0.3532 0.3532 0.3532 0.0000  0.0000  0.0000  16  GLU A HB2  
237 H  HB3  . GLU A 16 ? 0.3532 0.3532 0.3532 0.0000  0.0000  0.0000  16  GLU A HB3  
238 H  HG2  . GLU A 16 ? 0.4646 0.4646 0.4646 0.0000  0.0000  0.0000  16  GLU A HG2  
239 H  HG3  . GLU A 16 ? 0.4646 0.4646 0.4646 0.0000  0.0000  0.0000  16  GLU A HG3  
240 N  N    . ASP A 17 ? 0.1696 0.2114 0.1878 -0.0659 0.0222  -0.0730 17  ASP A N    
241 C  CA   . ASP A 17 ? 0.1914 0.2544 0.1952 -0.0552 -0.0084 -0.0775 17  ASP A CA   
242 C  C    . ASP A 17 ? 0.1275 0.2134 0.1655 -0.0622 0.0106  -0.0545 17  ASP A C    
243 O  O    . ASP A 17 ? 0.1309 0.2854 0.1981 -0.0461 0.0103  -0.0373 17  ASP A O    
244 C  CB   . ASP A 17 ? 0.2495 0.2871 0.1542 -0.0531 0.0152  -0.0051 17  ASP A CB   
245 C  CG   . ASP A 17 ? 0.3302 0.4908 0.1868 0.0026  -0.0128 -0.0483 17  ASP A CG   
246 O  OD1  . ASP A 17 ? 0.3662 0.5994 0.2172 -0.0541 -0.0206 -0.1423 17  ASP A OD1  
247 O  OD2  . ASP A 17 ? 0.3641 0.8314 0.2270 -0.1618 0.0927  -0.0464 17  ASP A OD2  
248 H  H    . ASP A 17 ? 0.2275 0.2275 0.2275 0.0000  0.0000  0.0000  17  ASP A H    
249 H  HA   . ASP A 17 ? 0.2563 0.2563 0.2563 0.0000  0.0000  0.0000  17  ASP A HA   
250 H  HB2  . ASP A 17 ? 0.2763 0.2763 0.2763 0.0000  0.0000  0.0000  17  ASP A HB2  
251 H  HB3  . ASP A 17 ? 0.2763 0.2763 0.2763 0.0000  0.0000  0.0000  17  ASP A HB3  
252 N  N    . GLY A 18 ? 0.1355 0.1997 0.1496 -0.0405 0.0041  -0.0440 18  GLY A N    
253 C  CA   . GLY A 18 ? 0.1268 0.1830 0.1540 -0.0292 0.0061  -0.0160 18  GLY A CA   
254 C  C    . GLY A 18 ? 0.1167 0.1836 0.1284 -0.0419 -0.0042 -0.0061 18  GLY A C    
255 O  O    . GLY A 18 ? 0.1497 0.2235 0.1267 -0.0500 0.0334  0.0011  18  GLY A O    
256 H  H    . GLY A 18 ? 0.1939 0.1939 0.1939 0.0000  0.0000  0.0000  18  GLY A H    
257 H  HA2  . GLY A 18 ? 0.1855 0.1855 0.1855 0.0000  0.0000  0.0000  18  GLY A HA2  
258 H  HA3  . GLY A 18 ? 0.1855 0.1855 0.1855 0.0000  0.0000  0.0000  18  GLY A HA3  
259 N  N    . ASP A 19 ? 0.1202 0.1853 0.1066 -0.0374 0.0099  -0.0009 19  ASP A N    
260 C  CA   . ASP A 19 ? 0.1113 0.1526 0.1269 -0.0350 -0.0124 0.0144  19  ASP A CA   
261 C  C    . ASP A 19 ? 0.0976 0.1701 0.1286 -0.0348 -0.0314 0.0296  19  ASP A C    
262 O  O    . ASP A 19 ? 0.1086 0.1749 0.1218 -0.0216 -0.0138 0.0023  19  ASP A O    
263 C  CB   . ASP A 19 ? 0.1187 0.1603 0.1380 -0.0363 0.0082  0.0133  19  ASP A CB   
264 C  CG   . ASP A 19 ? 0.1239 0.1654 0.1463 -0.0301 -0.0167 0.0235  19  ASP A CG   
265 O  OD1  . ASP A 19 ? 0.2115 0.2086 0.1922 -0.0440 -0.0737 0.0436  19  ASP A OD1  
266 O  OD2  . ASP A 19 ? 0.1556 0.1706 0.1644 -0.0330 -0.0152 0.0046  19  ASP A OD2  
267 H  H    . ASP A 19 ? 0.1649 0.1649 0.1649 0.0000  0.0000  0.0000  19  ASP A H    
268 H  HA   . ASP A 19 ? 0.1564 0.1564 0.1564 0.0000  0.0000  0.0000  19  ASP A HA   
269 H  HB2  . ASP A 19 ? 0.1668 0.1668 0.1668 0.0000  0.0000  0.0000  19  ASP A HB2  
270 H  HB3  . ASP A 19 ? 0.1668 0.1668 0.1668 0.0000  0.0000  0.0000  19  ASP A HB3  
271 N  N    . PRO A 20 ? 0.1108 0.1846 0.1379 -0.0394 -0.0202 0.0146  20  PRO A N    
272 C  CA   . PRO A 20 ? 0.1059 0.1798 0.1477 -0.0409 -0.0084 0.0108  20  PRO A CA   
273 C  C    . PRO A 20 ? 0.1159 0.2076 0.1611 -0.0382 -0.0187 0.0421  20  PRO A C    
274 O  O    . PRO A 20 ? 0.1035 0.2229 0.2018 -0.0327 0.0019  0.0151  20  PRO A O    
275 C  CB   . PRO A 20 ? 0.1477 0.2426 0.1700 -0.0704 -0.0059 0.0267  20  PRO A CB   
276 C  CG   . PRO A 20 ? 0.1766 0.3721 0.1866 -0.1249 -0.0009 -0.0385 20  PRO A CG   
277 C  CD   . PRO A 20 ? 0.1389 0.2236 0.1233 -0.0469 -0.0191 0.0057  20  PRO A CD   
278 H  HA   . PRO A 20 ? 0.1733 0.1733 0.1733 0.0000  0.0000  0.0000  20  PRO A HA   
279 H  HB2  . PRO A 20 ? 0.2241 0.2241 0.2241 0.0000  0.0000  0.0000  20  PRO A HB2  
280 H  HB3  . PRO A 20 ? 0.2241 0.2241 0.2241 0.0000  0.0000  0.0000  20  PRO A HB3  
281 H  HG2  . PRO A 20 ? 0.2940 0.2940 0.2940 0.0000  0.0000  0.0000  20  PRO A HG2  
282 H  HG3  . PRO A 20 ? 0.2940 0.2940 0.2940 0.0000  0.0000  0.0000  20  PRO A HG3  
283 H  HD2  . PRO A 20 ? 0.1942 0.1942 0.1942 0.0000  0.0000  0.0000  20  PRO A HD2  
284 H  HD3  . PRO A 20 ? 0.1942 0.1942 0.1942 0.0000  0.0000  0.0000  20  PRO A HD3  
285 N  N    . ASP A 21 ? 0.1184 0.2278 0.1796 -0.0014 -0.0174 0.0392  21  ASP A N    
286 C  CA   . ASP A 21 ? 0.1447 0.2337 0.2320 0.0154  -0.0337 0.0673  21  ASP A CA   
287 C  C    . ASP A 21 ? 0.1163 0.2087 0.2363 0.0079  -0.0006 0.0564  21  ASP A C    
288 O  O    . ASP A 21 ? 0.1575 0.2191 0.2886 0.0400  0.0075  0.0318  21  ASP A O    
289 C  CB   . ASP A 21 ? 0.3615 0.2412 0.2816 0.0559  -0.0774 0.0641  21  ASP A CB   
290 C  CG   . ASP A 21 ? 0.5490 0.4619 0.3360 0.1574  -0.2055 0.0165  21  ASP A CG   
291 O  OD1  . ASP A 21 ? 0.6306 0.5189 0.4791 0.0729  -0.3703 0.0358  21  ASP A OD1  
292 O  OD2  . ASP A 21 ? 0.6430 0.6644 0.2833 0.1153  -0.1542 0.1253  21  ASP A OD2  
293 H  H    . ASP A 21 ? 0.2103 0.2103 0.2103 0.0000  0.0000  0.0000  21  ASP A H    
294 H  HA   . ASP A 21 ? 0.2441 0.2441 0.2441 0.0000  0.0000  0.0000  21  ASP A HA   
295 H  HB2  . ASP A 21 ? 0.3537 0.3537 0.3537 0.0000  0.0000  0.0000  21  ASP A HB2  
296 H  HB3  . ASP A 21 ? 0.3537 0.3537 0.3537 0.0000  0.0000  0.0000  21  ASP A HB3  
297 N  N    . ASN A 22 ? 0.1219 0.1753 0.2038 -0.0038 0.0029  0.0392  22  ASN A N    
298 C  CA   . ASN A 22 ? 0.1299 0.1787 0.2343 -0.0101 0.0006  -0.0034 22  ASN A CA   
299 C  C    . ASN A 22 ? 0.1332 0.1674 0.1839 0.0025  0.0103  -0.0072 22  ASN A C    
300 O  O    . ASN A 22 ? 0.1959 0.2393 0.1953 -0.0134 -0.0271 -0.0317 22  ASN A O    
301 C  CB   . ASN A 22 ? 0.1540 0.1644 0.2805 -0.0184 0.0041  -0.0007 22  ASN A CB   
302 C  CG   . ASN A 22 ? 0.2103 0.1515 0.4055 -0.0243 0.0420  0.0006  22  ASN A CG   
303 O  OD1  . ASN A 22 ? 0.2609 0.1820 0.5250 0.0048  0.0544  0.0308  22  ASN A OD1  
304 N  ND2  . ASN A 22 ? 0.2883 0.2148 0.3616 0.0165  0.0700  0.0543  22  ASN A ND2  
305 H  H    . ASN A 22 ? 0.2003 0.2003 0.2003 0.0000  0.0000  0.0000  22  ASN A H    
306 H  HA   . ASN A 22 ? 0.2170 0.2170 0.2170 0.0000  0.0000  0.0000  22  ASN A HA   
307 H  HB2  . ASN A 22 ? 0.2396 0.2396 0.2396 0.0000  0.0000  0.0000  22  ASN A HB2  
308 H  HB3  . ASN A 22 ? 0.2396 0.2396 0.2396 0.0000  0.0000  0.0000  22  ASN A HB3  
309 N  N    . GLY A 23 ? 0.1189 0.1590 0.1742 0.0007  0.0116  0.0195  23  GLY A N    
310 C  CA   . GLY A 23 ? 0.1098 0.1948 0.1686 0.0118  0.0168  0.0041  23  GLY A CA   
311 C  C    . GLY A 23 ? 0.1073 0.1744 0.1201 -0.0140 0.0153  0.0179  23  GLY A C    
312 O  O    . GLY A 23 ? 0.1479 0.2113 0.1563 0.0101  0.0430  0.0302  23  GLY A O    
313 H  H    . GLY A 23 ? 0.1808 0.1808 0.1808 0.0000  0.0000  0.0000  23  GLY A H    
314 H  HA2  . GLY A 23 ? 0.1892 0.1892 0.1892 0.0000  0.0000  0.0000  23  GLY A HA2  
315 H  HA3  . GLY A 23 ? 0.1892 0.1892 0.1892 0.0000  0.0000  0.0000  23  GLY A HA3  
316 N  N    . VAL A 24 ? 0.0921 0.1547 0.1166 -0.0072 -0.0055 0.0057  24  VAL A N    
317 C  CA   . VAL A 24 ? 0.0834 0.1382 0.1179 -0.0255 -0.0020 0.0060  24  VAL A CA   
318 C  C    . VAL A 24 ? 0.0771 0.1290 0.1117 -0.0294 0.0080  0.0069  24  VAL A C    
319 O  O    . VAL A 24 ? 0.1263 0.1683 0.1132 -0.0439 -0.0015 0.0123  24  VAL A O    
320 C  CB   . VAL A 24 ? 0.0756 0.1625 0.1292 -0.0187 -0.0082 0.0048  24  VAL A CB   
321 C  CG1  . VAL A 24 ? 0.0782 0.1916 0.1668 -0.0126 0.0015  0.0000  24  VAL A CG1  
322 C  CG2  . VAL A 24 ? 0.1162 0.1639 0.1825 -0.0429 -0.0114 -0.0160 24  VAL A CG2  
323 H  H    . VAL A 24 ? 0.1453 0.1453 0.1453 0.0000  0.0000  0.0000  24  VAL A H    
324 H  HA   . VAL A 24 ? 0.1357 0.1357 0.1357 0.0000  0.0000  0.0000  24  VAL A HA   
325 H  HB   . VAL A 24 ? 0.1469 0.1469 0.1469 0.0000  0.0000  0.0000  24  VAL A HB   
326 H  HG11 . VAL A 24 ? 0.2183 0.2183 0.2183 0.0000  0.0000  0.0000  24  VAL A HG11 
327 H  HG12 . VAL A 24 ? 0.2183 0.2183 0.2183 0.0000  0.0000  0.0000  24  VAL A HG12 
328 H  HG13 . VAL A 24 ? 0.2183 0.2183 0.2183 0.0000  0.0000  0.0000  24  VAL A HG13 
329 H  HG21 . VAL A 24 ? 0.2312 0.2312 0.2312 0.0000  0.0000  0.0000  24  VAL A HG21 
330 H  HG22 . VAL A 24 ? 0.2312 0.2312 0.2312 0.0000  0.0000  0.0000  24  VAL A HG22 
331 H  HG23 . VAL A 24 ? 0.2312 0.2312 0.2312 0.0000  0.0000  0.0000  24  VAL A HG23 
332 N  N    . ASN A 25 ? 0.0910 0.1340 0.1157 -0.0189 -0.0011 -0.0034 25  ASN A N    
333 C  CA   . ASN A 25 ? 0.0881 0.1467 0.1201 -0.0279 0.0123  -0.0240 25  ASN A CA   
334 C  C    . ASN A 25 ? 0.0841 0.1579 0.1437 -0.0246 0.0180  -0.0123 25  ASN A C    
335 O  O    . ASN A 25 ? 0.0834 0.1622 0.1656 -0.0185 0.0100  -0.0319 25  ASN A O    
336 C  CB   . ASN A 25 ? 0.0891 0.1429 0.1383 -0.0110 0.0036  -0.0076 25  ASN A CB   
337 C  CG   . ASN A 25 ? 0.0934 0.1339 0.1208 -0.0117 -0.0057 -0.0176 25  ASN A CG   
338 O  OD1  . ASN A 25 ? 0.0863 0.1451 0.1485 -0.0105 0.0105  -0.0038 25  ASN A OD1  
339 N  ND2  . ASN A 25 ? 0.1129 0.1503 0.1719 -0.0251 0.0422  0.0155  25  ASN A ND2  
340 H  H    . ASN A 25 ? 0.1362 0.1362 0.1362 0.0000  0.0000  0.0000  25  ASN A H    
341 H  HA   . ASN A 25 ? 0.1419 0.1419 0.1419 0.0000  0.0000  0.0000  25  ASN A HA   
342 H  HB2  . ASN A 25 ? 0.1480 0.1480 0.1480 0.0000  0.0000  0.0000  25  ASN A HB2  
343 H  HB3  . ASN A 25 ? 0.1480 0.1480 0.1480 0.0000  0.0000  0.0000  25  ASN A HB3  
344 H  HD21 . ASN A 25 ? 0.1741 0.1741 0.1741 0.0000  0.0000  0.0000  25  ASN A HD21 
345 H  HD22 . ASN A 25 ? 0.1741 0.1741 0.1741 0.0000  0.0000  0.0000  25  ASN A HD22 
346 N  N    . PRO A 26 ? 0.0915 0.2168 0.1550 -0.0346 0.0225  -0.0669 26  PRO A N    
347 C  CA   . PRO A 26 ? 0.1295 0.1872 0.1636 -0.0498 0.0232  -0.0422 26  PRO A CA   
348 C  C    . PRO A 26 ? 0.1286 0.1796 0.2124 -0.0646 0.0524  -0.0752 26  PRO A C    
349 O  O    . PRO A 26 ? 0.1641 0.1959 0.2282 -0.0691 0.0479  -0.0296 26  PRO A O    
350 C  CB   . PRO A 26 ? 0.1888 0.2460 0.2007 -0.0598 0.0239  -0.1028 26  PRO A CB   
351 C  CG   . PRO A 26 ? 0.1617 0.3181 0.2076 -0.0469 -0.0301 -0.1042 26  PRO A CG   
352 C  CD   . PRO A 26 ? 0.1002 0.3088 0.1627 -0.0341 -0.0028 -0.0773 26  PRO A CD   
353 H  HA   . PRO A 26 ? 0.1921 0.1921 0.1921 0.0000  0.0000  0.0000  26  PRO A HA   
354 H  HB2  . PRO A 26 ? 0.2541 0.2541 0.2541 0.0000  0.0000  0.0000  26  PRO A HB2  
355 H  HB3  . PRO A 26 ? 0.2541 0.2541 0.2541 0.0000  0.0000  0.0000  26  PRO A HB3  
356 H  HG2  . PRO A 26 ? 0.2749 0.2749 0.2749 0.0000  0.0000  0.0000  26  PRO A HG2  
357 H  HG3  . PRO A 26 ? 0.2749 0.2749 0.2749 0.0000  0.0000  0.0000  26  PRO A HG3  
358 H  HD2  . PRO A 26 ? 0.2287 0.2287 0.2287 0.0000  0.0000  0.0000  26  PRO A HD2  
359 H  HD3  . PRO A 26 ? 0.2287 0.2287 0.2287 0.0000  0.0000  0.0000  26  PRO A HD3  
360 N  N    . GLY A 27 ? 0.1513 0.1478 0.2015 -0.0429 0.0304  -0.0481 27  GLY A N    
361 C  CA   . GLY A 27 ? 0.1868 0.1536 0.2462 -0.0390 0.0336  -0.0498 27  GLY A CA   
362 C  C    . GLY A 27 ? 0.1849 0.1438 0.2627 -0.0233 0.0010  -0.0252 27  GLY A C    
363 O  O    . GLY A 27 ? 0.3398 0.1479 0.3406 -0.0086 -0.0587 0.0080  27  GLY A O    
364 H  H    . GLY A 27 ? 0.2003 0.2003 0.2003 0.0000  0.0000  0.0000  27  GLY A H    
365 H  HA2  . GLY A 27 ? 0.2346 0.2346 0.2346 0.0000  0.0000  0.0000  27  GLY A HA2  
366 H  HA3  . GLY A 27 ? 0.2346 0.2346 0.2346 0.0000  0.0000  0.0000  27  GLY A HA3  
367 N  N    . THR A 28 ? 0.1414 0.1405 0.2042 -0.0269 0.0028  0.0044  28  THR A N    
368 C  CA   . THR A 28 ? 0.1274 0.1573 0.1646 -0.0176 -0.0085 0.0114  28  THR A CA   
369 C  C    . THR A 28 ? 0.1327 0.1325 0.1568 -0.0134 -0.0079 0.0061  28  THR A C    
370 O  O    . THR A 28 ? 0.1374 0.1494 0.1682 -0.0042 0.0084  0.0171  28  THR A O    
371 C  CB   . THR A 28 ? 0.1197 0.1505 0.1679 0.0010  0.0071  0.0046  28  THR A CB   
372 O  OG1  . THR A 28 ? 0.1236 0.2036 0.1847 -0.0189 0.0110  0.0062  28  THR A OG1  
373 C  CG2  . THR A 28 ? 0.1739 0.1737 0.1607 -0.0076 -0.0036 -0.0159 28  THR A CG2  
374 H  H    . THR A 28 ? 0.1944 0.1944 0.1944 0.0000  0.0000  0.0000  28  THR A H    
375 H  HA   . THR A 28 ? 0.1797 0.1797 0.1797 0.0000  0.0000  0.0000  28  THR A HA   
376 H  HB   . THR A 28 ? 0.1751 0.1751 0.1751 0.0000  0.0000  0.0000  28  THR A HB   
377 H  HG1  . THR A 28 ? 0.2558 0.2558 0.2558 0.0000  0.0000  0.0000  28  THR A HG1  
378 H  HG21 . THR A 28 ? 0.2541 0.2541 0.2541 0.0000  0.0000  0.0000  28  THR A HG21 
379 H  HG22 . THR A 28 ? 0.2541 0.2541 0.2541 0.0000  0.0000  0.0000  28  THR A HG22 
380 H  HG23 . THR A 28 ? 0.2541 0.2541 0.2541 0.0000  0.0000  0.0000  28  THR A HG23 
381 N  N    . ASP A 29 ? 0.1439 0.1171 0.1925 -0.0143 -0.0158 0.0133  29  ASP A N    
382 C  CA   . ASP A 29 ? 0.1242 0.1493 0.1815 0.0133  -0.0046 0.0066  29  ASP A CA   
383 C  C    . ASP A 29 ? 0.1197 0.1430 0.1558 0.0064  0.0076  -0.0104 29  ASP A C    
384 O  O    . ASP A 29 ? 0.1227 0.1615 0.1679 -0.0100 0.0060  -0.0162 29  ASP A O    
385 C  CB   . ASP A 29 ? 0.1656 0.1472 0.3786 0.0204  -0.0411 -0.0251 29  ASP A CB   
386 C  CG   . ASP A 29 ? 0.2367 0.2805 0.4145 0.0292  0.0314  0.0817  29  ASP A CG   
387 O  OD1  . ASP A 29 ? 0.1897 0.6054 0.5563 0.0435  -0.0008 0.1545  29  ASP A OD1  
388 O  OD2  . ASP A 29 ? 0.5389 0.3142 0.6599 0.1201  -0.2067 0.0932  29  ASP A OD2  
389 H  H    . ASP A 29 ? 0.1813 0.1813 0.1813 0.0000  0.0000  0.0000  29  ASP A H    
390 H  HA   . ASP A 29 ? 0.1818 0.1818 0.1818 0.0000  0.0000  0.0000  29  ASP A HA   
391 H  HB2  . ASP A 29 ? 0.2764 0.2764 0.2764 0.0000  0.0000  0.0000  29  ASP A HB2  
392 H  HB3  . ASP A 29 ? 0.2764 0.2764 0.2764 0.0000  0.0000  0.0000  29  ASP A HB3  
393 N  N    . PHE A 30 ? 0.1239 0.1614 0.1422 -0.0076 0.0147  -0.0224 30  PHE A N    
394 C  CA   . PHE A 30 ? 0.1456 0.1294 0.1256 -0.0156 0.0205  -0.0171 30  PHE A CA   
395 C  C    . PHE A 30 ? 0.1124 0.1551 0.1478 -0.0098 0.0029  -0.0081 30  PHE A C    
396 O  O    . PHE A 30 ? 0.1346 0.1560 0.1360 -0.0164 0.0106  -0.0168 30  PHE A O    
397 C  CB   . PHE A 30 ? 0.1460 0.1885 0.1565 -0.0211 0.0205  -0.0196 30  PHE A CB   
398 C  CG   . PHE A 30 ? 0.1426 0.1602 0.1197 -0.0260 0.0222  -0.0188 30  PHE A CG   
399 C  CD1  . PHE A 30 ? 0.1524 0.1973 0.1102 -0.0303 0.0014  -0.0074 30  PHE A CD1  
400 C  CD2  . PHE A 30 ? 0.1378 0.2187 0.1027 -0.0251 0.0066  -0.0234 30  PHE A CD2  
401 C  CE1  . PHE A 30 ? 0.1770 0.1789 0.1368 -0.0118 0.0129  0.0220  30  PHE A CE1  
402 C  CE2  . PHE A 30 ? 0.1970 0.1694 0.1271 -0.0476 0.0033  -0.0137 30  PHE A CE2  
403 C  CZ   . PHE A 30 ? 0.1845 0.1832 0.1347 -0.0578 0.0523  -0.0008 30  PHE A CZ   
404 H  H    . PHE A 30 ? 0.1709 0.1709 0.1709 0.0000  0.0000  0.0000  30  PHE A H    
405 H  HA   . PHE A 30 ? 0.1602 0.1602 0.1602 0.0000  0.0000  0.0000  30  PHE A HA   
406 H  HB2  . PHE A 30 ? 0.1964 0.1964 0.1964 0.0000  0.0000  0.0000  30  PHE A HB2  
407 H  HB3  . PHE A 30 ? 0.1964 0.1964 0.1964 0.0000  0.0000  0.0000  30  PHE A HB3  
408 H  HD1  . PHE A 30 ? 0.1838 0.1838 0.1838 0.0000  0.0000  0.0000  30  PHE A HD1  
409 H  HD2  . PHE A 30 ? 0.1836 0.1836 0.1836 0.0000  0.0000  0.0000  30  PHE A HD2  
410 H  HE1  . PHE A 30 ? 0.1970 0.1970 0.1970 0.0000  0.0000  0.0000  30  PHE A HE1  
411 H  HE2  . PHE A 30 ? 0.1973 0.1973 0.1973 0.0000  0.0000  0.0000  30  PHE A HE2  
412 H  HZ   . PHE A 30 ? 0.2008 0.2008 0.2008 0.0000  0.0000  0.0000  30  PHE A HZ   
413 N  N    . LYS A 31 ? 0.1368 0.1988 0.1527 -0.0057 -0.0043 -0.0163 31  LYS A N    
414 C  CA   . LYS A 31 ? 0.1294 0.2284 0.1628 -0.0013 -0.0266 -0.0098 31  LYS A CA   
415 C  C    . LYS A 31 ? 0.1499 0.2394 0.1464 -0.0249 -0.0153 -0.0092 31  LYS A C    
416 O  O    . LYS A 31 ? 0.1774 0.4144 0.1561 -0.0229 -0.0089 -0.0546 31  LYS A O    
417 C  CB   . LYS A 31 ? 0.2014 0.2575 0.1835 0.0209  -0.0319 0.0065  31  LYS A CB   
418 C  CG   A LYS A 31 ? 0.2373 0.2765 0.3262 0.0821  -0.0328 0.0474  31  LYS A CG   
419 C  CG   B LYS A 31 ? 0.2947 0.2724 0.3239 0.0677  -0.0737 0.0363  31  LYS A CG   
420 C  CD   A LYS A 31 ? 0.4759 0.2389 0.5297 0.0978  -0.2234 0.0694  31  LYS A CD   
421 C  CD   B LYS A 31 ? 0.3705 0.2885 0.4746 0.1227  -0.0954 -0.0279 31  LYS A CD   
422 C  CE   A LYS A 31 ? 0.4993 0.2128 0.5533 0.1304  -0.2080 0.0331  31  LYS A CE   
423 C  CE   B LYS A 31 ? 0.4686 0.2639 0.5756 0.1023  -0.1893 0.0265  31  LYS A CE   
424 N  NZ   A LYS A 31 ? 0.4745 0.4248 0.4913 0.1903  -0.1219 0.0476  31  LYS A NZ   
425 N  NZ   B LYS A 31 ? 0.5148 0.2469 0.8306 0.0355  -0.3016 0.1042  31  LYS A NZ   
426 H  H    . LYS A 31 ? 0.1952 0.1952 0.1952 0.0000  0.0000  0.0000  31  LYS A H    
427 H  HA   . LYS A 31 ? 0.2082 0.2082 0.2082 0.0000  0.0000  0.0000  31  LYS A HA   
428 H  HB2  . LYS A 31 ? 0.2569 0.2569 0.2569 0.0000  0.0000  0.0000  31  LYS A HB2  
429 H  HB3  . LYS A 31 ? 0.2569 0.2569 0.2569 0.0000  0.0000  0.0000  31  LYS A HB3  
430 N  N    . ASP A 32 ? 0.1342 0.1819 0.1305 0.0057  -0.0003 0.0194  32  ASP A N    
431 C  CA   . ASP A 32 ? 0.1611 0.1831 0.1477 -0.0058 -0.0094 0.0206  32  ASP A CA   
432 C  C    . ASP A 32 ? 0.1177 0.1626 0.1310 -0.0221 0.0152  0.0050  32  ASP A C    
433 O  O    . ASP A 32 ? 0.1446 0.2044 0.1949 -0.0159 0.0459  0.0314  32  ASP A O    
434 C  CB   . ASP A 32 ? 0.1861 0.1680 0.1910 -0.0046 0.0114  0.0373  32  ASP A CB   
435 C  CG   . ASP A 32 ? 0.3406 0.2056 0.2202 -0.0140 -0.0128 0.0748  32  ASP A CG   
436 O  OD1  . ASP A 32 ? 0.4373 0.2401 0.2714 0.0333  -0.0884 0.0745  32  ASP A OD1  
437 O  OD2  . ASP A 32 ? 0.4220 0.2039 0.3223 0.0461  -0.0481 0.0512  32  ASP A OD2  
438 H  H    . ASP A 32 ? 0.1787 0.1787 0.1787 0.0000  0.0000  0.0000  32  ASP A H    
439 H  HA   . ASP A 32 ? 0.1968 0.1968 0.1968 0.0000  0.0000  0.0000  32  ASP A HA   
440 H  HB2  . ASP A 32 ? 0.2180 0.2180 0.2180 0.0000  0.0000  0.0000  32  ASP A HB2  
441 H  HB3  . ASP A 32 ? 0.2180 0.2180 0.2180 0.0000  0.0000  0.0000  32  ASP A HB3  
442 N  N    . ILE A 33 ? 0.1234 0.1445 0.1182 -0.0165 0.0034  -0.0123 33  ILE A N    
443 C  CA   . ILE A 33 ? 0.1107 0.1369 0.1139 -0.0149 -0.0187 -0.0201 33  ILE A CA   
444 C  C    . ILE A 33 ? 0.0886 0.1424 0.0964 -0.0327 -0.0091 0.0102  33  ILE A C    
445 O  O    . ILE A 33 ? 0.1016 0.1514 0.0923 -0.0208 0.0058  -0.0017 33  ILE A O    
446 C  CB   . ILE A 33 ? 0.1181 0.1525 0.0935 -0.0195 -0.0071 -0.0025 33  ILE A CB   
447 C  CG1  . ILE A 33 ? 0.1413 0.1623 0.1216 -0.0159 -0.0316 -0.0304 33  ILE A CG1  
448 C  CG2  . ILE A 33 ? 0.1744 0.1551 0.1127 0.0001  0.0006  -0.0037 33  ILE A CG2  
449 C  CD1  . ILE A 33 ? 0.2242 0.2205 0.0869 -0.0141 0.0078  -0.0105 33  ILE A CD1  
450 H  H    . ILE A 33 ? 0.1543 0.1543 0.1543 0.0000  0.0000  0.0000  33  ILE A H    
451 H  HA   . ILE A 33 ? 0.1446 0.1446 0.1446 0.0000  0.0000  0.0000  33  ILE A HA   
452 H  HB   . ILE A 33 ? 0.1456 0.1456 0.1456 0.0000  0.0000  0.0000  33  ILE A HB   
453 H  HG12 . ILE A 33 ? 0.1700 0.1700 0.1700 0.0000  0.0000  0.0000  33  ILE A HG12 
454 H  HG13 . ILE A 33 ? 0.1700 0.1700 0.1700 0.0000  0.0000  0.0000  33  ILE A HG13 
455 H  HG21 . ILE A 33 ? 0.2210 0.2210 0.2210 0.0000  0.0000  0.0000  33  ILE A HG21 
456 H  HG22 . ILE A 33 ? 0.2210 0.2210 0.2210 0.0000  0.0000  0.0000  33  ILE A HG22 
457 H  HG23 . ILE A 33 ? 0.2210 0.2210 0.2210 0.0000  0.0000  0.0000  33  ILE A HG23 
458 H  HD11 . ILE A 33 ? 0.2657 0.2657 0.2657 0.0000  0.0000  0.0000  33  ILE A HD11 
459 H  HD12 . ILE A 33 ? 0.2657 0.2657 0.2657 0.0000  0.0000  0.0000  33  ILE A HD12 
460 H  HD13 . ILE A 33 ? 0.2657 0.2657 0.2657 0.0000  0.0000  0.0000  33  ILE A HD13 
461 N  N    . PRO A 34 ? 0.0897 0.1587 0.1197 -0.0224 0.0052  -0.0051 34  PRO A N    
462 C  CA   . PRO A 34 ? 0.1071 0.1598 0.1067 -0.0199 0.0042  -0.0052 34  PRO A CA   
463 C  C    . PRO A 34 ? 0.1047 0.1350 0.0843 -0.0120 0.0116  -0.0076 34  PRO A C    
464 O  O    . PRO A 34 ? 0.1411 0.1349 0.0891 -0.0101 0.0027  0.0109  34  PRO A O    
465 C  CB   . PRO A 34 ? 0.1095 0.2287 0.1306 -0.0008 0.0155  -0.0215 34  PRO A CB   
466 C  CG   . PRO A 34 ? 0.1111 0.2557 0.2252 -0.0173 -0.0011 -0.0581 34  PRO A CG   
467 C  CD   . PRO A 34 ? 0.0904 0.2021 0.1634 -0.0245 0.0043  -0.0326 34  PRO A CD   
468 H  HA   . PRO A 34 ? 0.1494 0.1494 0.1494 0.0000  0.0000  0.0000  34  PRO A HA   
469 H  HB2  . PRO A 34 ? 0.1875 0.1875 0.1875 0.0000  0.0000  0.0000  34  PRO A HB2  
470 H  HB3  . PRO A 34 ? 0.1875 0.1875 0.1875 0.0000  0.0000  0.0000  34  PRO A HB3  
471 H  HG2  . PRO A 34 ? 0.2368 0.2368 0.2368 0.0000  0.0000  0.0000  34  PRO A HG2  
472 H  HG3  . PRO A 34 ? 0.2368 0.2368 0.2368 0.0000  0.0000  0.0000  34  PRO A HG3  
473 H  HD2  . PRO A 34 ? 0.1823 0.1823 0.1823 0.0000  0.0000  0.0000  34  PRO A HD2  
474 H  HD3  . PRO A 34 ? 0.1823 0.1823 0.1823 0.0000  0.0000  0.0000  34  PRO A HD3  
475 N  N    . ASP A 35 ? 0.1089 0.1365 0.0795 -0.0087 0.0144  -0.0053 35  ASP A N    
476 C  CA   . ASP A 35 ? 0.1052 0.1328 0.0818 -0.0189 0.0160  -0.0018 35  ASP A CA   
477 C  C    . ASP A 35 ? 0.1445 0.1376 0.0959 -0.0239 0.0234  0.0046  35  ASP A C    
478 O  O    . ASP A 35 ? 0.1561 0.1561 0.1683 -0.0331 0.0048  0.0267  35  ASP A O    
479 C  CB   . ASP A 35 ? 0.1090 0.1433 0.0943 -0.0164 0.0071  -0.0112 35  ASP A CB   
480 C  CG   . ASP A 35 ? 0.0930 0.1446 0.1072 -0.0138 0.0178  -0.0126 35  ASP A CG   
481 O  OD1  . ASP A 35 ? 0.1142 0.1591 0.1122 0.0044  0.0123  -0.0141 35  ASP A OD1  
482 O  OD2  . ASP A 35 ? 0.1177 0.1901 0.0945 0.0105  0.0062  0.0072  35  ASP A OD2  
483 H  H    . ASP A 35 ? 0.1299 0.1299 0.1299 0.0000  0.0000  0.0000  35  ASP A H    
484 H  HA   . ASP A 35 ? 0.1279 0.1279 0.1279 0.0000  0.0000  0.0000  35  ASP A HA   
485 H  HB2  . ASP A 35 ? 0.1385 0.1385 0.1385 0.0000  0.0000  0.0000  35  ASP A HB2  
486 H  HB3  . ASP A 35 ? 0.1385 0.1385 0.1385 0.0000  0.0000  0.0000  35  ASP A HB3  
487 N  N    . ASP A 36 ? 0.1287 0.1282 0.0936 0.0014  0.0218  0.0044  36  ASP A N    
488 C  CA   . ASP A 36 ? 0.1756 0.1295 0.1098 0.0223  0.0246  0.0099  36  ASP A CA   
489 C  C    . ASP A 36 ? 0.1657 0.1427 0.1041 0.0160  0.0261  0.0316  36  ASP A C    
490 O  O    . ASP A 36 ? 0.2419 0.1510 0.1247 0.0446  0.0172  0.0251  36  ASP A O    
491 C  CB   . ASP A 36 ? 0.2278 0.1782 0.1231 0.0556  0.0397  0.0175  36  ASP A CB   
492 C  CG   . ASP A 36 ? 0.1804 0.2162 0.1411 0.0603  0.0577  0.0367  36  ASP A CG   
493 O  OD1  . ASP A 36 ? 0.1624 0.2155 0.1763 0.0206  0.0455  0.0272  36  ASP A OD1  
494 O  OD2  . ASP A 36 ? 0.2329 0.3005 0.2559 0.0874  0.0962  0.0300  36  ASP A OD2  
495 H  H    . ASP A 36 ? 0.1402 0.1402 0.1402 0.0000  0.0000  0.0000  36  ASP A H    
496 H  HA   . ASP A 36 ? 0.1659 0.1659 0.1659 0.0000  0.0000  0.0000  36  ASP A HA   
497 H  HB2  . ASP A 36 ? 0.2116 0.2116 0.2116 0.0000  0.0000  0.0000  36  ASP A HB2  
498 H  HB3  . ASP A 36 ? 0.2116 0.2116 0.2116 0.0000  0.0000  0.0000  36  ASP A HB3  
499 N  N    . TRP A 37 ? 0.1605 0.1290 0.0876 0.0104  0.0300  0.0183  37  TRP A N    
500 C  CA   . TRP A 37 ? 0.1388 0.1398 0.0964 0.0073  0.0201  0.0181  37  TRP A CA   
501 C  C    . TRP A 37 ? 0.1462 0.1354 0.0792 0.0021  0.0157  0.0286  37  TRP A C    
502 O  O    . TRP A 37 ? 0.1358 0.1903 0.1214 -0.0014 0.0128  0.0336  37  TRP A O    
503 C  CB   . TRP A 37 ? 0.1525 0.1512 0.1071 -0.0030 0.0111  0.0172  37  TRP A CB   
504 C  CG   . TRP A 37 ? 0.1482 0.1467 0.0967 -0.0255 0.0018  0.0217  37  TRP A CG   
505 C  CD1  . TRP A 37 ? 0.1396 0.1778 0.1138 -0.0353 0.0139  0.0138  37  TRP A CD1  
506 C  CD2  . TRP A 37 ? 0.1095 0.1543 0.1041 -0.0072 -0.0014 0.0152  37  TRP A CD2  
507 N  NE1  . TRP A 37 ? 0.1317 0.1794 0.1265 -0.0363 -0.0213 0.0134  37  TRP A NE1  
508 C  CE2  . TRP A 37 ? 0.1356 0.1319 0.1221 -0.0211 -0.0028 0.0135  37  TRP A CE2  
509 C  CE3  . TRP A 37 ? 0.1377 0.1978 0.1148 0.0003  -0.0029 0.0102  37  TRP A CE3  
510 C  CZ2  . TRP A 37 ? 0.1705 0.1730 0.1071 -0.0061 0.0069  0.0181  37  TRP A CZ2  
511 C  CZ3  . TRP A 37 ? 0.1473 0.2449 0.1398 0.0099  0.0296  0.0166  37  TRP A CZ3  
512 C  CH2  . TRP A 37 ? 0.1581 0.2287 0.1230 0.0208  0.0264  0.0024  37  TRP A CH2  
513 H  H    . TRP A 37 ? 0.1508 0.1508 0.1508 0.0000  0.0000  0.0000  37  TRP A H    
514 H  HA   . TRP A 37 ? 0.1499 0.1499 0.1499 0.0000  0.0000  0.0000  37  TRP A HA   
515 H  HB2  . TRP A 37 ? 0.1642 0.1642 0.1642 0.0000  0.0000  0.0000  37  TRP A HB2  
516 H  HB3  . TRP A 37 ? 0.1642 0.1642 0.1642 0.0000  0.0000  0.0000  37  TRP A HB3  
517 H  HD1  . TRP A 37 ? 0.1724 0.1724 0.1724 0.0000  0.0000  0.0000  37  TRP A HD1  
518 H  HE1  . TRP A 37 ? 0.1750 0.1750 0.1750 0.0000  0.0000  0.0000  37  TRP A HE1  
519 H  HE3  . TRP A 37 ? 0.1802 0.1802 0.1802 0.0000  0.0000  0.0000  37  TRP A HE3  
520 H  HZ2  . TRP A 37 ? 0.1802 0.1802 0.1802 0.0000  0.0000  0.0000  37  TRP A HZ2  
521 H  HZ3  . TRP A 37 ? 0.2129 0.2129 0.2129 0.0000  0.0000  0.0000  37  TRP A HZ3  
522 H  HH2  . TRP A 37 ? 0.2039 0.2039 0.2039 0.0000  0.0000  0.0000  37  TRP A HH2  
523 N  N    . VAL A 38 ? 0.1428 0.1478 0.1103 0.0009  0.0297  0.0278  38  VAL A N    
524 C  CA   . VAL A 38 ? 0.1448 0.1479 0.1218 -0.0123 0.0097  0.0255  38  VAL A CA   
525 C  C    . VAL A 38 ? 0.1529 0.1502 0.0897 -0.0087 0.0166  0.0204  38  VAL A C    
526 O  O    . VAL A 38 ? 0.1483 0.1809 0.1101 -0.0115 0.0149  0.0229  38  VAL A O    
527 C  CB   . VAL A 38 ? 0.2337 0.1442 0.1452 0.0028  0.0503  0.0176  38  VAL A CB   
528 C  CG1  . VAL A 38 ? 0.2820 0.1530 0.1620 -0.0112 0.0569  0.0010  38  VAL A CG1  
529 C  CG2  . VAL A 38 ? 0.2242 0.1813 0.2370 0.0603  0.0391  0.0327  38  VAL A CG2  
530 H  H    . VAL A 38 ? 0.1603 0.1603 0.1603 0.0000  0.0000  0.0000  38  VAL A H    
531 H  HA   . VAL A 38 ? 0.1657 0.1657 0.1657 0.0000  0.0000  0.0000  38  VAL A HA   
532 H  HB   . VAL A 38 ? 0.2092 0.2092 0.2092 0.0000  0.0000  0.0000  38  VAL A HB   
533 H  HG11 . VAL A 38 ? 0.2985 0.2985 0.2985 0.0000  0.0000  0.0000  38  VAL A HG11 
534 H  HG12 . VAL A 38 ? 0.2985 0.2985 0.2985 0.0000  0.0000  0.0000  38  VAL A HG12 
535 H  HG13 . VAL A 38 ? 0.2985 0.2985 0.2985 0.0000  0.0000  0.0000  38  VAL A HG13 
536 H  HG21 . VAL A 38 ? 0.3213 0.3213 0.3213 0.0000  0.0000  0.0000  38  VAL A HG21 
537 H  HG22 . VAL A 38 ? 0.3213 0.3213 0.3213 0.0000  0.0000  0.0000  38  VAL A HG22 
538 H  HG23 . VAL A 38 ? 0.3213 0.3213 0.3213 0.0000  0.0000  0.0000  38  VAL A HG23 
539 N  N    . CYS A 39 ? 0.1382 0.1565 0.1172 -0.0038 0.0129  0.0270  39  CYS A N    
540 C  CA   . CYS A 39 ? 0.1442 0.1610 0.0824 -0.0032 0.0218  0.0374  39  CYS A CA   
541 C  C    . CYS A 39 ? 0.1528 0.1524 0.0994 0.0139  0.0192  0.0185  39  CYS A C    
542 O  O    . CYS A 39 ? 0.1835 0.1641 0.1509 0.0198  0.0357  0.0267  39  CYS A O    
543 C  CB   . CYS A 39 ? 0.1534 0.1373 0.1219 0.0004  0.0280  0.0402  39  CYS A CB   
544 S  SG   . CYS A 39 ? 0.1496 0.1726 0.1159 0.0000  0.0263  0.0334  39  CYS A SG   
545 H  H    . CYS A 39 ? 0.1649 0.1649 0.1649 0.0000  0.0000  0.0000  39  CYS A H    
546 H  HA   . CYS A 39 ? 0.1550 0.1550 0.1550 0.0000  0.0000  0.0000  39  CYS A HA   
547 H  HB2  . CYS A 39 ? 0.1650 0.1650 0.1650 0.0000  0.0000  0.0000  39  CYS A HB2  
548 H  HB3  . CYS A 39 ? 0.1650 0.1650 0.1650 0.0000  0.0000  0.0000  39  CYS A HB3  
549 N  N    . PRO A 40 ? 0.1358 0.1790 0.1249 0.0114  0.0212  0.0336  40  PRO A N    
550 C  CA   . PRO A 40 ? 0.1388 0.2453 0.1584 0.0274  -0.0010 0.0430  40  PRO A CA   
551 C  C    . PRO A 40 ? 0.1741 0.2321 0.1612 0.0302  0.0124  0.0552  40  PRO A C    
552 O  O    . PRO A 40 ? 0.2120 0.3411 0.2486 0.0971  0.0421  0.1327  40  PRO A O    
553 C  CB   . PRO A 40 ? 0.2109 0.2750 0.2037 -0.0328 -0.0445 0.0344  40  PRO A CB   
554 C  CG   . PRO A 40 ? 0.1477 0.2613 0.3124 -0.0101 -0.0467 -0.0013 40  PRO A CG   
555 C  CD   . PRO A 40 ? 0.1702 0.1841 0.1562 -0.0108 0.0095  0.0246  40  PRO A CD   
556 H  HA   . PRO A 40 ? 0.2169 0.2169 0.2169 0.0000  0.0000  0.0000  40  PRO A HA   
557 H  HB2  . PRO A 40 ? 0.2758 0.2758 0.2758 0.0000  0.0000  0.0000  40  PRO A HB2  
558 H  HB3  . PRO A 40 ? 0.2758 0.2758 0.2758 0.0000  0.0000  0.0000  40  PRO A HB3  
559 H  HG2  . PRO A 40 ? 0.2885 0.2885 0.2885 0.0000  0.0000  0.0000  40  PRO A HG2  
560 H  HG3  . PRO A 40 ? 0.2885 0.2885 0.2885 0.0000  0.0000  0.0000  40  PRO A HG3  
561 H  HD2  . PRO A 40 ? 0.2041 0.2041 0.2041 0.0000  0.0000  0.0000  40  PRO A HD2  
562 H  HD3  . PRO A 40 ? 0.2041 0.2041 0.2041 0.0000  0.0000  0.0000  40  PRO A HD3  
563 N  N    . LEU A 41 ? 0.1859 0.2074 0.1278 0.0334  0.0194  0.0556  41  LEU A N    
564 C  CA   . LEU A 41 ? 0.2002 0.2525 0.1472 0.0331  0.0087  0.0582  41  LEU A CA   
565 C  C    . LEU A 41 ? 0.2320 0.2466 0.1789 0.0090  -0.0251 0.1073  41  LEU A C    
566 O  O    . LEU A 41 ? 0.5234 0.2380 0.4356 -0.0245 -0.2509 0.1370  41  LEU A O    
567 C  CB   A LEU A 41 ? 0.1835 0.2827 0.1457 0.0273  0.0163  0.0663  41  LEU A CB   
568 C  CB   B LEU A 41 ? 0.2362 0.2656 0.1463 -0.0094 0.0004  0.1084  41  LEU A CB   
569 C  CG   A LEU A 41 ? 0.2354 0.2931 0.1594 0.0039  -0.0215 -0.0208 41  LEU A CG   
570 C  CG   B LEU A 41 ? 0.2465 0.2776 0.1610 0.0311  0.0258  0.0892  41  LEU A CG   
571 C  CD1  A LEU A 41 ? 0.3609 0.3364 0.1111 0.0667  0.0484  -0.0024 41  LEU A CD1  
572 C  CD1  B LEU A 41 ? 0.2695 0.3075 0.1665 0.0328  0.0090  0.0655  41  LEU A CD1  
573 C  CD2  A LEU A 41 ? 0.2337 0.4434 0.2409 0.0513  -0.0739 -0.0860 41  LEU A CD2  
574 C  CD2  B LEU A 41 ? 0.3796 0.2521 0.1695 -0.0062 0.0736  0.0510  41  LEU A CD2  
575 H  H    . LEU A 41 ? 0.2084 0.2084 0.2084 0.0000  0.0000  0.0000  41  LEU A H    
576 H  HA   . LEU A 41 ? 0.2400 0.2400 0.2400 0.0000  0.0000  0.0000  41  LEU A HA   
577 N  N    . CYS A 42 ? 0.2296 0.1631 0.1489 0.0159  0.0192  0.0340  42  CYS A N    
578 C  CA   . CYS A 42 ? 0.2195 0.1756 0.1462 0.0570  0.0274  0.0372  42  CYS A CA   
579 C  C    . CYS A 42 ? 0.2763 0.1301 0.1720 0.0556  0.0064  0.0011  42  CYS A C    
580 O  O    . CYS A 42 ? 0.3093 0.1571 0.1911 0.0221  0.0627  0.0156  42  CYS A O    
581 C  CB   . CYS A 42 ? 0.2625 0.1528 0.1718 0.0168  0.0424  0.0548  42  CYS A CB   
582 S  SG   . CYS A 42 ? 0.2253 0.1583 0.1460 0.0100  0.0192  0.0275  42  CYS A SG   
583 H  H    . CYS A 42 ? 0.2167 0.2167 0.2167 0.0000  0.0000  0.0000  42  CYS A H    
584 H  HA   . CYS A 42 ? 0.2165 0.2165 0.2165 0.0000  0.0000  0.0000  42  CYS A HA   
585 H  HB2  . CYS A 42 ? 0.2348 0.2348 0.2348 0.0000  0.0000  0.0000  42  CYS A HB2  
586 H  HB3  . CYS A 42 ? 0.2348 0.2348 0.2348 0.0000  0.0000  0.0000  42  CYS A HB3  
587 N  N    . GLY A 43 ? 0.2571 0.1429 0.1419 0.0290  0.0546  0.0468  43  GLY A N    
588 C  CA   . GLY A 43 ? 0.2578 0.1546 0.1775 0.0029  0.0149  0.0378  43  GLY A CA   
589 C  C    . GLY A 43 ? 0.2416 0.1425 0.1581 0.0071  0.0677  -0.0021 43  GLY A C    
590 O  O    . GLY A 43 ? 0.2893 0.1668 0.1672 0.0142  0.0557  0.0026  43  GLY A O    
591 H  H    . GLY A 43 ? 0.2167 0.2167 0.2167 0.0000  0.0000  0.0000  43  GLY A H    
592 H  HA2  . GLY A 43 ? 0.2359 0.2359 0.2359 0.0000  0.0000  0.0000  43  GLY A HA2  
593 H  HA3  . GLY A 43 ? 0.2359 0.2359 0.2359 0.0000  0.0000  0.0000  43  GLY A HA3  
594 N  N    . VAL A 44 ? 0.2780 0.1511 0.1257 0.0082  0.0225  0.0247  44  VAL A N    
595 C  CA   . VAL A 44 ? 0.2747 0.1308 0.1163 -0.0230 0.0255  0.0018  44  VAL A CA   
596 C  C    . VAL A 44 ? 0.2008 0.1458 0.1314 -0.0129 0.0273  -0.0093 44  VAL A C    
597 O  O    . VAL A 44 ? 0.1929 0.1622 0.1567 -0.0216 0.0079  0.0248  44  VAL A O    
598 C  CB   . VAL A 44 ? 0.2800 0.1426 0.1553 -0.0342 0.0477  0.0201  44  VAL A CB   
599 C  CG1  . VAL A 44 ? 0.3447 0.1673 0.2012 -0.0639 0.0360  0.0112  44  VAL A CG1  
600 C  CG2  . VAL A 44 ? 0.2136 0.1781 0.1513 -0.0115 0.0061  0.0089  44  VAL A CG2  
601 H  H    . VAL A 44 ? 0.2218 0.2218 0.2218 0.0000  0.0000  0.0000  44  VAL A H    
602 H  HA   . VAL A 44 ? 0.2087 0.2087 0.2087 0.0000  0.0000  0.0000  44  VAL A HA   
603 H  HB   . VAL A 44 ? 0.2311 0.2311 0.2311 0.0000  0.0000  0.0000  44  VAL A HB   
604 H  HG11 . VAL A 44 ? 0.3566 0.3566 0.3566 0.0000  0.0000  0.0000  44  VAL A HG11 
605 H  HG12 . VAL A 44 ? 0.3566 0.3566 0.3566 0.0000  0.0000  0.0000  44  VAL A HG12 
606 H  HG13 . VAL A 44 ? 0.3566 0.3566 0.3566 0.0000  0.0000  0.0000  44  VAL A HG13 
607 H  HG21 . VAL A 44 ? 0.2715 0.2715 0.2715 0.0000  0.0000  0.0000  44  VAL A HG21 
608 H  HG22 . VAL A 44 ? 0.2715 0.2715 0.2715 0.0000  0.0000  0.0000  44  VAL A HG22 
609 H  HG23 . VAL A 44 ? 0.2715 0.2715 0.2715 0.0000  0.0000  0.0000  44  VAL A HG23 
610 N  N    . GLY A 45 ? 0.2312 0.1629 0.1325 -0.0282 0.0102  -0.0022 45  GLY A N    
611 C  CA   . GLY A 45 ? 0.2701 0.1663 0.1072 -0.0221 0.0224  0.0217  45  GLY A CA   
612 C  C    . GLY A 45 ? 0.1919 0.1737 0.0973 -0.0479 -0.0013 0.0030  45  GLY A C    
613 O  O    . GLY A 45 ? 0.1907 0.1580 0.1089 -0.0358 -0.0040 0.0228  45  GLY A O    
614 H  H    . GLY A 45 ? 0.2106 0.2106 0.2106 0.0000  0.0000  0.0000  45  GLY A H    
615 H  HA2  . GLY A 45 ? 0.2174 0.2174 0.2174 0.0000  0.0000  0.0000  45  GLY A HA2  
616 H  HA3  . GLY A 45 ? 0.2174 0.2174 0.2174 0.0000  0.0000  0.0000  45  GLY A HA3  
617 N  N    . LYS A 46 ? 0.1908 0.1704 0.1102 -0.0323 0.0072  0.0378  46  LYS A N    
618 C  CA   . LYS A 46 ? 0.1658 0.1420 0.0939 -0.0351 0.0019  0.0169  46  LYS A CA   
619 C  C    . LYS A 46 ? 0.1899 0.1424 0.1206 -0.0297 0.0077  0.0503  46  LYS A C    
620 O  O    . LYS A 46 ? 0.1846 0.1528 0.1280 -0.0453 -0.0163 0.0140  46  LYS A O    
621 C  CB   . LYS A 46 ? 0.1390 0.1937 0.1229 -0.0360 -0.0024 0.0267  46  LYS A CB   
622 C  CG   . LYS A 46 ? 0.1329 0.2170 0.1175 -0.0469 -0.0040 0.0367  46  LYS A CG   
623 C  CD   . LYS A 46 ? 0.1237 0.1569 0.1164 -0.0206 0.0139  -0.0066 46  LYS A CD   
624 C  CE   . LYS A 46 ? 0.1177 0.1907 0.0901 -0.0396 0.0150  0.0179  46  LYS A CE   
625 N  NZ   . LYS A 46 ? 0.1166 0.1512 0.1054 -0.0129 0.0063  -0.0066 46  LYS A NZ   
626 H  H    . LYS A 46 ? 0.1885 0.1885 0.1885 0.0000  0.0000  0.0000  46  LYS A H    
627 H  HA   . LYS A 46 ? 0.1607 0.1607 0.1607 0.0000  0.0000  0.0000  46  LYS A HA   
628 H  HB2  . LYS A 46 ? 0.1822 0.1822 0.1822 0.0000  0.0000  0.0000  46  LYS A HB2  
629 H  HB3  . LYS A 46 ? 0.1822 0.1822 0.1822 0.0000  0.0000  0.0000  46  LYS A HB3  
630 H  HG2  . LYS A 46 ? 0.1869 0.1869 0.1869 0.0000  0.0000  0.0000  46  LYS A HG2  
631 H  HG3  . LYS A 46 ? 0.1869 0.1869 0.1869 0.0000  0.0000  0.0000  46  LYS A HG3  
632 H  HD2  . LYS A 46 ? 0.1588 0.1588 0.1588 0.0000  0.0000  0.0000  46  LYS A HD2  
633 H  HD3  . LYS A 46 ? 0.1588 0.1588 0.1588 0.0000  0.0000  0.0000  46  LYS A HD3  
634 H  HE2  . LYS A 46 ? 0.1593 0.1593 0.1593 0.0000  0.0000  0.0000  46  LYS A HE2  
635 H  HE3  . LYS A 46 ? 0.1593 0.1593 0.1593 0.0000  0.0000  0.0000  46  LYS A HE3  
636 H  HZ1  . LYS A 46 ? 0.1865 0.1865 0.1865 0.0000  0.0000  0.0000  46  LYS A HZ1  
637 H  HZ2  . LYS A 46 ? 0.1865 0.1865 0.1865 0.0000  0.0000  0.0000  46  LYS A HZ2  
638 H  HZ3  . LYS A 46 ? 0.1865 0.1865 0.1865 0.0000  0.0000  0.0000  46  LYS A HZ3  
639 N  N    . ASP A 47 ? 0.1697 0.1686 0.1135 -0.0610 -0.0126 0.0157  47  ASP A N    
640 C  CA   . ASP A 47 ? 0.1897 0.1767 0.1408 -0.0470 -0.0385 0.0234  47  ASP A CA   
641 C  C    . ASP A 47 ? 0.1573 0.1553 0.1434 -0.0392 -0.0148 0.0077  47  ASP A C    
642 O  O    . ASP A 47 ? 0.1760 0.2358 0.1850 -0.0395 -0.0481 0.0355  47  ASP A O    
643 C  CB   . ASP A 47 ? 0.2228 0.2730 0.1441 -0.0561 -0.0616 -0.0043 47  ASP A CB   
644 C  CG   . ASP A 47 ? 0.3998 0.2399 0.1364 -0.0253 -0.0553 -0.0205 47  ASP A CG   
645 O  OD1  . ASP A 47 ? 0.3852 0.2491 0.2175 -0.0211 -0.0078 -0.0039 47  ASP A OD1  
646 O  OD2  . ASP A 47 ? 0.6114 0.3411 0.3345 -0.0530 -0.1976 -0.1036 47  ASP A OD2  
647 H  H    . ASP A 47 ? 0.1807 0.1807 0.1807 0.0000  0.0000  0.0000  47  ASP A H    
648 H  HA   . ASP A 47 ? 0.2028 0.2028 0.2028 0.0000  0.0000  0.0000  47  ASP A HA   
649 H  HB2  . ASP A 47 ? 0.2559 0.2559 0.2559 0.0000  0.0000  0.0000  47  ASP A HB2  
650 H  HB3  . ASP A 47 ? 0.2559 0.2559 0.2559 0.0000  0.0000  0.0000  47  ASP A HB3  
651 N  N    . GLN A 48 ? 0.1679 0.1423 0.1335 -0.0396 -0.0366 0.0168  48  GLN A N    
652 C  CA   . GLN A 48 ? 0.1541 0.1237 0.1247 -0.0418 -0.0225 0.0236  48  GLN A CA   
653 C  C    . GLN A 48 ? 0.1502 0.1346 0.1309 -0.0335 -0.0191 0.0322  48  GLN A C    
654 O  O    . GLN A 48 ? 0.2009 0.1690 0.1457 -0.0700 -0.0091 0.0260  48  GLN A O    
655 C  CB   . GLN A 48 ? 0.1798 0.1532 0.1567 -0.0379 -0.0248 0.0071  48  GLN A CB   
656 C  CG   . GLN A 48 ? 0.1610 0.1613 0.2022 -0.0135 0.0074  0.0099  48  GLN A CG   
657 C  CD   . GLN A 48 ? 0.1705 0.1704 0.1851 -0.0525 0.0192  0.0002  48  GLN A CD   
658 O  OE1  . GLN A 48 ? 0.1875 0.2203 0.2152 -0.0720 0.0112  0.0133  48  GLN A OE1  
659 N  NE2  . GLN A 48 ? 0.2047 0.2297 0.1988 -0.0538 -0.0225 -0.0088 48  GLN A NE2  
660 H  H    . GLN A 48 ? 0.1774 0.1774 0.1774 0.0000  0.0000  0.0000  48  GLN A H    
661 H  HA   . GLN A 48 ? 0.1611 0.1611 0.1611 0.0000  0.0000  0.0000  48  GLN A HA   
662 H  HB2  . GLN A 48 ? 0.1959 0.1959 0.1959 0.0000  0.0000  0.0000  48  GLN A HB2  
663 H  HB3  . GLN A 48 ? 0.1959 0.1959 0.1959 0.0000  0.0000  0.0000  48  GLN A HB3  
664 H  HG2  . GLN A 48 ? 0.2097 0.2097 0.2097 0.0000  0.0000  0.0000  48  GLN A HG2  
665 H  HG3  . GLN A 48 ? 0.2097 0.2097 0.2097 0.0000  0.0000  0.0000  48  GLN A HG3  
666 N  N    . PHE A 49 ? 0.1530 0.1290 0.1140 -0.0307 -0.0151 0.0079  49  PHE A N    
667 C  CA   . PHE A 49 ? 0.1198 0.1391 0.1156 -0.0111 -0.0126 0.0182  49  PHE A CA   
668 C  C    . PHE A 49 ? 0.1421 0.1520 0.1316 -0.0140 -0.0327 -0.0127 49  PHE A C    
669 O  O    . PHE A 49 ? 0.1893 0.2128 0.1635 0.0077  -0.0657 -0.0057 49  PHE A O    
670 C  CB   . PHE A 49 ? 0.1198 0.1368 0.1364 -0.0129 -0.0125 0.0144  49  PHE A CB   
671 C  CG   . PHE A 49 ? 0.1200 0.1237 0.1090 -0.0150 0.0140  0.0176  49  PHE A CG   
672 C  CD1  . PHE A 49 ? 0.1274 0.1532 0.1193 0.0012  0.0017  0.0145  49  PHE A CD1  
673 C  CD2  . PHE A 49 ? 0.1064 0.1356 0.1246 -0.0218 -0.0036 0.0030  49  PHE A CD2  
674 C  CE1  . PHE A 49 ? 0.1534 0.1580 0.1306 -0.0127 0.0200  0.0006  49  PHE A CE1  
675 C  CE2  . PHE A 49 ? 0.1284 0.1489 0.1293 -0.0214 -0.0042 0.0124  49  PHE A CE2  
676 C  CZ   . PHE A 49 ? 0.1177 0.1732 0.1354 -0.0071 0.0000  0.0327  49  PHE A CZ   
677 H  H    . PHE A 49 ? 0.1584 0.1584 0.1584 0.0000  0.0000  0.0000  49  PHE A H    
678 H  HA   . PHE A 49 ? 0.1498 0.1498 0.1498 0.0000  0.0000  0.0000  49  PHE A HA   
679 H  HB2  . PHE A 49 ? 0.1571 0.1571 0.1571 0.0000  0.0000  0.0000  49  PHE A HB2  
680 H  HB3  . PHE A 49 ? 0.1571 0.1571 0.1571 0.0000  0.0000  0.0000  49  PHE A HB3  
681 H  HD1  . PHE A 49 ? 0.1599 0.1599 0.1599 0.0000  0.0000  0.0000  49  PHE A HD1  
682 H  HD2  . PHE A 49 ? 0.1466 0.1466 0.1466 0.0000  0.0000  0.0000  49  PHE A HD2  
683 H  HE1  . PHE A 49 ? 0.1768 0.1768 0.1768 0.0000  0.0000  0.0000  49  PHE A HE1  
684 H  HE2  . PHE A 49 ? 0.1626 0.1626 0.1626 0.0000  0.0000  0.0000  49  PHE A HE2  
685 H  HZ   . PHE A 49 ? 0.1705 0.1705 0.1705 0.0000  0.0000  0.0000  49  PHE A HZ   
686 N  N    . GLU A 50 ? 0.1169 0.1617 0.1481 -0.0119 -0.0263 0.0027  50  GLU A N    
687 C  CA   . GLU A 50 ? 0.1118 0.1682 0.1801 -0.0035 -0.0306 -0.0075 50  GLU A CA   
688 C  C    . GLU A 50 ? 0.0996 0.1777 0.1689 0.0054  -0.0292 -0.0051 50  GLU A C    
689 O  O    . GLU A 50 ? 0.1437 0.1636 0.1750 0.0051  -0.0250 -0.0059 50  GLU A O    
690 C  CB   A GLU A 50 ? 0.1109 0.1871 0.1902 -0.0151 0.0117  0.0243  50  GLU A CB   
691 C  CB   B GLU A 50 ? 0.1353 0.2163 0.2562 -0.0348 -0.0604 -0.0011 50  GLU A CB   
692 C  CG   A GLU A 50 ? 0.1767 0.1711 0.2673 -0.0411 -0.0473 -0.0095 50  GLU A CG   
693 C  CG   B GLU A 50 ? 0.1418 0.2129 0.2395 -0.0273 -0.0077 0.0421  50  GLU A CG   
694 C  CD   A GLU A 50 ? 0.1628 0.3218 0.3726 -0.0584 0.0155  -0.0534 50  GLU A CD   
695 C  CD   B GLU A 50 ? 0.1943 0.2817 0.2704 -0.0688 0.0138  0.0835  50  GLU A CD   
696 O  OE1  A GLU A 50 ? 0.2336 0.2751 0.3322 -0.0722 0.1095  -0.0136 50  GLU A OE1  
697 O  OE1  B GLU A 50 ? 0.1897 0.3297 0.4343 -0.0824 0.0678  -0.1249 50  GLU A OE1  
698 O  OE2  A GLU A 50 ? 0.2014 0.2720 0.4847 -0.0739 -0.0299 -0.1432 50  GLU A OE2  
699 O  OE2  B GLU A 50 ? 0.2934 0.2948 0.2496 -0.0156 0.1115  0.0834  50  GLU A OE2  
700 H  H    . GLU A 50 ? 0.1707 0.1707 0.1707 0.0000  0.0000  0.0000  50  GLU A H    
701 H  HA   . GLU A 50 ? 0.1840 0.1840 0.1840 0.0000  0.0000  0.0000  50  GLU A HA   
702 N  N    . GLU A 51 ? 0.1200 0.1689 0.1610 0.0158  -0.0151 0.0040  51  GLU A N    
703 C  CA   . GLU A 51 ? 0.1204 0.1753 0.1980 0.0187  0.0108  -0.0469 51  GLU A CA   
704 C  C    . GLU A 51 ? 0.1103 0.2117 0.2115 0.0087  -0.0004 -0.0587 51  GLU A C    
705 O  O    . GLU A 51 ? 0.1262 0.3318 0.2390 -0.0192 0.0131  -0.0809 51  GLU A O    
706 C  CB   . GLU A 51 ? 0.1880 0.1632 0.3892 0.0509  -0.0636 -0.0362 51  GLU A CB   
707 C  CG   . GLU A 51 ? 0.2284 0.2255 0.6257 0.0336  0.0061  0.0575  51  GLU A CG   
708 C  CD   . GLU A 51 ? 0.4525 0.1833 0.7641 0.0507  -0.1068 0.0136  51  GLU A CD   
709 O  OE1  . GLU A 51 ? 0.3947 0.3902 0.6492 0.0823  -0.0642 0.1901  51  GLU A OE1  
710 O  OE2  . GLU A 51 ? 0.7058 0.2304 1.0102 -0.0080 -0.3667 0.0767  51  GLU A OE2  
711 H  H    . GLU A 51 ? 0.1799 0.1799 0.1799 0.0000  0.0000  0.0000  51  GLU A H    
712 H  HA   . GLU A 51 ? 0.1975 0.1975 0.1975 0.0000  0.0000  0.0000  51  GLU A HA   
713 H  HB2  . GLU A 51 ? 0.2961 0.2961 0.2961 0.0000  0.0000  0.0000  51  GLU A HB2  
714 H  HB3  . GLU A 51 ? 0.2961 0.2961 0.2961 0.0000  0.0000  0.0000  51  GLU A HB3  
715 H  HG2  . GLU A 51 ? 0.4317 0.4317 0.4317 0.0000  0.0000  0.0000  51  GLU A HG2  
716 H  HG3  . GLU A 51 ? 0.4317 0.4317 0.4317 0.0000  0.0000  0.0000  51  GLU A HG3  
717 N  N    . VAL A 52 ? 0.1264 0.2657 0.2086 0.0295  0.0123  -0.0949 52  VAL A N    
718 C  CA   . VAL A 52 ? 0.1544 0.3397 0.2053 -0.0092 0.0090  -0.1025 52  VAL A CA   
719 C  C    . VAL A 52 ? 0.1856 0.3508 0.2909 0.0525  0.0349  -0.1603 52  VAL A C    
720 O  O    . VAL A 52 ? 0.2469 0.3184 0.4411 0.0409  0.0104  -0.1183 52  VAL A O    
721 C  CB   . VAL A 52 ? 0.2151 0.3359 0.1908 -0.0099 0.0338  -0.0791 52  VAL A CB   
722 C  CG1  . VAL A 52 ? 0.2545 0.5024 0.2144 0.0401  -0.0035 -0.0989 52  VAL A CG1  
723 C  CG2  . VAL A 52 ? 0.2874 0.3332 0.2683 0.0055  0.0623  -0.0342 52  VAL A CG2  
724 H  H    . VAL A 52 ? 0.2403 0.2403 0.2403 0.0000  0.0000  0.0000  52  VAL A H    
725 H  HA   . VAL A 52 ? 0.2797 0.2797 0.2797 0.0000  0.0000  0.0000  52  VAL A HA   
726 H  HB   . VAL A 52 ? 0.2967 0.2967 0.2967 0.0000  0.0000  0.0000  52  VAL A HB   
727 H  HG11 . VAL A 52 ? 0.4857 0.4857 0.4857 0.0000  0.0000  0.0000  52  VAL A HG11 
728 H  HG12 . VAL A 52 ? 0.4857 0.4857 0.4857 0.0000  0.0000  0.0000  52  VAL A HG12 
729 H  HG13 . VAL A 52 ? 0.4857 0.4857 0.4857 0.0000  0.0000  0.0000  52  VAL A HG13 
730 H  HG21 . VAL A 52 ? 0.4444 0.4444 0.4444 0.0000  0.0000  0.0000  52  VAL A HG21 
731 H  HG22 . VAL A 52 ? 0.4444 0.4444 0.4444 0.0000  0.0000  0.0000  52  VAL A HG22 
732 H  HG23 . VAL A 52 ? 0.4444 0.4444 0.4444 0.0000  0.0000  0.0000  52  VAL A HG23 
733 N  N    . GLU A 53 ? 0.1922 0.4442 0.3839 0.0695  0.0361  -0.1628 53  GLU A N    
734 C  CA   . GLU A 53 ? 0.2466 0.4826 0.6222 0.1657  -0.0823 -0.2734 53  GLU A CA   
735 C  C    . GLU A 53 ? 0.5948 0.4664 0.6707 0.2251  -0.1875 -0.3821 53  GLU A C    
736 O  O    . GLU A 53 ? 0.5740 0.8798 0.4819 0.3330  0.0416  -0.2164 53  GLU A O    
737 C  CB   . GLU A 53 ? 0.2572 0.5812 0.6417 0.1705  -0.1227 -0.2233 53  GLU A CB   
738 C  CG   . GLU A 53 ? 0.3599 0.5671 0.6901 0.0896  -0.2122 -0.1729 53  GLU A CG   
739 C  CD   . GLU A 53 ? 0.1879 0.6917 0.5752 0.1356  -0.0008 -0.1630 53  GLU A CD   
740 O  OE1  . GLU A 53 ? 0.6553 0.5725 0.6049 0.1750  -0.1606 -0.0125 53  GLU A OE1  
741 O  OE2  . GLU A 53 ? 0.3038 1.0430 0.4667 0.0425  -0.0287 0.1366  53  GLU A OE2  
742 H  H    . GLU A 53 ? 0.4081 0.4081 0.4081 0.0000  0.0000  0.0000  53  GLU A H    
743 H  HA   . GLU A 53 ? 0.5405 0.5405 0.5405 0.0000  0.0000  0.0000  53  GLU A HA   
744 H  HB2  . GLU A 53 ? 0.5920 0.5920 0.5920 0.0000  0.0000  0.0000  53  GLU A HB2  
745 H  HB3  . GLU A 53 ? 0.5920 0.5920 0.5920 0.0000  0.0000  0.0000  53  GLU A HB3  
746 H  HG2  . GLU A 53 ? 0.6469 0.6469 0.6469 0.0000  0.0000  0.0000  53  GLU A HG2  
747 H  HG3  . GLU A 53 ? 0.6469 0.6469 0.6469 0.0000  0.0000  0.0000  53  GLU A HG3  
748 FE FE   . FE  B .  ? 0.1639 0.1506 0.1278 -0.0018 0.0325  0.0369  55  FE  A FE   
749 O  O    . HOH C .  ? 0.1462 0.2753 0.1931 -0.0176 0.0059  0.0329  56  HOH A O    
750 O  O    . HOH C .  ? 0.2804 0.2052 0.2243 -0.0340 0.0632  -0.0566 57  HOH A O    
751 O  O    . HOH C .  ? 0.2380 0.3126 0.1561 -0.0999 0.0019  0.0381  58  HOH A O    
752 O  O    . HOH C .  ? 0.1792 0.2774 0.3271 0.0032  -0.0158 0.0642  59  HOH A O    
753 O  O    . HOH C .  ? 0.3431 0.3428 0.1904 -0.1507 -0.0753 0.0687  60  HOH A O    
754 O  O    . HOH C .  ? 0.1640 0.3793 0.2282 0.0107  -0.0031 -0.0228 61  HOH A O    
755 O  O    . HOH C .  ? 0.2211 0.3456 0.2224 -0.0513 -0.0126 0.0922  62  HOH A O    
756 O  O    . HOH C .  ? 0.1990 0.2863 0.3824 -0.0836 0.0699  -0.0717 63  HOH A O    
757 O  O    . HOH C .  ? 0.2331 0.3652 0.3065 0.0513  0.0080  -0.0364 64  HOH A O    
758 O  O    . HOH C .  ? 0.3135 0.2478 0.3535 -0.0348 0.0218  0.1113  65  HOH A O    
759 O  O    . HOH C .  ? 0.2949 0.3260 0.3706 0.0219  0.1142  -0.1035 66  HOH A O    
760 O  O    . HOH C .  ? 0.2746 0.3158 0.3577 0.0150  -0.0607 0.0302  67  HOH A O    
761 O  O    . HOH C .  ? 0.4271 0.3896 0.2225 0.0224  -0.0659 0.0381  68  HOH A O    
762 O  O    . HOH C .  ? 0.3345 0.3204 0.4661 0.0076  -0.1431 -0.0216 69  HOH A O    
763 O  O    . HOH C .  ? 0.3288 0.3806 0.3383 0.0257  -0.0401 -0.0436 70  HOH A O    
764 O  O    . HOH C .  ? 0.3987 0.5935 0.2612 -0.2079 -0.1315 0.1458  71  HOH A O    
765 O  O    . HOH C .  ? 0.2488 0.5300 0.2539 -0.1061 0.0162  0.0316  72  HOH A O    
766 O  O    . HOH C .  ? 0.4909 0.3254 0.2581 0.1088  -0.0200 -0.0235 73  HOH A O    
767 O  O    . HOH C .  ? 0.4511 0.3696 0.4220 0.0030  -0.0912 0.1269  74  HOH A O    
768 O  O    . HOH C .  ? 0.3453 0.3186 0.4759 0.0385  -0.0148 0.0577  75  HOH A O    
769 O  O    . HOH C .  ? 0.3765 0.4637 0.3537 0.1647  -0.0133 -0.0390 76  HOH A O    
770 O  O    . HOH C .  ? 0.4485 0.4839 0.2866 -0.1927 0.1326  -0.1102 77  HOH A O    
771 O  O    . HOH C .  ? 0.4889 0.3578 0.3787 -0.1269 -0.0619 0.1226  78  HOH A O    
772 O  O    . HOH C .  ? 0.2361 0.6803 0.3406 -0.1359 0.0248  -0.0117 79  HOH A O    
773 O  O    . HOH C .  ? 0.3906 0.7621 0.2655 0.1257  0.0389  0.0313  80  HOH A O    
774 O  O    . HOH C .  ? 0.4644 0.4519 0.3632 -0.0245 -0.0299 -0.1498 81  HOH A O    
775 O  O    . HOH C .  ? 0.5063 0.5021 0.2906 -0.0313 -0.0610 0.1086  82  HOH A O    
776 O  O    . HOH C .  ? 1.1775 0.8900 0.3959 -0.0663 0.1523  -0.0781 83  HOH A O    
777 O  O    . HOH C .  ? 0.5002 0.4311 0.4180 -0.0403 -0.2030 0.0906  84  HOH A O    
778 O  O    . HOH C .  ? 0.3223 0.4451 0.4820 -0.0154 0.0235  0.0044  85  HOH A O    
779 O  O    . HOH C .  ? 0.4744 0.6356 0.2863 -0.0703 -0.0030 -0.1568 86  HOH A O    
780 O  O    . HOH C .  ? 0.3209 0.6124 0.3515 -0.0974 -0.0372 -0.0256 87  HOH A O    
781 O  O    . HOH C .  ? 0.4222 0.5501 0.3864 0.0489  -0.1661 -0.1780 88  HOH A O    
782 O  O    . HOH C .  ? 0.4459 0.5381 0.5658 0.2410  -0.0802 -0.1632 89  HOH A O    
783 O  O    . HOH C .  ? 0.4893 0.9311 0.3269 0.1488  0.1594  -0.0810 90  HOH A O    
784 O  O    . HOH C .  ? 0.6041 0.7050 0.3026 -0.0857 -0.0235 0.0624  91  HOH A O    
785 O  O    . HOH C .  ? 0.4680 0.5570 0.6612 0.1550  -0.1273 -0.0475 92  HOH A O    
786 O  O    . HOH C .  ? 0.4927 0.5038 0.4262 0.1833  -0.0914 -0.0798 93  HOH A O    
787 O  O    . HOH C .  ? 0.4844 0.7199 0.7296 -0.0959 0.2032  0.2158  94  HOH A O    
788 O  O    . HOH C .  ? 0.3602 0.7531 0.5212 -0.0315 0.0620  0.0829  95  HOH A O    
789 O  O    . HOH C .  ? 0.3720 0.6653 0.4817 -0.0435 0.1126  0.1308  96  HOH A O    
790 O  O    . HOH C .  ? 0.6019 0.6468 0.5994 -0.0730 0.2170  0.1357  97  HOH A O    
791 O  O    . HOH C .  ? 0.4489 0.5702 0.3219 -0.0787 -0.0457 0.0622  98  HOH A O    
792 O  O    . HOH C .  ? 0.5473 0.5275 0.6825 -0.1779 -0.3050 0.3486  99  HOH A O    
793 O  O    . HOH C .  ? 0.6828 0.5121 0.6338 -0.2736 -0.1643 0.0403  100 HOH A O    
794 O  O    . HOH C .  ? 0.5996 0.8995 0.9852 0.1677  0.0496  -0.4813 101 HOH A O    
795 O  O    . HOH C .  ? 0.7107 0.6458 0.3647 -0.2621 -0.2783 -0.0046 102 HOH A O    
796 O  O    . HOH C .  ? 0.6091 1.2377 0.6968 0.2246  0.1743  -0.0221 103 HOH A O    
797 O  O    . HOH C .  ? 0.3758 0.5150 0.8002 0.0211  -0.1756 0.0261  104 HOH A O    
798 O  O    . HOH C .  ? 0.6687 0.5362 0.5959 0.0463  -0.2655 0.0071  105 HOH A O    
799 O  O    . HOH C .  ? 0.8231 0.6093 0.2407 0.0523  -0.0510 -0.0050 106 HOH A O    
800 O  O    . HOH C .  ? 0.7443 0.7339 0.4644 -0.1192 0.1409  0.0921  107 HOH A O    
801 O  O    . HOH C .  ? 0.6647 0.5904 1.0255 -0.1019 0.0726  0.0750  108 HOH A O    
802 O  O    . HOH C .  ? 0.9594 0.9592 0.9594 0.0001  0.0000  0.0000  109 HOH A O    
803 O  O    . HOH C .  ? 0.8172 0.6960 0.4849 -0.3061 -0.1188 -0.0126 110 HOH A O    
804 O  O    . HOH C .  ? 0.9781 0.6300 0.5006 -0.0277 -0.0658 0.1129  111 HOH A O    
805 O  O    . HOH C .  ? 0.8185 0.9494 0.7912 -0.0580 0.0456  0.5911  112 HOH A O    
806 O  O    . HOH C .  ? 0.6346 0.8433 0.9506 0.1205  -0.0929 0.0868  113 HOH A O    
807 O  O    . HOH C .  ? 0.6421 0.6917 0.5725 0.1313  0.1145  0.2185  114 HOH A O    
808 O  O    . HOH C .  ? 0.6996 0.8584 0.6335 0.0401  0.1384  0.1447  115 HOH A O    
809 O  O    . HOH C .  ? 1.0912 0.6660 0.5337 -0.0863 -0.0515 -0.2182 116 HOH A O    
810 O  O    . HOH C .  ? 0.7104 0.8573 0.7259 0.0260  -0.3304 -0.0754 117 HOH A O    
811 O  O    . HOH C .  ? 0.8205 1.2475 0.3207 0.2514  -0.1915 0.0197  118 HOH A O    
812 O  O    . HOH C .  ? 0.8124 1.0238 0.7684 0.2665  -0.0203 -0.2453 119 HOH A O    
813 O  O    . HOH C .  ? 1.1436 0.5058 0.9470 0.2065  -0.2283 -0.3959 120 HOH A O    
814 O  O    . HOH C .  ? 0.5939 0.4756 0.8069 -0.1701 -0.0163 -0.1591 121 HOH A O    
815 O  O    . HOH C .  ? 0.2694 0.9916 0.7138 0.0939  -0.0802 0.0438  122 HOH A O    
816 O  O    . HOH C .  ? 0.7051 0.6390 0.8293 0.0186  0.0786  -0.2506 123 HOH A O    
817 O  O    . HOH C .  ? 1.1649 0.8410 1.0506 -0.3133 -0.1821 0.2229  124 HOH A O    
818 O  O    . HOH C .  ? 1.5073 0.6345 1.1567 -0.1768 -0.2355 0.5493  125 HOH A O    
819 O  O    . HOH C .  ? 0.4869 0.5792 0.5369 0.2123  -0.1636 -0.2461 126 HOH A O    
820 O  O    . HOH C .  ? 0.6313 0.7847 0.5344 0.0526  -0.0959 0.0565  127 HOH A O    
821 O  O    . HOH C .  ? 0.7317 0.6503 0.9837 -0.1722 -0.0300 0.0651  128 HOH A O    
822 O  O    . HOH C .  ? 0.7150 0.7709 0.7781 0.1568  0.0539  0.0430  129 HOH A O    
823 O  O    . HOH C .  ? 1.0497 0.6810 0.9757 -0.0500 -0.0539 0.1502  130 HOH A O    
824 O  O    . HOH C .  ? 0.4232 0.5487 1.3109 -0.1468 0.1415  0.0445  131 HOH A O    
825 O  O    . HOH C .  ? 0.6553 1.1304 0.6130 0.4103  -0.0645 0.0426  132 HOH A O    
826 O  O    . HOH C .  ? 0.6744 0.6569 0.9011 0.1052  -0.0532 -0.1403 133 HOH A O    
827 O  O    . HOH C .  ? 0.9590 0.7310 0.9305 0.1562  0.0945  -0.1991 134 HOH A O    
828 O  O    . HOH C .  ? 1.2443 0.7615 1.0913 -0.1264 -0.3257 0.4149  135 HOH A O    
829 O  O    . HOH C .  ? 0.8567 0.5628 0.5703 -0.1071 0.1648  -0.1165 136 HOH A O    
830 O  O    . HOH C .  ? 0.7851 0.7665 1.0632 0.2421  -0.1781 0.1191  137 HOH A O    
831 O  O    . HOH C .  ? 0.9515 0.6741 0.8731 0.0090  -0.1127 0.3777  138 HOH A O    
832 O  O    . HOH C .  ? 0.3579 0.9980 1.2282 0.1569  0.1189  -0.1164 139 HOH A O    
833 O  O    . HOH C .  ? 0.9108 0.6954 1.0307 0.0779  -0.1049 0.1992  140 HOH A O    
834 O  O    . HOH C .  ? 1.4147 0.5760 1.2507 -0.0044 -0.3674 0.2126  141 HOH A O    
835 O  O    . HOH C .  ? 0.5160 0.8751 0.9147 -0.0633 -0.2240 -0.0293 142 HOH A O    
836 O  O    . HOH C .  ? 0.8185 0.8290 0.8171 0.0349  -0.0677 0.0813  143 HOH A O    
837 O  O    . HOH C .  ? 0.7419 0.8649 0.9102 0.1990  0.0139  -0.2253 144 HOH A O    
838 O  O    . HOH C .  ? 1.3000 0.9602 1.1660 -0.3169 -0.0079 0.1334  145 HOH A O    
839 O  O    . HOH C .  ? 0.5673 0.8998 0.8889 0.1774  -0.0050 -0.0337 146 HOH A O    
840 O  O    . HOH C .  ? 0.3499 0.7290 0.6071 0.2545  -0.0436 -0.0094 147 HOH A O    
841 O  O    . HOH C .  ? 1.1422 0.8138 0.8599 -0.0858 -0.2276 0.1280  148 HOH A O    
842 O  O    . HOH C .  ? 0.6911 0.4529 0.7380 -0.1169 0.0693  -0.1453 149 HOH A O    
843 O  O    . HOH C .  ? 1.2122 0.6778 0.7830 -0.0644 0.0725  -0.1744 150 HOH A O    
844 O  O    . HOH C .  ? 0.8907 0.6779 0.8739 0.2050  0.1357  -0.1688 151 HOH A O    
845 O  O    . HOH C .  ? 1.0700 1.2897 0.7192 0.2302  0.1933  -0.2038 152 HOH A O    
846 O  O    . HOH C .  ? 0.8737 0.8907 1.0650 0.0329  -0.3636 -0.1871 153 HOH A O    
847 O  O    . HOH C .  ? 1.0804 0.6671 1.0389 0.0678  -0.3856 0.0051  154 HOH A O    
848 O  O    . HOH C .  ? 0.9868 0.7999 0.8332 -0.0150 -0.0166 0.0923  155 HOH A O    
849 O  O    . HOH C .  ? 1.0730 0.6196 0.5943 0.2185  -0.4058 -0.0777 156 HOH A O    
850 O  O    . HOH C .  ? 0.8810 0.8057 0.8383 -0.0409 0.0517  0.0692  157 HOH A O    
851 O  O    . HOH C .  ? 0.7949 0.6701 0.9396 -0.1019 0.0535  -0.1237 158 HOH A O    
852 O  O    . HOH C .  ? 0.5327 1.0955 0.4362 -0.1397 0.1068  0.2870  159 HOH A O    
853 O  O    . HOH C .  ? 0.9178 0.7413 0.8322 0.1890  -0.3376 -0.0944 160 HOH A O    
854 O  O    . HOH C .  ? 0.4875 0.7305 0.7608 -0.0822 0.1677  -0.3287 161 HOH A O    
855 O  O    . HOH C .  ? 0.6365 0.4967 0.5166 0.0245  -0.1119 0.1189  162 HOH A O    
856 O  O    . HOH C .  ? 0.8193 0.5067 0.8350 -0.0360 -0.2680 0.3601  163 HOH A O    
857 O  O    . HOH C .  ? 1.1364 0.7924 0.4417 0.0372  -0.0230 -0.2257 164 HOH A O    
858 O  O    . HOH C .  ? 0.5868 0.6167 0.6817 0.0911  0.0423  0.0041  165 HOH A O    
# 
